data_4JIB
#
_entry.id   4JIB
#
_cell.length_a   55.880
_cell.length_b   74.132
_cell.length_c   91.802
_cell.angle_alpha   109.670
_cell.angle_beta   88.720
_cell.angle_gamma   88.970
#
_symmetry.space_group_name_H-M   'P 1'
#
loop_
_entity.id
_entity.type
_entity.pdbx_description
1 polymer "cGMP-dependent 3',5'-cyclic phosphodiesterase"
2 non-polymer 'ZINC ION'
3 non-polymer 'MAGNESIUM ION'
4 non-polymer 1-(2-hydroxyethyl)-3-(2-methylbutan-2-yl)-5-[4-(2-methyl-1H-imidazol-1-yl)phenyl]-6,7-dihydropyrazolo[4,3-e][1,4]diazepin-8(1H)-one
5 water water
#
_entity_poly.entity_id   1
_entity_poly.type   'polypeptide(L)'
_entity_poly.pdbx_seq_one_letter_code
;GSAMDDEYTKLLHDGIQPVAAIDSNFASFTYTPRSLPEDDTSMAILSMLQDMNFINNYKIDCPTLARFCLMVKKGYRDPP
YHNWMHAFSVSHFCYLLYKNLELTNYLEDIEIFALFISCMCHDLDHRGTNNSFQVASKSVLAALYSSEGSVMERHHFAQA
IAILNTHGCNIFDHFSRKDYQRMLDLMRDIILATDLAHHLRIFKDLQKMAEVGYDRNNKQHHRLLLCLLMTSCDLSDQTK
GWKTTRKIAELIYKEFFSQGDLEKAMGNRPMEMMDREKAYIPELQISFMEHIAMPIYKLLQDLFPKAAELYERVASNREH
WTKVSHKFTIRGLPSNNSLDFLDEE
;
_entity_poly.pdbx_strand_id   A,B,C,D
#
loop_
_chem_comp.id
_chem_comp.type
_chem_comp.name
_chem_comp.formula
1L6 non-polymer 1-(2-hydroxyethyl)-3-(2-methylbutan-2-yl)-5-[4-(2-methyl-1H-imidazol-1-yl)phenyl]-6,7-dihydropyrazolo[4,3-e][1,4]diazepin-8(1H)-one 'C23 H28 N6 O2'
MG non-polymer 'MAGNESIUM ION' 'Mg 2'
ZN non-polymer 'ZINC ION' 'Zn 2'
#
# COMPACT_ATOMS: atom_id res chain seq x y z
N ALA A 3 -2.54 -6.28 -23.88
CA ALA A 3 -2.06 -7.56 -24.48
C ALA A 3 -3.06 -8.68 -24.25
N MET A 4 -3.60 -8.73 -23.01
CA MET A 4 -4.69 -9.64 -22.72
C MET A 4 -5.92 -9.22 -23.52
N ASP A 5 -6.12 -7.91 -23.65
CA ASP A 5 -7.21 -7.39 -24.48
C ASP A 5 -7.18 -7.96 -25.90
N ASP A 6 -6.01 -7.92 -26.56
CA ASP A 6 -5.89 -8.39 -27.95
C ASP A 6 -6.02 -9.91 -28.03
N GLU A 7 -5.47 -10.61 -27.04
CA GLU A 7 -5.63 -12.07 -26.96
C GLU A 7 -7.09 -12.47 -26.91
N TYR A 8 -7.81 -11.78 -26.02
CA TYR A 8 -9.24 -12.00 -25.83
C TYR A 8 -9.99 -11.76 -27.13
N THR A 9 -9.68 -10.62 -27.77
CA THR A 9 -10.36 -10.28 -29.04
C THR A 9 -10.28 -11.42 -30.08
N LYS A 10 -9.08 -11.98 -30.26
CA LYS A 10 -8.87 -13.08 -31.19
C LYS A 10 -9.59 -14.35 -30.73
N LEU A 11 -9.51 -14.66 -29.44
CA LEU A 11 -10.17 -15.87 -28.92
C LEU A 11 -11.67 -15.83 -29.20
N LEU A 12 -12.25 -14.64 -29.08
CA LEU A 12 -13.70 -14.49 -29.17
C LEU A 12 -14.16 -14.37 -30.62
N HIS A 13 -13.46 -13.60 -31.43
CA HIS A 13 -13.96 -13.28 -32.77
C HIS A 13 -13.46 -14.20 -33.88
N ASP A 14 -12.33 -14.86 -33.67
CA ASP A 14 -11.71 -15.74 -34.69
C ASP A 14 -12.40 -17.10 -34.97
N GLY A 15 -13.13 -17.60 -33.98
CA GLY A 15 -13.66 -18.97 -34.00
C GLY A 15 -12.75 -19.97 -33.25
N ILE A 16 -13.35 -21.04 -32.76
CA ILE A 16 -12.61 -22.06 -32.02
C ILE A 16 -11.93 -23.07 -32.96
N GLN A 17 -10.59 -23.15 -32.93
CA GLN A 17 -9.88 -24.09 -33.77
C GLN A 17 -10.38 -25.54 -33.54
N PRO A 18 -10.65 -26.29 -34.64
CA PRO A 18 -10.94 -27.72 -34.49
C PRO A 18 -9.79 -28.42 -33.76
N VAL A 19 -10.16 -29.32 -32.85
CA VAL A 19 -9.18 -30.01 -32.01
C VAL A 19 -8.16 -30.78 -32.89
N ALA A 20 -8.64 -31.29 -34.04
CA ALA A 20 -7.79 -32.04 -34.95
C ALA A 20 -6.72 -31.20 -35.62
N ALA A 21 -6.90 -29.87 -35.66
CA ALA A 21 -5.92 -28.96 -36.27
C ALA A 21 -4.77 -28.58 -35.33
N ILE A 22 -4.86 -29.03 -34.08
CA ILE A 22 -3.84 -28.71 -33.10
C ILE A 22 -2.67 -29.61 -33.38
N ASP A 23 -2.96 -30.91 -33.50
CA ASP A 23 -1.99 -31.95 -33.77
C ASP A 23 -2.71 -33.25 -34.13
N SER A 24 -2.17 -33.99 -35.10
CA SER A 24 -2.82 -35.22 -35.56
C SER A 24 -2.99 -36.28 -34.45
N ASN A 25 -2.08 -36.25 -33.47
CA ASN A 25 -2.03 -37.22 -32.37
C ASN A 25 -2.58 -36.63 -31.06
N PHE A 26 -3.25 -35.47 -31.15
CA PHE A 26 -3.70 -34.68 -29.95
C PHE A 26 -4.53 -35.47 -28.94
N ALA A 27 -5.31 -36.45 -29.40
CA ALA A 27 -6.20 -37.22 -28.51
C ALA A 27 -5.64 -38.59 -28.11
N SER A 28 -4.34 -38.78 -28.35
CA SER A 28 -3.65 -40.02 -27.97
C SER A 28 -2.83 -39.89 -26.71
N PHE A 29 -2.87 -40.92 -25.89
CA PHE A 29 -2.01 -41.04 -24.73
C PHE A 29 -0.51 -40.83 -25.01
N THR A 30 -0.08 -41.05 -26.25
CA THR A 30 1.32 -40.79 -26.63
C THR A 30 1.66 -39.31 -26.81
N TYR A 31 0.65 -38.49 -27.07
CA TYR A 31 0.87 -37.07 -27.30
C TYR A 31 1.43 -36.37 -26.05
N THR A 32 2.41 -35.50 -26.27
CA THR A 32 3.04 -34.69 -25.20
C THR A 32 2.57 -33.23 -25.29
N PRO A 33 1.58 -32.84 -24.45
CA PRO A 33 1.01 -31.49 -24.54
C PRO A 33 2.04 -30.36 -24.34
N ARG A 34 3.12 -30.66 -23.62
CA ARG A 34 4.16 -29.66 -23.47
C ARG A 34 4.84 -29.23 -24.78
N SER A 35 4.64 -30.01 -25.85
CA SER A 35 5.11 -29.65 -27.20
C SER A 35 4.35 -28.46 -27.81
N LEU A 36 3.15 -28.17 -27.29
CA LEU A 36 2.38 -27.03 -27.80
C LEU A 36 2.94 -25.70 -27.33
N PRO A 37 3.22 -24.76 -28.27
CA PRO A 37 3.63 -23.41 -27.83
C PRO A 37 2.67 -22.79 -26.84
N GLU A 38 3.20 -22.17 -25.79
CA GLU A 38 2.36 -21.62 -24.73
C GLU A 38 1.33 -20.65 -25.30
N ASP A 39 1.72 -19.90 -26.33
CA ASP A 39 0.81 -18.93 -26.95
C ASP A 39 -0.44 -19.56 -27.60
N ASP A 40 -0.42 -20.87 -27.85
CA ASP A 40 -1.53 -21.58 -28.50
C ASP A 40 -2.46 -22.28 -27.49
N THR A 41 -2.10 -22.21 -26.20
CA THR A 41 -2.72 -23.09 -25.21
C THR A 41 -4.13 -22.67 -24.82
N SER A 42 -4.39 -21.36 -24.71
CA SER A 42 -5.75 -20.91 -24.33
C SER A 42 -6.74 -21.33 -25.42
N MET A 43 -6.34 -21.21 -26.68
CA MET A 43 -7.24 -21.70 -27.76
C MET A 43 -7.43 -23.20 -27.68
N ALA A 44 -6.37 -23.92 -27.36
CA ALA A 44 -6.46 -25.36 -27.21
C ALA A 44 -7.42 -25.78 -26.07
N ILE A 45 -7.44 -25.05 -24.96
CA ILE A 45 -8.45 -25.27 -23.88
C ILE A 45 -9.87 -25.13 -24.48
N LEU A 46 -10.10 -24.04 -25.21
CA LEU A 46 -11.43 -23.85 -25.86
C LEU A 46 -11.76 -25.02 -26.82
N SER A 47 -10.78 -25.48 -27.60
CA SER A 47 -10.98 -26.61 -28.49
C SER A 47 -11.39 -27.90 -27.75
N MET A 48 -10.77 -28.17 -26.60
CA MET A 48 -11.05 -29.38 -25.86
C MET A 48 -12.46 -29.24 -25.27
N LEU A 49 -12.79 -28.07 -24.72
CA LEU A 49 -14.11 -27.84 -24.09
C LEU A 49 -15.21 -28.03 -25.13
N GLN A 50 -14.96 -27.47 -26.32
CA GLN A 50 -15.84 -27.67 -27.49
C GLN A 50 -15.96 -29.15 -27.85
N ASP A 51 -14.83 -29.83 -28.00
CA ASP A 51 -14.85 -31.25 -28.37
C ASP A 51 -15.55 -32.17 -27.37
N MET A 52 -15.47 -31.84 -26.07
CA MET A 52 -16.19 -32.59 -25.04
C MET A 52 -17.67 -32.15 -24.91
N ASN A 53 -18.05 -31.21 -25.77
CA ASN A 53 -19.43 -30.67 -25.86
C ASN A 53 -19.87 -29.79 -24.70
N PHE A 54 -18.92 -29.35 -23.86
CA PHE A 54 -19.28 -28.62 -22.65
C PHE A 54 -19.81 -27.23 -22.90
N ILE A 55 -19.31 -26.59 -23.95
CA ILE A 55 -19.72 -25.23 -24.28
C ILE A 55 -21.20 -25.26 -24.67
N ASN A 56 -21.59 -26.17 -25.54
CA ASN A 56 -23.02 -26.22 -25.87
C ASN A 56 -23.88 -26.84 -24.76
N ASN A 57 -23.41 -27.91 -24.13
CA ASN A 57 -24.25 -28.60 -23.14
C ASN A 57 -24.63 -27.67 -22.02
N TYR A 58 -23.68 -26.85 -21.59
CA TYR A 58 -23.86 -25.96 -20.46
C TYR A 58 -24.12 -24.51 -20.87
N LYS A 59 -24.29 -24.28 -22.18
CA LYS A 59 -24.61 -22.97 -22.76
C LYS A 59 -23.70 -21.90 -22.15
N ILE A 60 -22.41 -22.21 -22.15
CA ILE A 60 -21.41 -21.32 -21.60
C ILE A 60 -21.30 -20.16 -22.59
N ASP A 61 -21.36 -18.96 -22.03
CA ASP A 61 -21.23 -17.70 -22.77
C ASP A 61 -19.81 -17.56 -23.34
N CYS A 62 -19.68 -17.32 -24.65
CA CYS A 62 -18.32 -17.29 -25.29
C CYS A 62 -17.37 -16.19 -24.78
N PRO A 63 -17.84 -14.92 -24.75
CA PRO A 63 -17.04 -13.86 -24.12
C PRO A 63 -16.62 -14.22 -22.67
N THR A 64 -17.55 -14.74 -21.86
CA THR A 64 -17.20 -15.11 -20.47
C THR A 64 -16.11 -16.18 -20.42
N LEU A 65 -16.29 -17.20 -21.26
CA LEU A 65 -15.34 -18.33 -21.31
C LEU A 65 -13.98 -17.90 -21.75
N ALA A 66 -13.91 -17.04 -22.76
CA ALA A 66 -12.64 -16.49 -23.22
C ALA A 66 -11.95 -15.70 -22.10
N ARG A 67 -12.69 -14.82 -21.42
CA ARG A 67 -12.10 -14.11 -20.28
C ARG A 67 -11.61 -15.07 -19.20
N PHE A 68 -12.42 -16.07 -18.89
CA PHE A 68 -12.07 -17.00 -17.80
C PHE A 68 -10.77 -17.75 -18.11
N CYS A 69 -10.67 -18.25 -19.34
CA CYS A 69 -9.47 -19.00 -19.74
C CYS A 69 -8.22 -18.09 -19.62
N LEU A 70 -8.30 -16.85 -20.10
CA LEU A 70 -7.16 -15.96 -20.00
C LEU A 70 -6.81 -15.61 -18.56
N MET A 71 -7.83 -15.42 -17.73
CA MET A 71 -7.63 -15.10 -16.32
C MET A 71 -6.98 -16.26 -15.55
N VAL A 72 -7.40 -17.47 -15.89
CA VAL A 72 -6.79 -18.65 -15.23
C VAL A 72 -5.31 -18.71 -15.60
N LYS A 73 -5.02 -18.61 -16.89
CA LYS A 73 -3.63 -18.53 -17.35
C LYS A 73 -2.83 -17.45 -16.62
N LYS A 74 -3.41 -16.24 -16.51
CA LYS A 74 -2.78 -15.07 -15.85
C LYS A 74 -2.55 -15.33 -14.36
N GLY A 75 -3.29 -16.30 -13.82
CA GLY A 75 -3.27 -16.60 -12.37
C GLY A 75 -2.14 -17.56 -11.93
N TYR A 76 -1.37 -18.03 -12.91
CA TYR A 76 -0.16 -18.82 -12.67
C TYR A 76 1.09 -17.96 -12.72
N ARG A 77 1.98 -18.17 -11.75
CA ARG A 77 3.30 -17.60 -11.76
C ARG A 77 4.24 -18.48 -12.60
N ASP A 78 5.54 -18.19 -12.56
CA ASP A 78 6.45 -18.91 -13.41
C ASP A 78 7.57 -19.62 -12.67
N PRO A 79 7.24 -20.46 -11.66
CA PRO A 79 8.31 -21.28 -11.11
C PRO A 79 8.65 -22.36 -12.12
N PRO A 80 9.74 -23.09 -11.90
CA PRO A 80 10.13 -24.07 -12.94
C PRO A 80 9.09 -25.14 -13.32
N TYR A 81 8.37 -25.68 -12.33
CA TYR A 81 7.35 -26.70 -12.59
C TYR A 81 5.89 -26.18 -12.46
N HIS A 82 5.56 -25.55 -11.35
CA HIS A 82 4.15 -25.21 -11.05
C HIS A 82 3.66 -23.96 -11.75
N ASN A 83 3.65 -24.00 -13.08
CA ASN A 83 3.30 -22.85 -13.90
C ASN A 83 2.15 -23.24 -14.80
N TRP A 84 1.77 -22.33 -15.69
CA TRP A 84 0.57 -22.56 -16.56
C TRP A 84 0.75 -23.81 -17.44
N MET A 85 1.95 -24.05 -17.96
CA MET A 85 2.16 -25.27 -18.76
C MET A 85 1.89 -26.57 -17.98
N HIS A 86 2.17 -26.59 -16.68
CA HIS A 86 1.76 -27.74 -15.86
C HIS A 86 0.23 -27.84 -15.87
N ALA A 87 -0.46 -26.73 -15.58
CA ALA A 87 -1.94 -26.73 -15.55
C ALA A 87 -2.51 -27.16 -16.91
N PHE A 88 -1.91 -26.63 -17.98
CA PHE A 88 -2.35 -26.99 -19.32
C PHE A 88 -2.17 -28.50 -19.56
N SER A 89 -0.99 -29.03 -19.22
CA SER A 89 -0.75 -30.47 -19.45
C SER A 89 -1.64 -31.38 -18.61
N VAL A 90 -1.94 -30.95 -17.39
CA VAL A 90 -2.87 -31.70 -16.52
C VAL A 90 -4.29 -31.71 -17.12
N SER A 91 -4.72 -30.55 -17.61
CA SER A 91 -6.05 -30.41 -18.23
C SER A 91 -6.11 -31.26 -19.50
N HIS A 92 -5.03 -31.25 -20.26
CA HIS A 92 -4.96 -32.10 -21.49
C HIS A 92 -5.11 -33.57 -21.15
N PHE A 93 -4.50 -34.02 -20.05
CA PHE A 93 -4.64 -35.42 -19.66
C PHE A 93 -6.09 -35.76 -19.26
N CYS A 94 -6.76 -34.83 -18.60
CA CYS A 94 -8.20 -34.99 -18.32
C CYS A 94 -8.96 -35.24 -19.63
N TYR A 95 -8.70 -34.42 -20.63
CA TYR A 95 -9.28 -34.59 -21.97
C TYR A 95 -8.98 -35.98 -22.54
N LEU A 96 -7.74 -36.42 -22.42
CA LEU A 96 -7.35 -37.78 -22.88
C LEU A 96 -8.17 -38.86 -22.20
N LEU A 97 -8.39 -38.72 -20.90
CA LEU A 97 -9.15 -39.73 -20.15
C LEU A 97 -10.58 -39.76 -20.68
N TYR A 98 -11.15 -38.60 -20.91
CA TYR A 98 -12.47 -38.46 -21.52
C TYR A 98 -12.50 -39.11 -22.92
N LYS A 99 -11.49 -38.84 -23.73
CA LYS A 99 -11.49 -39.34 -25.13
C LYS A 99 -11.27 -40.84 -25.24
N ASN A 100 -10.48 -41.38 -24.30
CA ASN A 100 -9.98 -42.76 -24.37
C ASN A 100 -10.60 -43.76 -23.38
N LEU A 101 -11.19 -43.28 -22.28
CA LEU A 101 -11.65 -44.21 -21.23
C LEU A 101 -13.16 -44.28 -20.96
N GLU A 102 -13.96 -43.66 -21.81
CA GLU A 102 -15.44 -43.76 -21.68
C GLU A 102 -15.95 -43.35 -20.26
N LEU A 103 -15.58 -42.15 -19.86
CA LEU A 103 -15.84 -41.64 -18.51
C LEU A 103 -17.32 -41.48 -18.27
N THR A 104 -18.08 -41.34 -19.35
CA THR A 104 -19.52 -41.16 -19.26
C THR A 104 -20.23 -42.42 -18.78
N ASN A 105 -19.52 -43.55 -18.79
CA ASN A 105 -20.04 -44.78 -18.17
C ASN A 105 -19.86 -44.86 -16.66
N TYR A 106 -19.18 -43.88 -16.08
CA TYR A 106 -18.79 -43.92 -14.67
C TYR A 106 -19.25 -42.69 -13.91
N LEU A 107 -19.16 -41.53 -14.55
CA LEU A 107 -19.39 -40.23 -13.94
C LEU A 107 -20.47 -39.43 -14.63
N GLU A 108 -21.08 -38.53 -13.88
CA GLU A 108 -22.09 -37.61 -14.35
C GLU A 108 -21.39 -36.59 -15.23
N ASP A 109 -22.12 -36.05 -16.20
CA ASP A 109 -21.56 -34.98 -17.05
C ASP A 109 -20.97 -33.82 -16.24
N ILE A 110 -21.71 -33.38 -15.22
CA ILE A 110 -21.30 -32.22 -14.44
C ILE A 110 -20.00 -32.53 -13.69
N GLU A 111 -19.84 -33.80 -13.30
CA GLU A 111 -18.60 -34.25 -12.63
C GLU A 111 -17.38 -34.19 -13.57
N ILE A 112 -17.56 -34.63 -14.81
CA ILE A 112 -16.45 -34.64 -15.79
C ILE A 112 -16.10 -33.18 -16.12
N PHE A 113 -17.13 -32.34 -16.20
CA PHE A 113 -16.93 -30.91 -16.41
C PHE A 113 -16.12 -30.31 -15.27
N ALA A 114 -16.57 -30.60 -14.04
CA ALA A 114 -15.87 -30.12 -12.84
C ALA A 114 -14.42 -30.58 -12.83
N LEU A 115 -14.16 -31.83 -13.24
CA LEU A 115 -12.78 -32.34 -13.21
C LEU A 115 -11.93 -31.49 -14.13
N PHE A 116 -12.43 -31.21 -15.32
CA PHE A 116 -11.62 -30.46 -16.29
C PHE A 116 -11.34 -29.04 -15.82
N ILE A 117 -12.37 -28.35 -15.35
CA ILE A 117 -12.19 -27.01 -14.84
C ILE A 117 -11.23 -27.02 -13.63
N SER A 118 -11.39 -27.98 -12.74
CA SER A 118 -10.47 -28.13 -11.61
C SER A 118 -9.03 -28.33 -12.08
N CYS A 119 -8.81 -29.23 -13.05
CA CYS A 119 -7.47 -29.39 -13.65
C CYS A 119 -6.89 -28.04 -14.04
N MET A 120 -7.63 -27.20 -14.74
CA MET A 120 -7.09 -25.90 -15.19
C MET A 120 -6.68 -25.05 -13.98
N CYS A 121 -7.45 -25.13 -12.90
CA CYS A 121 -7.31 -24.21 -11.76
C CYS A 121 -6.46 -24.75 -10.60
N HIS A 122 -6.04 -26.02 -10.69
CA HIS A 122 -5.69 -26.74 -9.47
C HIS A 122 -4.39 -26.29 -8.75
N ASP A 123 -3.51 -25.54 -9.45
CA ASP A 123 -2.28 -25.01 -8.83
C ASP A 123 -2.23 -23.49 -8.94
N LEU A 124 -3.41 -22.84 -9.02
CA LEU A 124 -3.43 -21.36 -9.22
C LEU A 124 -2.54 -20.62 -8.19
N ASP A 125 -1.71 -19.68 -8.68
CA ASP A 125 -0.90 -18.82 -7.82
C ASP A 125 0.15 -19.57 -6.97
N HIS A 126 0.61 -20.72 -7.46
CA HIS A 126 1.65 -21.49 -6.79
C HIS A 126 2.96 -20.66 -6.78
N ARG A 127 3.64 -20.66 -5.63
CA ARG A 127 4.84 -19.83 -5.43
C ARG A 127 6.09 -20.69 -5.40
N GLY A 128 5.98 -21.94 -5.87
CA GLY A 128 7.12 -22.88 -6.02
C GLY A 128 7.58 -23.48 -4.68
N THR A 129 6.73 -23.39 -3.66
CA THR A 129 7.01 -23.96 -2.34
C THR A 129 5.82 -24.76 -1.85
N ASN A 130 6.12 -25.75 -1.01
CA ASN A 130 5.09 -26.70 -0.58
C ASN A 130 4.39 -26.30 0.72
N ASN A 131 3.49 -27.15 1.18
CA ASN A 131 2.70 -26.87 2.38
C ASN A 131 3.60 -26.73 3.62
N SER A 132 4.57 -27.62 3.76
CA SER A 132 5.47 -27.52 4.92
C SER A 132 6.15 -26.16 4.99
N PHE A 133 6.56 -25.64 3.84
CA PHE A 133 7.21 -24.34 3.79
C PHE A 133 6.29 -23.18 4.19
N GLN A 134 5.02 -23.24 3.79
CA GLN A 134 4.06 -22.22 4.21
C GLN A 134 4.00 -22.18 5.74
N VAL A 135 3.94 -23.36 6.35
CA VAL A 135 3.81 -23.45 7.80
C VAL A 135 5.11 -22.96 8.50
N ALA A 136 6.26 -23.45 8.04
CA ALA A 136 7.55 -23.10 8.64
C ALA A 136 7.92 -21.63 8.47
N SER A 137 7.58 -21.05 7.32
CA SER A 137 7.90 -19.67 7.00
C SER A 137 6.84 -18.69 7.56
N LYS A 138 5.82 -19.24 8.22
CA LYS A 138 4.69 -18.43 8.76
C LYS A 138 4.14 -17.48 7.68
N SER A 139 3.87 -18.04 6.50
CA SER A 139 3.34 -17.29 5.38
C SER A 139 1.89 -16.83 5.63
N VAL A 140 1.44 -15.89 4.81
CA VAL A 140 0.05 -15.46 4.85
C VAL A 140 -0.90 -16.61 4.61
N LEU A 141 -0.58 -17.48 3.64
CA LEU A 141 -1.45 -18.62 3.35
C LEU A 141 -1.58 -19.56 4.55
N ALA A 142 -0.49 -19.80 5.29
CA ALA A 142 -0.59 -20.58 6.54
C ALA A 142 -1.45 -19.85 7.60
N ALA A 143 -1.34 -18.53 7.70
CA ALA A 143 -2.21 -17.75 8.60
C ALA A 143 -3.68 -18.06 8.31
N LEU A 144 -4.01 -18.06 7.02
CA LEU A 144 -5.38 -18.34 6.60
C LEU A 144 -5.82 -19.79 6.82
N TYR A 145 -4.96 -20.75 6.44
CA TYR A 145 -5.39 -22.15 6.26
C TYR A 145 -4.70 -23.27 7.04
N SER A 146 -3.62 -22.97 7.77
CA SER A 146 -2.88 -24.04 8.48
C SER A 146 -3.75 -24.89 9.42
N SER A 147 -4.74 -24.30 10.07
CA SER A 147 -5.61 -25.04 10.99
C SER A 147 -6.47 -26.11 10.31
N GLU A 148 -6.69 -25.94 9.02
CA GLU A 148 -7.47 -26.88 8.22
C GLU A 148 -6.57 -27.87 7.48
N GLY A 149 -5.34 -27.48 7.22
CA GLY A 149 -4.40 -28.31 6.43
C GLY A 149 -4.59 -28.10 4.93
N SER A 150 -3.81 -28.80 4.10
CA SER A 150 -3.80 -28.57 2.66
C SER A 150 -3.74 -27.07 2.34
N VAL A 151 -2.75 -26.39 2.88
CA VAL A 151 -2.68 -24.92 2.75
C VAL A 151 -2.71 -24.45 1.30
N MET A 152 -1.79 -24.97 0.48
CA MET A 152 -1.69 -24.49 -0.90
C MET A 152 -2.97 -24.82 -1.67
N GLU A 153 -3.49 -26.02 -1.45
CA GLU A 153 -4.68 -26.47 -2.18
C GLU A 153 -5.90 -25.63 -1.85
N ARG A 154 -6.00 -25.21 -0.59
CA ARG A 154 -7.08 -24.29 -0.20
C ARG A 154 -6.92 -22.94 -0.91
N HIS A 155 -5.69 -22.47 -0.99
CA HIS A 155 -5.39 -21.25 -1.73
C HIS A 155 -5.76 -21.37 -3.20
N HIS A 156 -5.39 -22.48 -3.84
CA HIS A 156 -5.67 -22.65 -5.26
C HIS A 156 -7.17 -22.61 -5.50
N PHE A 157 -7.91 -23.29 -4.62
CA PHE A 157 -9.37 -23.27 -4.68
C PHE A 157 -9.94 -21.84 -4.50
N ALA A 158 -9.46 -21.13 -3.47
CA ALA A 158 -9.85 -19.75 -3.21
C ALA A 158 -9.58 -18.85 -4.44
N GLN A 159 -8.46 -19.10 -5.10
CA GLN A 159 -8.10 -18.30 -6.29
C GLN A 159 -9.06 -18.59 -7.44
N ALA A 160 -9.47 -19.85 -7.56
CA ALA A 160 -10.43 -20.24 -8.60
C ALA A 160 -11.74 -19.49 -8.35
N ILE A 161 -12.17 -19.43 -7.10
CA ILE A 161 -13.45 -18.79 -6.76
C ILE A 161 -13.34 -17.28 -7.03
N ALA A 162 -12.18 -16.71 -6.75
CA ALA A 162 -11.93 -15.29 -6.92
C ALA A 162 -11.99 -14.92 -8.42
N ILE A 163 -11.52 -15.84 -9.28
CA ILE A 163 -11.67 -15.64 -10.73
C ILE A 163 -13.13 -15.67 -11.14
N LEU A 164 -13.85 -16.71 -10.74
CA LEU A 164 -15.30 -16.79 -10.99
C LEU A 164 -16.06 -15.55 -10.48
N ASN A 165 -15.60 -14.96 -9.38
CA ASN A 165 -16.25 -13.77 -8.79
C ASN A 165 -15.81 -12.46 -9.39
N THR A 166 -14.97 -12.55 -10.41
CA THR A 166 -14.51 -11.38 -11.15
C THR A 166 -15.51 -11.08 -12.25
N HIS A 167 -15.91 -9.80 -12.36
CA HIS A 167 -16.95 -9.42 -13.30
C HIS A 167 -16.56 -9.87 -14.70
N GLY A 168 -17.49 -10.52 -15.37
CA GLY A 168 -17.27 -10.98 -16.73
C GLY A 168 -16.62 -12.34 -16.86
N CYS A 169 -16.33 -13.00 -15.73
CA CYS A 169 -15.57 -14.27 -15.76
C CYS A 169 -16.33 -15.46 -15.20
N ASN A 170 -17.56 -15.24 -14.77
CA ASN A 170 -18.26 -16.35 -14.11
C ASN A 170 -18.97 -17.24 -15.11
N ILE A 171 -18.22 -18.25 -15.57
CA ILE A 171 -18.72 -19.18 -16.58
C ILE A 171 -19.96 -19.99 -16.14
N PHE A 172 -20.25 -19.99 -14.83
CA PHE A 172 -21.38 -20.77 -14.28
C PHE A 172 -22.56 -19.92 -13.84
N ASP A 173 -22.55 -18.61 -14.09
CA ASP A 173 -23.49 -17.72 -13.36
C ASP A 173 -24.95 -17.78 -13.84
N HIS A 174 -25.19 -18.48 -14.93
CA HIS A 174 -26.55 -18.77 -15.38
C HIS A 174 -27.04 -20.12 -14.84
N PHE A 175 -26.18 -20.81 -14.09
CA PHE A 175 -26.56 -22.10 -13.53
C PHE A 175 -27.63 -21.88 -12.47
N SER A 176 -28.45 -22.91 -12.24
CA SER A 176 -29.38 -22.92 -11.12
C SER A 176 -28.60 -22.84 -9.80
N ARG A 177 -29.25 -22.41 -8.73
CA ARG A 177 -28.59 -22.36 -7.42
C ARG A 177 -28.02 -23.74 -7.04
N LYS A 178 -28.77 -24.79 -7.34
CA LYS A 178 -28.34 -26.16 -6.99
C LYS A 178 -27.14 -26.59 -7.82
N ASP A 179 -27.20 -26.38 -9.14
CA ASP A 179 -26.12 -26.76 -10.04
C ASP A 179 -24.84 -25.94 -9.78
N TYR A 180 -25.01 -24.66 -9.42
CA TYR A 180 -23.88 -23.80 -9.08
C TYR A 180 -23.19 -24.34 -7.83
N GLN A 181 -24.00 -24.65 -6.81
CA GLN A 181 -23.53 -25.16 -5.51
C GLN A 181 -22.80 -26.48 -5.77
N ARG A 182 -23.39 -27.33 -6.61
CA ARG A 182 -22.77 -28.61 -6.95
C ARG A 182 -21.38 -28.43 -7.60
N MET A 183 -21.31 -27.51 -8.58
CA MET A 183 -20.07 -27.27 -9.32
C MET A 183 -18.99 -26.80 -8.36
N LEU A 184 -19.33 -25.83 -7.52
CA LEU A 184 -18.33 -25.28 -6.62
C LEU A 184 -17.90 -26.31 -5.57
N ASP A 185 -18.83 -27.14 -5.10
CA ASP A 185 -18.49 -28.21 -4.17
C ASP A 185 -17.57 -29.27 -4.81
N LEU A 186 -17.84 -29.65 -6.06
CA LEU A 186 -16.96 -30.58 -6.80
C LEU A 186 -15.57 -29.93 -6.95
N MET A 187 -15.52 -28.65 -7.29
CA MET A 187 -14.20 -28.01 -7.46
C MET A 187 -13.43 -28.04 -6.14
N ARG A 188 -14.12 -27.78 -5.03
CA ARG A 188 -13.50 -27.91 -3.71
C ARG A 188 -12.90 -29.31 -3.51
N ASP A 189 -13.73 -30.34 -3.66
CA ASP A 189 -13.30 -31.72 -3.41
C ASP A 189 -12.12 -32.14 -4.32
N ILE A 190 -12.23 -31.81 -5.60
CA ILE A 190 -11.22 -32.22 -6.59
C ILE A 190 -9.91 -31.47 -6.36
N ILE A 191 -10.00 -30.15 -6.15
CA ILE A 191 -8.78 -29.42 -5.91
C ILE A 191 -8.09 -29.87 -4.59
N LEU A 192 -8.87 -30.11 -3.56
CA LEU A 192 -8.27 -30.57 -2.31
C LEU A 192 -7.65 -31.96 -2.49
N ALA A 193 -8.20 -32.74 -3.42
CA ALA A 193 -7.70 -34.11 -3.74
C ALA A 193 -6.26 -34.10 -4.27
N THR A 194 -5.82 -32.94 -4.77
CA THR A 194 -4.45 -32.81 -5.33
C THR A 194 -3.34 -32.72 -4.29
N ASP A 195 -3.72 -32.69 -3.01
CA ASP A 195 -2.74 -32.71 -1.90
C ASP A 195 -2.35 -34.16 -1.80
N LEU A 196 -1.09 -34.48 -2.08
CA LEU A 196 -0.67 -35.88 -2.00
C LEU A 196 -1.02 -36.55 -0.66
N ALA A 197 -1.01 -35.79 0.44
CA ALA A 197 -1.42 -36.31 1.77
C ALA A 197 -2.84 -36.86 1.74
N HIS A 198 -3.72 -36.15 1.03
CA HIS A 198 -5.11 -36.61 0.87
C HIS A 198 -5.12 -37.95 0.11
N HIS A 199 -4.45 -38.01 -1.04
CA HIS A 199 -4.32 -39.27 -1.74
C HIS A 199 -3.87 -40.42 -0.84
N LEU A 200 -2.80 -40.19 -0.06
CA LEU A 200 -2.29 -41.25 0.82
C LEU A 200 -3.33 -41.70 1.86
N ARG A 201 -4.12 -40.75 2.35
CA ARG A 201 -5.21 -41.03 3.29
C ARG A 201 -6.26 -41.94 2.70
N ILE A 202 -6.64 -41.68 1.46
CA ILE A 202 -7.74 -42.44 0.84
C ILE A 202 -7.29 -43.67 0.07
N PHE A 203 -5.99 -43.93 0.06
CA PHE A 203 -5.46 -44.97 -0.79
C PHE A 203 -6.14 -46.33 -0.55
N LYS A 204 -6.30 -46.74 0.70
CA LYS A 204 -6.90 -48.07 1.01
C LYS A 204 -8.34 -48.11 0.53
N ASP A 205 -9.05 -46.98 0.66
CA ASP A 205 -10.42 -46.85 0.15
C ASP A 205 -10.48 -47.00 -1.37
N LEU A 206 -9.45 -46.51 -2.07
CA LEU A 206 -9.38 -46.66 -3.52
C LEU A 206 -9.14 -48.12 -3.86
N GLN A 207 -8.23 -48.75 -3.12
CA GLN A 207 -7.95 -50.18 -3.28
C GLN A 207 -9.20 -51.04 -3.06
N LYS A 208 -9.93 -50.74 -1.99
CA LYS A 208 -11.18 -51.41 -1.70
C LYS A 208 -12.19 -51.23 -2.87
N MET A 209 -12.35 -50.01 -3.37
CA MET A 209 -13.21 -49.79 -4.55
C MET A 209 -12.82 -50.64 -5.77
N ALA A 210 -11.53 -50.69 -6.08
CA ALA A 210 -11.08 -51.48 -7.21
C ALA A 210 -11.37 -52.96 -6.94
N GLU A 211 -11.14 -53.40 -5.69
CA GLU A 211 -11.38 -54.81 -5.31
C GLU A 211 -12.82 -55.25 -5.51
N VAL A 212 -13.75 -54.47 -4.94
CA VAL A 212 -15.18 -54.81 -4.96
C VAL A 212 -15.79 -54.59 -6.36
N GLY A 213 -15.22 -53.63 -7.10
CA GLY A 213 -15.73 -53.24 -8.43
C GLY A 213 -16.52 -51.93 -8.36
N TYR A 214 -16.29 -51.06 -9.33
CA TYR A 214 -16.94 -49.74 -9.36
C TYR A 214 -18.48 -49.85 -9.45
N ASP A 215 -19.14 -49.19 -8.52
CA ASP A 215 -20.60 -49.16 -8.52
C ASP A 215 -21.11 -47.77 -8.84
N ARG A 216 -21.63 -47.61 -10.06
CA ARG A 216 -22.09 -46.30 -10.56
C ARG A 216 -23.20 -45.67 -9.74
N ASN A 217 -23.89 -46.47 -8.93
CA ASN A 217 -24.98 -45.98 -8.10
C ASN A 217 -24.55 -45.60 -6.69
N ASN A 218 -23.25 -45.78 -6.44
CA ASN A 218 -22.64 -45.50 -5.15
C ASN A 218 -21.94 -44.13 -5.26
N LYS A 219 -22.46 -43.16 -4.52
CA LYS A 219 -21.98 -41.78 -4.55
C LYS A 219 -20.58 -41.65 -3.97
N GLN A 220 -20.22 -42.49 -3.02
CA GLN A 220 -18.85 -42.52 -2.49
C GLN A 220 -17.85 -43.05 -3.54
N HIS A 221 -18.30 -43.99 -4.38
CA HIS A 221 -17.48 -44.44 -5.50
C HIS A 221 -17.19 -43.29 -6.48
N HIS A 222 -18.19 -42.43 -6.70
CA HIS A 222 -18.01 -41.31 -7.62
C HIS A 222 -16.94 -40.38 -7.07
N ARG A 223 -17.06 -40.06 -5.79
CA ARG A 223 -16.12 -39.17 -5.09
C ARG A 223 -14.70 -39.73 -5.14
N LEU A 224 -14.53 -41.01 -4.80
CA LEU A 224 -13.20 -41.67 -4.89
C LEU A 224 -12.63 -41.67 -6.29
N LEU A 225 -13.45 -41.99 -7.28
CA LEU A 225 -12.98 -42.06 -8.65
C LEU A 225 -12.51 -40.68 -9.12
N LEU A 226 -13.25 -39.63 -8.77
CA LEU A 226 -12.84 -38.25 -9.10
C LEU A 226 -11.45 -37.92 -8.53
N CYS A 227 -11.21 -38.33 -7.28
CA CYS A 227 -9.93 -38.10 -6.62
C CYS A 227 -8.82 -38.83 -7.37
N LEU A 228 -9.07 -40.09 -7.72
CA LEU A 228 -8.11 -40.91 -8.47
C LEU A 228 -7.78 -40.34 -9.86
N LEU A 229 -8.82 -39.92 -10.58
CA LEU A 229 -8.59 -39.27 -11.89
C LEU A 229 -7.79 -37.97 -11.77
N MET A 230 -8.12 -37.12 -10.78
CA MET A 230 -7.41 -35.87 -10.59
C MET A 230 -5.92 -36.15 -10.32
N THR A 231 -5.66 -37.12 -9.44
CA THR A 231 -4.25 -37.48 -9.11
C THR A 231 -3.54 -38.01 -10.35
N SER A 232 -4.24 -38.81 -11.16
CA SER A 232 -3.68 -39.39 -12.40
C SER A 232 -3.35 -38.25 -13.40
N CYS A 233 -4.18 -37.21 -13.42
CA CYS A 233 -3.89 -36.06 -14.29
C CYS A 233 -2.66 -35.30 -13.78
N ASP A 234 -2.63 -35.05 -12.48
CA ASP A 234 -1.54 -34.30 -11.85
C ASP A 234 -0.16 -34.94 -12.11
N LEU A 235 -0.10 -36.28 -12.10
CA LEU A 235 1.18 -37.02 -12.24
C LEU A 235 1.43 -37.49 -13.67
N SER A 236 0.61 -37.00 -14.59
CA SER A 236 0.54 -37.60 -15.92
C SER A 236 1.84 -37.43 -16.74
N ASP A 237 2.70 -36.50 -16.36
CA ASP A 237 4.01 -36.40 -17.03
C ASP A 237 4.82 -37.71 -16.94
N GLN A 238 4.52 -38.52 -15.92
CA GLN A 238 5.24 -39.79 -15.73
C GLN A 238 4.81 -40.87 -16.74
N THR A 239 3.70 -40.62 -17.43
CA THR A 239 3.11 -41.57 -18.39
C THR A 239 3.57 -41.35 -19.84
N LYS A 240 4.47 -40.41 -20.03
CA LYS A 240 4.93 -40.09 -21.38
C LYS A 240 6.24 -40.83 -21.62
N GLY A 241 7.02 -40.36 -22.59
CA GLY A 241 8.34 -40.95 -22.88
C GLY A 241 9.44 -40.49 -21.94
N TRP A 242 10.59 -41.16 -22.06
CA TRP A 242 11.77 -40.81 -21.27
C TRP A 242 12.14 -39.34 -21.34
N LYS A 243 12.02 -38.74 -22.51
CA LYS A 243 12.44 -37.35 -22.67
C LYS A 243 11.57 -36.40 -21.81
N THR A 244 10.27 -36.71 -21.72
CA THR A 244 9.36 -35.94 -20.84
C THR A 244 9.73 -36.14 -19.36
N THR A 245 9.90 -37.38 -18.91
CA THR A 245 10.20 -37.62 -17.49
C THR A 245 11.52 -37.00 -17.07
N ARG A 246 12.53 -37.10 -17.95
CA ARG A 246 13.79 -36.46 -17.65
C ARG A 246 13.67 -34.95 -17.46
N LYS A 247 13.00 -34.27 -18.41
CA LYS A 247 12.81 -32.83 -18.36
C LYS A 247 11.97 -32.44 -17.13
N ILE A 248 10.91 -33.20 -16.86
CA ILE A 248 10.08 -32.90 -15.67
C ILE A 248 10.86 -33.11 -14.37
N ALA A 249 11.72 -34.13 -14.31
CA ALA A 249 12.64 -34.21 -13.14
C ALA A 249 13.53 -32.96 -12.95
N GLU A 250 14.10 -32.40 -14.03
CA GLU A 250 14.92 -31.19 -13.94
C GLU A 250 14.08 -30.03 -13.39
N LEU A 251 12.84 -29.96 -13.85
CA LEU A 251 11.97 -28.86 -13.42
C LEU A 251 11.55 -28.99 -11.95
N ILE A 252 11.11 -30.17 -11.57
CA ILE A 252 10.59 -30.32 -10.22
C ILE A 252 11.76 -30.24 -9.21
N TYR A 253 12.92 -30.80 -9.55
CA TYR A 253 14.03 -30.71 -8.58
C TYR A 253 14.65 -29.31 -8.52
N LYS A 254 14.66 -28.59 -9.64
CA LYS A 254 15.04 -27.17 -9.59
C LYS A 254 14.15 -26.44 -8.59
N GLU A 255 12.85 -26.68 -8.72
CA GLU A 255 11.90 -26.04 -7.82
C GLU A 255 12.12 -26.43 -6.34
N PHE A 256 12.26 -27.72 -6.07
CA PHE A 256 12.55 -28.22 -4.75
C PHE A 256 13.83 -27.63 -4.18
N PHE A 257 14.92 -27.66 -4.94
CA PHE A 257 16.21 -27.22 -4.41
C PHE A 257 16.18 -25.69 -4.17
N SER A 258 15.42 -24.94 -4.95
CA SER A 258 15.23 -23.48 -4.66
C SER A 258 14.56 -23.31 -3.28
N GLN A 259 13.57 -24.15 -3.00
CA GLN A 259 12.93 -24.13 -1.71
C GLN A 259 13.95 -24.49 -0.61
N GLY A 260 14.70 -25.58 -0.81
CA GLY A 260 15.72 -26.03 0.15
C GLY A 260 16.70 -24.92 0.48
N ASP A 261 17.12 -24.17 -0.54
CA ASP A 261 18.02 -23.02 -0.39
C ASP A 261 17.42 -21.91 0.48
N LEU A 262 16.13 -21.64 0.30
CA LEU A 262 15.40 -20.69 1.17
C LEU A 262 15.25 -21.15 2.61
N GLU A 263 15.07 -22.44 2.81
CA GLU A 263 14.98 -23.02 4.13
C GLU A 263 16.31 -22.84 4.89
N LYS A 264 17.41 -23.22 4.24
CA LYS A 264 18.76 -22.97 4.79
C LYS A 264 18.98 -21.49 5.11
N ALA A 265 18.48 -20.61 4.24
CA ALA A 265 18.62 -19.18 4.45
C ALA A 265 17.87 -18.67 5.68
N MET A 266 16.85 -19.41 6.13
CA MET A 266 16.13 -19.09 7.39
C MET A 266 16.53 -20.01 8.56
N GLY A 267 17.62 -20.75 8.37
CA GLY A 267 18.24 -21.51 9.43
C GLY A 267 17.65 -22.87 9.74
N ASN A 268 16.74 -23.34 8.89
CA ASN A 268 16.16 -24.67 9.06
C ASN A 268 16.83 -25.72 8.17
N ARG A 269 16.84 -26.96 8.63
CA ARG A 269 17.40 -28.06 7.87
C ARG A 269 16.33 -28.57 6.92
N PRO A 270 16.53 -28.37 5.60
CA PRO A 270 15.56 -28.87 4.62
C PRO A 270 15.51 -30.39 4.59
N MET A 271 14.38 -30.95 4.13
CA MET A 271 14.33 -32.38 3.83
C MET A 271 15.42 -32.72 2.81
N GLU A 272 15.92 -33.95 2.91
CA GLU A 272 16.91 -34.49 1.99
C GLU A 272 16.57 -34.19 0.52
N MET A 273 15.31 -34.42 0.16
CA MET A 273 14.84 -34.27 -1.21
C MET A 273 14.79 -32.82 -1.70
N MET A 274 14.89 -31.86 -0.77
CA MET A 274 14.93 -30.44 -1.14
C MET A 274 16.34 -29.85 -1.01
N ASP A 275 17.29 -30.67 -0.59
CA ASP A 275 18.64 -30.24 -0.27
C ASP A 275 19.60 -30.67 -1.39
N ARG A 276 20.04 -29.69 -2.21
CA ARG A 276 20.84 -29.98 -3.40
C ARG A 276 22.18 -30.66 -3.08
N GLU A 277 22.61 -30.57 -1.81
CA GLU A 277 23.88 -31.19 -1.38
C GLU A 277 23.69 -32.67 -0.99
N LYS A 278 22.45 -33.06 -0.69
CA LYS A 278 22.14 -34.41 -0.21
C LYS A 278 21.30 -35.22 -1.20
N ALA A 279 20.44 -34.54 -1.94
CA ALA A 279 19.50 -35.24 -2.82
C ALA A 279 20.16 -36.07 -3.92
N TYR A 280 19.81 -37.35 -3.95
CA TYR A 280 20.24 -38.23 -5.04
C TYR A 280 19.04 -38.55 -5.97
N ILE A 281 18.99 -37.83 -7.10
CA ILE A 281 17.79 -37.81 -7.93
C ILE A 281 17.27 -39.16 -8.45
N PRO A 282 18.16 -40.02 -9.00
CA PRO A 282 17.65 -41.31 -9.43
C PRO A 282 16.93 -42.08 -8.32
N GLU A 283 17.49 -42.07 -7.13
CA GLU A 283 16.89 -42.83 -6.02
C GLU A 283 15.59 -42.20 -5.55
N LEU A 284 15.53 -40.87 -5.53
CA LEU A 284 14.28 -40.19 -5.16
C LEU A 284 13.18 -40.45 -6.17
N GLN A 285 13.52 -40.39 -7.46
CA GLN A 285 12.53 -40.58 -8.52
C GLN A 285 12.07 -42.03 -8.57
N ILE A 286 13.01 -42.96 -8.41
CA ILE A 286 12.62 -44.36 -8.32
C ILE A 286 11.65 -44.63 -7.17
N SER A 287 11.95 -44.10 -5.99
CA SER A 287 11.10 -44.27 -4.81
C SER A 287 9.71 -43.66 -5.08
N PHE A 288 9.70 -42.44 -5.63
CA PHE A 288 8.44 -41.81 -5.99
C PHE A 288 7.60 -42.66 -6.94
N MET A 289 8.25 -43.25 -7.93
CA MET A 289 7.55 -44.01 -8.93
C MET A 289 6.99 -45.29 -8.31
N GLU A 290 7.81 -45.98 -7.52
CA GLU A 290 7.47 -47.24 -6.88
C GLU A 290 6.38 -47.05 -5.83
N HIS A 291 6.50 -46.01 -5.01
CA HIS A 291 5.61 -45.86 -3.85
C HIS A 291 4.39 -45.05 -4.18
N ILE A 292 4.50 -44.10 -5.10
CA ILE A 292 3.36 -43.21 -5.42
C ILE A 292 2.76 -43.39 -6.82
N ALA A 293 3.58 -43.21 -7.85
CA ALA A 293 3.04 -43.19 -9.20
C ALA A 293 2.55 -44.54 -9.71
N MET A 294 3.38 -45.57 -9.61
CA MET A 294 2.95 -46.88 -10.10
C MET A 294 1.64 -47.36 -9.49
N PRO A 295 1.50 -47.34 -8.14
CA PRO A 295 0.23 -47.77 -7.53
C PRO A 295 -0.99 -47.02 -8.04
N ILE A 296 -0.83 -45.72 -8.32
CA ILE A 296 -1.93 -44.91 -8.88
C ILE A 296 -2.38 -45.44 -10.23
N TYR A 297 -1.41 -45.68 -11.14
CA TYR A 297 -1.77 -46.07 -12.48
C TYR A 297 -2.20 -47.53 -12.54
N LYS A 298 -1.70 -48.32 -11.61
CA LYS A 298 -2.19 -49.71 -11.42
C LYS A 298 -3.65 -49.73 -10.96
N LEU A 299 -4.03 -48.87 -10.01
CA LEU A 299 -5.44 -48.69 -9.67
C LEU A 299 -6.28 -48.27 -10.88
N LEU A 300 -5.75 -47.36 -11.67
CA LEU A 300 -6.46 -46.86 -12.81
C LEU A 300 -6.65 -47.97 -13.82
N GLN A 301 -5.58 -48.72 -14.08
CA GLN A 301 -5.68 -49.89 -14.96
C GLN A 301 -6.70 -50.92 -14.43
N ASP A 302 -6.75 -51.10 -13.11
CA ASP A 302 -7.72 -52.04 -12.51
C ASP A 302 -9.16 -51.65 -12.80
N LEU A 303 -9.42 -50.34 -12.89
CA LEU A 303 -10.76 -49.81 -13.08
C LEU A 303 -11.09 -49.60 -14.56
N PHE A 304 -10.06 -49.29 -15.34
CA PHE A 304 -10.17 -49.06 -16.77
C PHE A 304 -9.13 -49.90 -17.49
N PRO A 305 -9.52 -51.10 -18.00
CA PRO A 305 -8.55 -51.95 -18.69
C PRO A 305 -7.77 -51.21 -19.79
N LYS A 306 -8.43 -50.34 -20.55
CA LYS A 306 -7.76 -49.52 -21.59
C LYS A 306 -6.73 -48.50 -21.08
N ALA A 307 -6.58 -48.39 -19.76
CA ALA A 307 -5.55 -47.52 -19.17
C ALA A 307 -4.23 -48.27 -18.98
N ALA A 308 -4.20 -49.55 -19.38
CA ALA A 308 -3.00 -50.38 -19.15
C ALA A 308 -1.71 -49.78 -19.68
N GLU A 309 -1.79 -49.15 -20.85
CA GLU A 309 -0.62 -48.54 -21.46
C GLU A 309 0.03 -47.48 -20.56
N LEU A 310 -0.79 -46.78 -19.75
CA LEU A 310 -0.26 -45.75 -18.84
C LEU A 310 0.62 -46.33 -17.76
N TYR A 311 0.14 -47.41 -17.13
CA TYR A 311 0.91 -48.06 -16.09
C TYR A 311 2.22 -48.60 -16.70
N GLU A 312 2.11 -49.17 -17.90
CA GLU A 312 3.28 -49.73 -18.58
C GLU A 312 4.35 -48.67 -18.88
N ARG A 313 3.93 -47.47 -19.28
CA ARG A 313 4.86 -46.38 -19.50
C ARG A 313 5.53 -45.95 -18.18
N VAL A 314 4.75 -45.80 -17.10
CA VAL A 314 5.37 -45.45 -15.81
C VAL A 314 6.40 -46.50 -15.36
N ALA A 315 6.01 -47.78 -15.40
CA ALA A 315 6.90 -48.90 -15.12
C ALA A 315 8.18 -48.85 -15.96
N SER A 316 8.04 -48.58 -17.26
CA SER A 316 9.18 -48.49 -18.18
C SER A 316 10.07 -47.28 -17.86
N ASN A 317 9.45 -46.13 -17.57
CA ASN A 317 10.20 -44.97 -17.09
C ASN A 317 11.00 -45.21 -15.81
N ARG A 318 10.44 -45.96 -14.87
CA ARG A 318 11.11 -46.27 -13.61
C ARG A 318 12.33 -47.16 -13.90
N GLU A 319 12.15 -48.10 -14.81
CA GLU A 319 13.26 -48.95 -15.25
C GLU A 319 14.32 -48.09 -15.92
N HIS A 320 13.92 -47.08 -16.69
CA HIS A 320 14.90 -46.21 -17.32
C HIS A 320 15.78 -45.44 -16.28
N TRP A 321 15.17 -45.06 -15.15
CA TRP A 321 15.89 -44.42 -14.06
C TRP A 321 16.93 -45.35 -13.45
N THR A 322 16.58 -46.62 -13.27
CA THR A 322 17.57 -47.60 -12.80
C THR A 322 18.74 -47.73 -13.79
N LYS A 323 18.45 -47.63 -15.09
CA LYS A 323 19.46 -47.84 -16.12
C LYS A 323 20.47 -46.71 -16.30
N VAL A 324 20.03 -45.48 -16.02
CA VAL A 324 20.91 -44.32 -16.19
C VAL A 324 21.55 -43.89 -14.88
N SER A 325 21.18 -44.52 -13.77
CA SER A 325 21.67 -44.15 -12.44
C SER A 325 23.18 -44.17 -12.34
N HIS A 326 23.82 -45.11 -13.04
CA HIS A 326 25.29 -45.24 -13.00
C HIS A 326 26.00 -44.02 -13.57
N LYS A 327 25.35 -43.32 -14.48
CA LYS A 327 25.85 -42.06 -15.04
C LYS A 327 25.95 -40.92 -14.01
N PHE A 328 25.34 -41.09 -12.84
CA PHE A 328 25.50 -40.11 -11.77
C PHE A 328 26.79 -40.34 -10.98
N THR A 329 27.52 -41.40 -11.33
CA THR A 329 28.88 -41.61 -10.79
C THR A 329 29.89 -41.15 -11.84
N ILE A 330 30.83 -40.32 -11.42
CA ILE A 330 31.88 -39.81 -12.30
C ILE A 330 32.96 -40.89 -12.39
N ARG A 331 33.00 -41.54 -13.56
CA ARG A 331 34.08 -42.48 -13.94
C ARG A 331 35.14 -41.69 -14.69
N GLY A 332 36.40 -42.10 -14.57
CA GLY A 332 37.48 -41.34 -15.17
C GLY A 332 37.63 -39.95 -14.57
N LEU A 333 38.08 -39.01 -15.39
CA LEU A 333 38.13 -37.61 -14.97
C LEU A 333 36.85 -36.95 -15.46
N PRO A 334 36.46 -35.80 -14.85
CA PRO A 334 35.44 -34.93 -15.46
C PRO A 334 35.79 -34.52 -16.90
N SER A 335 34.81 -34.07 -17.70
CA SER A 335 35.09 -33.60 -19.08
C SER A 335 36.17 -32.51 -19.12
N ASN A 336 36.24 -31.74 -18.03
CA ASN A 336 37.34 -30.83 -17.68
C ASN A 336 38.76 -31.36 -17.85
N ASN A 337 38.94 -32.65 -17.56
CA ASN A 337 40.24 -33.22 -17.29
C ASN A 337 40.84 -32.65 -16.02
N SER A 338 39.99 -32.12 -15.15
CA SER A 338 40.47 -31.46 -13.96
C SER A 338 39.86 -31.99 -12.67
N LEU A 339 40.69 -32.09 -11.65
CA LEU A 339 40.22 -32.49 -10.33
C LEU A 339 40.05 -31.26 -9.45
N ASP A 340 40.04 -30.07 -10.06
CA ASP A 340 39.92 -28.81 -9.31
C ASP A 340 38.68 -28.80 -8.43
N PHE A 341 37.60 -29.40 -8.94
CA PHE A 341 36.33 -29.51 -8.22
C PHE A 341 36.45 -30.12 -6.82
N LEU A 342 37.56 -30.81 -6.55
CA LEU A 342 37.72 -31.48 -5.27
C LEU A 342 38.12 -30.50 -4.16
N ASP B 6 -9.72 11.69 -2.76
CA ASP B 6 -10.84 12.70 -2.74
C ASP B 6 -11.43 12.95 -1.33
N GLU B 7 -12.30 12.04 -0.93
CA GLU B 7 -12.47 11.73 0.48
C GLU B 7 -11.10 11.36 1.07
N TYR B 8 -10.31 10.55 0.36
CA TYR B 8 -8.98 10.22 0.83
C TYR B 8 -8.11 11.47 0.97
N THR B 9 -8.18 12.34 -0.03
CA THR B 9 -7.37 13.57 -0.02
C THR B 9 -7.58 14.39 1.25
N LYS B 10 -8.84 14.59 1.64
CA LYS B 10 -9.10 15.39 2.83
C LYS B 10 -8.68 14.60 4.09
N LEU B 11 -8.94 13.30 4.09
CA LEU B 11 -8.63 12.50 5.26
C LEU B 11 -7.14 12.58 5.59
N LEU B 12 -6.32 12.57 4.55
CA LEU B 12 -4.88 12.61 4.69
C LEU B 12 -4.35 14.03 4.93
N HIS B 13 -4.71 14.97 4.06
CA HIS B 13 -4.05 16.28 4.06
C HIS B 13 -4.60 17.32 5.06
N ASP B 14 -5.77 17.06 5.62
CA ASP B 14 -6.30 17.94 6.67
C ASP B 14 -5.72 17.39 7.98
N GLY B 15 -5.81 18.12 9.07
CA GLY B 15 -5.33 17.53 10.34
C GLY B 15 -6.26 16.41 10.78
N ILE B 16 -5.83 15.58 11.72
CA ILE B 16 -6.78 14.71 12.42
C ILE B 16 -7.58 15.56 13.42
N GLN B 17 -8.91 15.63 13.27
CA GLN B 17 -9.74 16.41 14.18
C GLN B 17 -9.59 16.01 15.66
N PRO B 18 -9.40 16.99 16.57
CA PRO B 18 -9.38 16.67 18.01
C PRO B 18 -10.65 15.94 18.37
N VAL B 19 -10.51 14.88 19.16
CA VAL B 19 -11.65 14.01 19.41
C VAL B 19 -12.82 14.76 20.12
N ALA B 20 -12.46 15.71 20.98
CA ALA B 20 -13.42 16.50 21.73
C ALA B 20 -14.29 17.40 20.84
N ALA B 21 -13.78 17.72 19.66
CA ALA B 21 -14.48 18.59 18.72
C ALA B 21 -15.57 17.87 17.93
N ILE B 22 -15.63 16.54 18.01
CA ILE B 22 -16.64 15.78 17.28
C ILE B 22 -18.04 15.99 17.92
N ASP B 23 -18.11 15.83 19.23
CA ASP B 23 -19.32 16.06 20.00
C ASP B 23 -18.87 16.20 21.44
N SER B 24 -19.53 17.10 22.19
CA SER B 24 -19.18 17.32 23.60
C SER B 24 -19.37 16.08 24.48
N ASN B 25 -20.20 15.14 24.01
CA ASN B 25 -20.51 13.93 24.77
C ASN B 25 -19.83 12.70 24.14
N PHE B 26 -18.90 12.92 23.21
CA PHE B 26 -18.34 11.83 22.39
C PHE B 26 -17.69 10.70 23.22
N ALA B 27 -17.13 11.05 24.36
CA ALA B 27 -16.39 10.06 25.12
C ALA B 27 -17.22 9.47 26.25
N SER B 28 -18.55 9.65 26.19
CA SER B 28 -19.43 9.21 27.28
C SER B 28 -20.17 7.94 26.90
N PHE B 29 -20.40 7.06 27.88
CA PHE B 29 -21.23 5.90 27.66
C PHE B 29 -22.66 6.21 27.19
N THR B 30 -23.10 7.45 27.38
CA THR B 30 -24.43 7.88 26.96
C THR B 30 -24.47 8.26 25.48
N TYR B 31 -23.30 8.47 24.88
CA TYR B 31 -23.21 8.82 23.46
C TYR B 31 -23.66 7.71 22.50
N THR B 32 -24.49 8.07 21.51
CA THR B 32 -24.93 7.12 20.47
C THR B 32 -24.10 7.33 19.20
N PRO B 33 -23.08 6.49 18.96
CA PRO B 33 -22.24 6.80 17.79
C PRO B 33 -22.98 6.68 16.44
N ARG B 34 -24.12 6.01 16.41
CA ARG B 34 -24.89 5.92 15.17
C ARG B 34 -25.51 7.26 14.81
N SER B 35 -25.40 8.24 15.73
CA SER B 35 -25.82 9.61 15.45
C SER B 35 -24.84 10.37 14.58
N LEU B 36 -23.61 9.88 14.44
CA LEU B 36 -22.63 10.56 13.60
C LEU B 36 -22.87 10.25 12.13
N PRO B 37 -22.93 11.30 11.27
CA PRO B 37 -23.09 11.00 9.85
C PRO B 37 -22.02 10.05 9.37
N GLU B 38 -22.41 9.15 8.48
CA GLU B 38 -21.49 8.14 7.94
C GLU B 38 -20.30 8.78 7.28
N ASP B 39 -20.54 9.89 6.58
CA ASP B 39 -19.44 10.63 5.96
C ASP B 39 -18.35 11.16 6.90
N ASP B 40 -18.62 11.21 8.20
CA ASP B 40 -17.68 11.70 9.21
C ASP B 40 -16.99 10.58 10.01
N THR B 41 -17.38 9.34 9.78
CA THR B 41 -16.95 8.22 10.65
C THR B 41 -15.46 7.86 10.44
N SER B 42 -14.98 7.92 9.20
CA SER B 42 -13.54 7.64 8.97
C SER B 42 -12.63 8.62 9.74
N MET B 43 -12.94 9.92 9.68
CA MET B 43 -12.20 10.90 10.46
C MET B 43 -12.33 10.64 11.97
N ALA B 44 -13.51 10.20 12.42
CA ALA B 44 -13.70 9.90 13.86
C ALA B 44 -12.81 8.71 14.28
N ILE B 45 -12.64 7.75 13.38
CA ILE B 45 -11.71 6.62 13.59
C ILE B 45 -10.30 7.15 13.81
N LEU B 46 -9.86 8.06 12.94
CA LEU B 46 -8.52 8.67 13.06
C LEU B 46 -8.36 9.45 14.36
N SER B 47 -9.42 10.19 14.74
CA SER B 47 -9.45 10.95 15.95
C SER B 47 -9.32 10.07 17.18
N MET B 48 -10.03 8.93 17.16
CA MET B 48 -9.92 7.97 18.25
C MET B 48 -8.53 7.32 18.36
N LEU B 49 -7.98 6.86 17.23
CA LEU B 49 -6.62 6.29 17.21
C LEU B 49 -5.57 7.31 17.74
N GLN B 50 -5.69 8.56 17.32
CA GLN B 50 -4.79 9.61 17.81
C GLN B 50 -4.93 9.77 19.33
N ASP B 51 -6.16 9.81 19.81
CA ASP B 51 -6.37 10.06 21.25
C ASP B 51 -5.86 8.92 22.11
N MET B 52 -5.84 7.71 21.57
CA MET B 52 -5.37 6.52 22.29
C MET B 52 -3.87 6.34 22.16
N ASN B 53 -3.29 7.24 21.36
CA ASN B 53 -1.86 7.38 21.15
C ASN B 53 -1.19 6.29 20.31
N PHE B 54 -2.00 5.59 19.52
CA PHE B 54 -1.52 4.46 18.75
C PHE B 54 -0.74 4.90 17.53
N ILE B 55 -1.13 6.03 16.95
CA ILE B 55 -0.38 6.62 15.84
C ILE B 55 1.08 6.94 16.30
N ASN B 56 1.20 7.48 17.52
CA ASN B 56 2.50 7.72 18.17
C ASN B 56 3.28 6.44 18.48
N ASN B 57 2.71 5.61 19.35
CA ASN B 57 3.42 4.44 19.86
C ASN B 57 3.76 3.40 18.79
N TYR B 58 2.98 3.37 17.72
CA TYR B 58 3.23 2.42 16.63
C TYR B 58 3.70 3.06 15.34
N LYS B 59 4.17 4.31 15.42
CA LYS B 59 4.74 5.00 14.27
C LYS B 59 4.00 4.68 12.99
N ILE B 60 2.70 5.00 12.98
CA ILE B 60 1.90 4.65 11.83
C ILE B 60 1.96 5.80 10.84
N ASP B 61 2.43 5.46 9.64
CA ASP B 61 2.46 6.34 8.48
C ASP B 61 1.02 6.84 8.25
N CYS B 62 0.84 8.15 8.21
CA CYS B 62 -0.52 8.68 8.04
C CYS B 62 -1.21 8.37 6.69
N PRO B 63 -0.48 8.40 5.55
CA PRO B 63 -1.12 7.91 4.30
C PRO B 63 -1.60 6.46 4.44
N THR B 64 -0.78 5.66 5.11
CA THR B 64 -1.10 4.24 5.26
C THR B 64 -2.36 4.04 6.10
N LEU B 65 -2.45 4.79 7.19
CA LEU B 65 -3.61 4.73 8.09
C LEU B 65 -4.90 5.22 7.43
N ALA B 66 -4.80 6.35 6.72
CA ALA B 66 -5.92 6.81 5.91
C ALA B 66 -6.41 5.79 4.87
N ARG B 67 -5.48 5.16 4.15
CA ARG B 67 -5.88 4.18 3.15
C ARG B 67 -6.48 2.93 3.86
N PHE B 68 -5.88 2.54 4.97
CA PHE B 68 -6.42 1.38 5.72
C PHE B 68 -7.87 1.62 6.15
N CYS B 69 -8.11 2.75 6.82
CA CYS B 69 -9.46 3.12 7.29
C CYS B 69 -10.49 3.10 6.14
N LEU B 70 -10.16 3.69 4.98
CA LEU B 70 -11.11 3.68 3.86
C LEU B 70 -11.28 2.27 3.25
N MET B 71 -10.22 1.47 3.26
CA MET B 71 -10.30 0.11 2.75
C MET B 71 -11.20 -0.74 3.64
N VAL B 72 -11.07 -0.58 4.94
CA VAL B 72 -11.93 -1.32 5.89
C VAL B 72 -13.38 -0.92 5.68
N LYS B 73 -13.64 0.39 5.56
CA LYS B 73 -15.01 0.84 5.30
C LYS B 73 -15.61 0.23 4.02
N LYS B 74 -14.81 0.26 2.94
CA LYS B 74 -15.15 -0.35 1.65
C LYS B 74 -15.41 -1.86 1.71
N GLY B 75 -14.79 -2.53 2.69
CA GLY B 75 -14.92 -3.98 2.91
C GLY B 75 -16.24 -4.46 3.50
N TYR B 76 -17.08 -3.50 3.90
CA TYR B 76 -18.43 -3.79 4.41
C TYR B 76 -19.47 -3.64 3.30
N ARG B 77 -20.34 -4.65 3.21
CA ARG B 77 -21.52 -4.63 2.36
C ARG B 77 -22.64 -3.89 3.08
N ASP B 78 -23.85 -3.96 2.56
CA ASP B 78 -24.91 -3.12 3.13
C ASP B 78 -26.17 -3.90 3.54
N PRO B 79 -25.99 -5.00 4.28
CA PRO B 79 -27.18 -5.64 4.79
C PRO B 79 -27.75 -4.71 5.87
N PRO B 80 -28.99 -4.97 6.34
CA PRO B 80 -29.60 -4.03 7.29
C PRO B 80 -28.78 -3.69 8.55
N TYR B 81 -28.15 -4.71 9.16
CA TYR B 81 -27.40 -4.57 10.41
C TYR B 81 -25.88 -4.68 10.24
N HIS B 82 -25.39 -5.70 9.55
CA HIS B 82 -23.94 -5.98 9.56
C HIS B 82 -23.23 -5.14 8.50
N ASN B 83 -23.23 -3.84 8.70
CA ASN B 83 -22.60 -2.91 7.76
C ASN B 83 -21.51 -2.12 8.45
N TRP B 84 -20.93 -1.17 7.73
CA TRP B 84 -19.93 -0.30 8.33
C TRP B 84 -20.36 0.45 9.57
N MET B 85 -21.61 0.95 9.62
CA MET B 85 -22.04 1.68 10.80
C MET B 85 -22.05 0.79 12.07
N HIS B 86 -22.29 -0.51 11.89
CA HIS B 86 -22.10 -1.48 13.00
C HIS B 86 -20.64 -1.51 13.44
N ALA B 87 -19.74 -1.74 12.48
CA ALA B 87 -18.29 -1.73 12.78
C ALA B 87 -17.83 -0.43 13.46
N PHE B 88 -18.31 0.71 12.95
CA PHE B 88 -18.01 1.98 13.60
C PHE B 88 -18.45 2.06 15.07
N SER B 89 -19.71 1.70 15.33
CA SER B 89 -20.28 1.80 16.70
C SER B 89 -19.55 0.86 17.64
N VAL B 90 -19.20 -0.32 17.13
CA VAL B 90 -18.45 -1.31 17.93
C VAL B 90 -17.04 -0.73 18.27
N SER B 91 -16.38 -0.14 17.27
CA SER B 91 -15.07 0.49 17.47
C SER B 91 -15.19 1.66 18.47
N HIS B 92 -16.23 2.46 18.32
CA HIS B 92 -16.43 3.56 19.24
C HIS B 92 -16.60 3.06 20.68
N PHE B 93 -17.31 1.96 20.85
CA PHE B 93 -17.46 1.41 22.20
C PHE B 93 -16.10 0.99 22.76
N CYS B 94 -15.25 0.41 21.92
CA CYS B 94 -13.91 0.03 22.33
C CYS B 94 -13.19 1.26 22.90
N TYR B 95 -13.27 2.36 22.17
CA TYR B 95 -12.70 3.61 22.61
C TYR B 95 -13.28 4.05 23.97
N LEU B 96 -14.61 3.97 24.10
CA LEU B 96 -15.27 4.29 25.36
C LEU B 96 -14.74 3.45 26.52
N LEU B 97 -14.51 2.15 26.28
CA LEU B 97 -13.95 1.30 27.34
C LEU B 97 -12.54 1.74 27.66
N TYR B 98 -11.77 2.06 26.63
CA TYR B 98 -10.40 2.53 26.82
C TYR B 98 -10.38 3.74 27.73
N LYS B 99 -11.29 4.69 27.44
CA LYS B 99 -11.30 5.98 28.13
C LYS B 99 -11.92 5.90 29.52
N ASN B 100 -13.03 5.18 29.65
CA ASN B 100 -13.80 5.17 30.90
C ASN B 100 -13.36 4.08 31.87
N LEU B 101 -12.82 2.98 31.33
CA LEU B 101 -12.41 1.89 32.21
C LEU B 101 -10.89 1.89 32.44
N GLU B 102 -10.20 2.85 31.81
CA GLU B 102 -8.74 2.95 31.96
C GLU B 102 -8.04 1.61 31.62
N LEU B 103 -8.30 1.09 30.42
CA LEU B 103 -7.73 -0.20 29.99
C LEU B 103 -6.20 -0.30 30.00
N THR B 104 -5.49 0.83 29.92
CA THR B 104 -4.02 0.77 30.05
C THR B 104 -3.54 0.24 31.41
N ASN B 105 -4.40 0.23 32.42
CA ASN B 105 -4.08 -0.36 33.72
C ASN B 105 -4.30 -1.87 33.74
N TYR B 106 -4.83 -2.43 32.65
CA TYR B 106 -5.21 -3.87 32.62
C TYR B 106 -4.56 -4.68 31.52
N LEU B 107 -4.42 -4.06 30.36
CA LEU B 107 -3.90 -4.76 29.19
C LEU B 107 -2.70 -4.04 28.66
N GLU B 108 -1.85 -4.78 27.97
CA GLU B 108 -0.73 -4.16 27.34
C GLU B 108 -1.22 -3.35 26.15
N ASP B 109 -0.47 -2.30 25.81
CA ASP B 109 -0.77 -1.45 24.66
C ASP B 109 -1.09 -2.18 23.34
N ILE B 110 -0.26 -3.17 23.01
CA ILE B 110 -0.44 -3.93 21.78
C ILE B 110 -1.75 -4.72 21.79
N GLU B 111 -2.19 -5.17 22.98
CA GLU B 111 -3.46 -5.89 23.13
C GLU B 111 -4.65 -4.95 22.85
N ILE B 112 -4.58 -3.74 23.37
CA ILE B 112 -5.67 -2.76 23.22
C ILE B 112 -5.73 -2.31 21.74
N PHE B 113 -4.56 -2.08 21.14
CA PHE B 113 -4.44 -1.81 19.71
C PHE B 113 -5.09 -2.90 18.86
N ALA B 114 -4.73 -4.16 19.14
CA ALA B 114 -5.32 -5.31 18.45
C ALA B 114 -6.84 -5.33 18.65
N LEU B 115 -7.30 -5.02 19.88
CA LEU B 115 -8.76 -5.04 20.16
C LEU B 115 -9.48 -4.02 19.26
N PHE B 116 -8.95 -2.80 19.21
CA PHE B 116 -9.58 -1.74 18.39
C PHE B 116 -9.61 -2.06 16.90
N ILE B 117 -8.47 -2.49 16.34
CA ILE B 117 -8.44 -2.86 14.92
C ILE B 117 -9.37 -4.04 14.65
N SER B 118 -9.42 -4.99 15.57
CA SER B 118 -10.33 -6.11 15.42
C SER B 118 -11.77 -5.60 15.40
N CYS B 119 -12.12 -4.67 16.30
CA CYS B 119 -13.45 -4.05 16.23
C CYS B 119 -13.77 -3.51 14.83
N MET B 120 -12.82 -2.80 14.23
CA MET B 120 -13.04 -2.25 12.89
C MET B 120 -13.32 -3.32 11.85
N CYS B 121 -12.58 -4.44 11.95
CA CYS B 121 -12.53 -5.45 10.91
C CYS B 121 -13.46 -6.65 11.14
N HIS B 122 -14.08 -6.70 12.32
CA HIS B 122 -14.59 -7.99 12.84
C HIS B 122 -15.79 -8.59 12.10
N ASP B 123 -16.48 -7.77 11.28
CA ASP B 123 -17.57 -8.30 10.42
C ASP B 123 -17.36 -8.03 8.94
N LEU B 124 -16.11 -7.77 8.52
CA LEU B 124 -15.82 -7.54 7.09
C LEU B 124 -16.48 -8.49 6.11
N ASP B 125 -17.11 -7.94 5.06
CA ASP B 125 -17.72 -8.77 3.98
C ASP B 125 -18.93 -9.61 4.43
N HIS B 126 -19.51 -9.28 5.59
CA HIS B 126 -20.75 -9.94 6.06
C HIS B 126 -21.83 -9.72 5.00
N ARG B 127 -22.65 -10.75 4.76
CA ARG B 127 -23.75 -10.65 3.77
C ARG B 127 -25.15 -10.72 4.39
N GLY B 128 -25.20 -10.65 5.72
CA GLY B 128 -26.44 -10.75 6.45
C GLY B 128 -26.89 -12.18 6.64
N THR B 129 -25.97 -13.14 6.51
CA THR B 129 -26.33 -14.53 6.79
C THR B 129 -25.39 -15.11 7.85
N ASN B 130 -25.86 -16.08 8.61
CA ASN B 130 -25.06 -16.53 9.75
C ASN B 130 -24.27 -17.79 9.45
N ASN B 131 -23.62 -18.32 10.48
CA ASN B 131 -22.76 -19.51 10.31
C ASN B 131 -23.56 -20.75 9.85
N SER B 132 -24.74 -20.95 10.47
CA SER B 132 -25.67 -22.01 10.10
C SER B 132 -25.98 -21.99 8.59
N PHE B 133 -26.21 -20.79 8.05
CA PHE B 133 -26.47 -20.63 6.62
C PHE B 133 -25.32 -21.11 5.73
N GLN B 134 -24.08 -20.75 6.09
CA GLN B 134 -22.90 -21.13 5.31
C GLN B 134 -22.79 -22.66 5.16
N VAL B 135 -23.01 -23.37 6.27
CA VAL B 135 -22.92 -24.82 6.31
C VAL B 135 -24.08 -25.46 5.54
N ALA B 136 -25.32 -25.06 5.86
CA ALA B 136 -26.51 -25.61 5.21
C ALA B 136 -26.48 -25.39 3.69
N SER B 137 -26.02 -24.22 3.28
CA SER B 137 -25.97 -23.85 1.87
C SER B 137 -24.67 -24.28 1.17
N LYS B 138 -23.71 -24.86 1.90
CA LYS B 138 -22.43 -25.27 1.32
C LYS B 138 -21.73 -24.13 0.56
N SER B 139 -21.55 -23.00 1.22
CA SER B 139 -20.87 -21.86 0.59
C SER B 139 -19.38 -22.14 0.44
N VAL B 140 -18.71 -21.26 -0.31
CA VAL B 140 -17.25 -21.32 -0.44
C VAL B 140 -16.59 -21.13 0.92
N LEU B 141 -17.22 -20.33 1.78
CA LEU B 141 -16.62 -20.06 3.08
C LEU B 141 -16.58 -21.30 3.94
N ALA B 142 -17.70 -22.03 3.96
CA ALA B 142 -17.78 -23.30 4.65
C ALA B 142 -16.91 -24.38 3.98
N ALA B 143 -16.68 -24.22 2.68
CA ALA B 143 -15.83 -25.16 1.91
C ALA B 143 -14.36 -25.03 2.33
N LEU B 144 -13.93 -23.79 2.61
CA LEU B 144 -12.58 -23.51 3.08
C LEU B 144 -12.39 -23.87 4.56
N TYR B 145 -13.32 -23.40 5.40
CA TYR B 145 -13.19 -23.53 6.86
C TYR B 145 -14.11 -24.65 7.32
N SER B 146 -13.67 -25.88 7.06
CA SER B 146 -14.55 -27.05 7.21
C SER B 146 -14.48 -27.78 8.56
N SER B 147 -13.45 -27.52 9.35
CA SER B 147 -13.10 -28.43 10.47
C SER B 147 -13.73 -28.07 11.80
N GLU B 148 -13.88 -26.78 12.02
CA GLU B 148 -14.53 -26.27 13.20
C GLU B 148 -15.59 -25.27 12.74
N GLY B 149 -16.17 -24.59 13.70
CA GLY B 149 -17.18 -23.63 13.36
C GLY B 149 -16.48 -22.31 13.10
N SER B 150 -17.21 -21.26 13.46
CA SER B 150 -16.82 -19.89 13.25
C SER B 150 -16.46 -19.61 11.79
N VAL B 151 -17.29 -20.10 10.86
CA VAL B 151 -17.00 -19.94 9.44
C VAL B 151 -16.88 -18.45 9.07
N MET B 152 -17.91 -17.67 9.40
CA MET B 152 -17.89 -16.24 9.04
C MET B 152 -16.73 -15.49 9.72
N GLU B 153 -16.45 -15.82 10.98
CA GLU B 153 -15.36 -15.15 11.70
C GLU B 153 -13.98 -15.46 11.10
N ARG B 154 -13.81 -16.70 10.64
CA ARG B 154 -12.55 -17.06 9.96
C ARG B 154 -12.41 -16.20 8.69
N HIS B 155 -13.53 -15.98 8.03
CA HIS B 155 -13.55 -15.18 6.80
C HIS B 155 -13.32 -13.70 7.12
N HIS B 156 -13.94 -13.18 8.19
CA HIS B 156 -13.72 -11.78 8.56
C HIS B 156 -12.23 -11.54 8.81
N PHE B 157 -11.60 -12.42 9.57
CA PHE B 157 -10.15 -12.39 9.77
C PHE B 157 -9.35 -12.42 8.44
N ALA B 158 -9.74 -13.29 7.52
CA ALA B 158 -9.07 -13.43 6.21
C ALA B 158 -9.16 -12.11 5.43
N GLN B 159 -10.33 -11.48 5.47
CA GLN B 159 -10.53 -10.15 4.81
C GLN B 159 -9.63 -9.09 5.43
N ALA B 160 -9.48 -9.12 6.77
CA ALA B 160 -8.64 -8.18 7.49
C ALA B 160 -7.19 -8.36 7.03
N ILE B 161 -6.78 -9.63 6.95
CA ILE B 161 -5.42 -9.99 6.46
C ILE B 161 -5.20 -9.50 5.02
N ALA B 162 -6.20 -9.64 4.15
CA ALA B 162 -6.08 -9.19 2.74
C ALA B 162 -5.86 -7.69 2.70
N ILE B 163 -6.59 -6.96 3.53
CA ILE B 163 -6.40 -5.51 3.63
C ILE B 163 -5.01 -5.15 4.08
N LEU B 164 -4.56 -5.69 5.22
CA LEU B 164 -3.19 -5.45 5.69
C LEU B 164 -2.12 -5.76 4.61
N ASN B 165 -2.41 -6.74 3.75
CA ASN B 165 -1.47 -7.13 2.69
C ASN B 165 -1.57 -6.37 1.37
N THR B 166 -2.52 -5.43 1.30
CA THR B 166 -2.69 -4.59 0.12
C THR B 166 -1.65 -3.48 0.17
N HIS B 167 -0.94 -3.31 -0.94
CA HIS B 167 0.05 -2.24 -1.10
C HIS B 167 -0.54 -0.95 -0.53
N GLY B 168 0.12 -0.39 0.49
CA GLY B 168 -0.27 0.92 1.03
C GLY B 168 -1.19 0.91 2.22
N CYS B 169 -1.53 -0.27 2.71
CA CYS B 169 -2.48 -0.41 3.81
C CYS B 169 -1.92 -1.13 5.02
N ASN B 170 -0.62 -1.44 5.01
CA ASN B 170 -0.05 -2.12 6.15
C ASN B 170 0.29 -1.26 7.36
N ILE B 171 -0.73 -0.96 8.14
CA ILE B 171 -0.58 -0.23 9.40
C ILE B 171 0.21 -1.00 10.48
N PHE B 172 0.63 -2.23 10.19
CA PHE B 172 1.47 -2.98 11.14
C PHE B 172 2.95 -3.03 10.69
N ASP B 173 3.29 -2.28 9.65
CA ASP B 173 4.65 -2.29 9.11
C ASP B 173 5.74 -1.98 10.15
N HIS B 174 5.40 -1.19 11.17
CA HIS B 174 6.33 -0.79 12.22
C HIS B 174 6.75 -1.92 13.18
N PHE B 175 5.95 -2.99 13.29
CA PHE B 175 6.25 -4.09 14.18
C PHE B 175 7.41 -4.96 13.69
N SER B 176 8.19 -5.48 14.65
CA SER B 176 9.17 -6.53 14.38
C SER B 176 8.42 -7.73 13.86
N ARG B 177 9.12 -8.67 13.22
CA ARG B 177 8.47 -9.89 12.79
C ARG B 177 7.79 -10.65 13.96
N LYS B 178 8.42 -10.65 15.14
CA LYS B 178 7.80 -11.26 16.33
C LYS B 178 6.48 -10.60 16.72
N ASP B 179 6.52 -9.28 16.84
CA ASP B 179 5.30 -8.50 17.18
C ASP B 179 4.21 -8.56 16.09
N TYR B 180 4.64 -8.55 14.82
CA TYR B 180 3.72 -8.76 13.69
C TYR B 180 2.95 -10.06 13.84
N GLN B 181 3.67 -11.15 14.10
CA GLN B 181 3.01 -12.44 14.38
C GLN B 181 2.09 -12.37 15.58
N ARG B 182 2.53 -11.67 16.64
CA ARG B 182 1.69 -11.55 17.83
C ARG B 182 0.40 -10.83 17.48
N MET B 183 0.53 -9.77 16.69
CA MET B 183 -0.63 -8.97 16.31
C MET B 183 -1.63 -9.79 15.49
N LEU B 184 -1.14 -10.53 14.50
CA LEU B 184 -2.01 -11.38 13.66
C LEU B 184 -2.74 -12.41 14.52
N ASP B 185 -2.03 -12.99 15.46
CA ASP B 185 -2.61 -14.04 16.28
C ASP B 185 -3.62 -13.46 17.27
N LEU B 186 -3.34 -12.25 17.78
CA LEU B 186 -4.32 -11.52 18.61
C LEU B 186 -5.58 -11.22 17.82
N MET B 187 -5.44 -10.68 16.61
CA MET B 187 -6.60 -10.39 15.78
C MET B 187 -7.45 -11.64 15.49
N ARG B 188 -6.78 -12.77 15.22
CA ARG B 188 -7.54 -13.99 14.99
C ARG B 188 -8.35 -14.35 16.21
N ASP B 189 -7.70 -14.29 17.38
CA ASP B 189 -8.32 -14.72 18.63
C ASP B 189 -9.52 -13.82 18.92
N ILE B 190 -9.32 -12.53 18.75
CA ILE B 190 -10.38 -11.55 19.09
C ILE B 190 -11.54 -11.63 18.10
N ILE B 191 -11.24 -11.68 16.79
CA ILE B 191 -12.30 -11.86 15.80
C ILE B 191 -13.04 -13.20 16.00
N LEU B 192 -12.31 -14.27 16.28
CA LEU B 192 -13.02 -15.52 16.61
C LEU B 192 -13.91 -15.48 17.87
N ALA B 193 -13.52 -14.67 18.86
CA ALA B 193 -14.31 -14.44 20.05
C ALA B 193 -15.68 -13.80 19.75
N THR B 194 -15.81 -13.20 18.57
CA THR B 194 -17.12 -12.59 18.20
C THR B 194 -18.19 -13.64 17.75
N ASP B 195 -17.80 -14.90 17.65
CA ASP B 195 -18.78 -15.94 17.43
C ASP B 195 -19.45 -16.13 18.78
N LEU B 196 -20.74 -15.84 18.88
CA LEU B 196 -21.41 -16.01 20.18
C LEU B 196 -21.28 -17.45 20.72
N ALA B 197 -21.10 -18.42 19.85
CA ALA B 197 -20.94 -19.79 20.32
C ALA B 197 -19.68 -19.93 21.15
N HIS B 198 -18.66 -19.16 20.76
CA HIS B 198 -17.39 -19.14 21.46
C HIS B 198 -17.58 -18.52 22.85
N HIS B 199 -18.31 -17.41 22.90
CA HIS B 199 -18.57 -16.71 24.15
C HIS B 199 -19.30 -17.70 25.09
N LEU B 200 -20.32 -18.36 24.57
CA LEU B 200 -21.06 -19.33 25.38
C LEU B 200 -20.17 -20.46 25.91
N ARG B 201 -19.19 -20.90 25.12
CA ARG B 201 -18.25 -21.93 25.55
C ARG B 201 -17.36 -21.45 26.70
N ILE B 202 -16.91 -20.19 26.62
CA ILE B 202 -15.99 -19.65 27.66
C ILE B 202 -16.71 -18.98 28.85
N PHE B 203 -18.03 -18.93 28.80
CA PHE B 203 -18.79 -18.20 29.80
C PHE B 203 -18.39 -18.60 31.22
N LYS B 204 -18.27 -19.90 31.49
CA LYS B 204 -17.91 -20.34 32.84
C LYS B 204 -16.53 -19.84 33.32
N ASP B 205 -15.55 -19.86 32.42
CA ASP B 205 -14.20 -19.34 32.72
C ASP B 205 -14.24 -17.83 32.95
N LEU B 206 -15.16 -17.14 32.27
CA LEU B 206 -15.29 -15.70 32.43
C LEU B 206 -15.84 -15.41 33.84
N GLN B 207 -16.85 -16.19 34.25
CA GLN B 207 -17.44 -16.08 35.59
C GLN B 207 -16.41 -16.35 36.65
N LYS B 208 -15.60 -17.40 36.46
CA LYS B 208 -14.53 -17.72 37.39
C LYS B 208 -13.58 -16.55 37.54
N MET B 209 -13.16 -15.98 36.41
CA MET B 209 -12.25 -14.85 36.43
C MET B 209 -12.87 -13.64 37.16
N ALA B 210 -14.16 -13.40 36.94
CA ALA B 210 -14.84 -12.30 37.63
C ALA B 210 -14.94 -12.55 39.14
N GLU B 211 -15.15 -13.81 39.50
CA GLU B 211 -15.26 -14.17 40.92
C GLU B 211 -13.95 -14.02 41.69
N VAL B 212 -12.84 -14.47 41.08
CA VAL B 212 -11.52 -14.40 41.74
C VAL B 212 -10.85 -13.05 41.56
N GLY B 213 -11.29 -12.32 40.54
CA GLY B 213 -10.68 -11.05 40.19
C GLY B 213 -9.62 -11.15 39.13
N TYR B 214 -9.64 -10.19 38.22
CA TYR B 214 -8.61 -10.04 37.19
C TYR B 214 -7.19 -9.92 37.73
N ASP B 215 -6.32 -10.79 37.24
CA ASP B 215 -4.90 -10.75 37.54
C ASP B 215 -4.12 -10.41 36.27
N ARG B 216 -3.49 -9.22 36.25
CA ARG B 216 -2.75 -8.75 35.08
C ARG B 216 -1.51 -9.60 34.80
N ASN B 217 -1.07 -10.35 35.79
CA ASN B 217 0.08 -11.23 35.60
C ASN B 217 -0.32 -12.61 35.11
N ASN B 218 -1.62 -12.80 34.90
CA ASN B 218 -2.14 -14.09 34.47
C ASN B 218 -2.45 -14.02 32.99
N LYS B 219 -1.73 -14.78 32.16
CA LYS B 219 -1.87 -14.71 30.71
C LYS B 219 -3.27 -15.15 30.21
N GLN B 220 -3.85 -16.13 30.90
CA GLN B 220 -5.18 -16.59 30.56
C GLN B 220 -6.23 -15.52 30.82
N HIS B 221 -6.03 -14.76 31.90
CA HIS B 221 -6.90 -13.64 32.24
C HIS B 221 -6.88 -12.59 31.11
N HIS B 222 -5.70 -12.33 30.55
CA HIS B 222 -5.60 -11.39 29.42
C HIS B 222 -6.45 -11.89 28.25
N ARG B 223 -6.34 -13.19 27.96
CA ARG B 223 -7.05 -13.78 26.80
C ARG B 223 -8.54 -13.69 27.00
N LEU B 224 -9.00 -14.06 28.19
CA LEU B 224 -10.40 -14.01 28.58
C LEU B 224 -10.95 -12.58 28.61
N LEU B 225 -10.18 -11.65 29.17
CA LEU B 225 -10.62 -10.24 29.18
C LEU B 225 -10.82 -9.70 27.77
N LEU B 226 -9.89 -10.04 26.87
CA LEU B 226 -9.98 -9.58 25.46
C LEU B 226 -11.26 -10.09 24.84
N CYS B 227 -11.63 -11.34 25.14
CA CYS B 227 -12.88 -11.90 24.59
C CYS B 227 -14.10 -11.16 25.12
N LEU B 228 -14.15 -10.95 26.43
CA LEU B 228 -15.29 -10.31 27.07
C LEU B 228 -15.40 -8.88 26.56
N LEU B 229 -14.28 -8.18 26.49
CA LEU B 229 -14.32 -6.81 25.94
C LEU B 229 -14.85 -6.78 24.51
N MET B 230 -14.42 -7.73 23.67
CA MET B 230 -14.88 -7.75 22.28
C MET B 230 -16.40 -8.01 22.21
N THR B 231 -16.88 -8.99 22.98
CA THR B 231 -18.30 -9.27 23.03
C THR B 231 -19.07 -8.02 23.50
N SER B 232 -18.53 -7.30 24.49
CA SER B 232 -19.17 -6.12 25.07
C SER B 232 -19.28 -5.02 24.03
N CYS B 233 -18.29 -4.95 23.15
CA CYS B 233 -18.32 -3.98 22.03
C CYS B 233 -19.37 -4.40 20.99
N ASP B 234 -19.43 -5.70 20.69
CA ASP B 234 -20.29 -6.21 19.63
C ASP B 234 -21.80 -5.98 19.96
N LEU B 235 -22.15 -6.13 21.24
CA LEU B 235 -23.56 -6.00 21.70
C LEU B 235 -23.87 -4.60 22.25
N SER B 236 -22.94 -3.65 22.07
CA SER B 236 -23.04 -2.36 22.77
C SER B 236 -24.29 -1.52 22.43
N ASP B 237 -24.94 -1.85 21.33
CA ASP B 237 -26.19 -1.15 20.98
C ASP B 237 -27.24 -1.37 22.07
N GLN B 238 -27.09 -2.44 22.87
CA GLN B 238 -28.09 -2.72 23.92
C GLN B 238 -27.89 -1.81 25.16
N THR B 239 -26.82 -1.03 25.15
CA THR B 239 -26.41 -0.28 26.36
C THR B 239 -26.75 1.18 26.25
N LYS B 240 -27.42 1.54 25.16
CA LYS B 240 -27.82 2.92 24.92
C LYS B 240 -29.28 3.09 25.43
N GLY B 241 -30.00 3.98 24.78
CA GLY B 241 -31.42 4.23 25.08
C GLY B 241 -32.41 3.30 24.41
N TRP B 242 -33.68 3.42 24.78
CA TRP B 242 -34.75 2.67 24.13
C TRP B 242 -34.70 2.82 22.61
N LYS B 243 -34.51 4.04 22.12
CA LYS B 243 -34.58 4.29 20.69
C LYS B 243 -33.55 3.44 19.93
N THR B 244 -32.38 3.23 20.54
CA THR B 244 -31.32 2.46 19.88
C THR B 244 -31.62 0.97 19.87
N THR B 245 -32.03 0.42 21.01
CA THR B 245 -32.43 -1.00 21.07
C THR B 245 -33.60 -1.31 20.12
N ARG B 246 -34.59 -0.42 20.07
CA ARG B 246 -35.68 -0.59 19.11
C ARG B 246 -35.23 -0.57 17.64
N LYS B 247 -34.40 0.42 17.26
CA LYS B 247 -33.96 0.52 15.88
C LYS B 247 -33.08 -0.69 15.50
N ILE B 248 -32.19 -1.09 16.39
CA ILE B 248 -31.30 -2.24 16.11
C ILE B 248 -32.09 -3.54 15.93
N ALA B 249 -33.13 -3.71 16.75
CA ALA B 249 -34.07 -4.80 16.60
C ALA B 249 -34.65 -4.85 15.18
N GLU B 250 -35.15 -3.71 14.68
CA GLU B 250 -35.65 -3.62 13.30
C GLU B 250 -34.63 -4.18 12.29
N LEU B 251 -33.37 -3.76 12.41
CA LEU B 251 -32.33 -4.11 11.47
C LEU B 251 -31.92 -5.57 11.60
N ILE B 252 -31.62 -6.03 12.80
CA ILE B 252 -31.23 -7.45 12.93
C ILE B 252 -32.35 -8.42 12.51
N TYR B 253 -33.58 -8.21 12.97
CA TYR B 253 -34.72 -9.02 12.53
C TYR B 253 -35.01 -8.96 11.01
N LYS B 254 -34.86 -7.81 10.36
CA LYS B 254 -34.95 -7.77 8.89
C LYS B 254 -33.92 -8.72 8.27
N GLU B 255 -32.71 -8.68 8.80
CA GLU B 255 -31.64 -9.52 8.30
C GLU B 255 -31.96 -11.00 8.52
N PHE B 256 -32.40 -11.35 9.72
CA PHE B 256 -32.77 -12.73 10.08
C PHE B 256 -33.84 -13.28 9.12
N PHE B 257 -34.90 -12.50 8.92
CA PHE B 257 -36.02 -12.95 8.09
C PHE B 257 -35.66 -13.10 6.62
N SER B 258 -34.80 -12.23 6.11
CA SER B 258 -34.29 -12.41 4.75
C SER B 258 -33.58 -13.76 4.57
N GLN B 259 -32.71 -14.11 5.54
CA GLN B 259 -32.05 -15.40 5.53
C GLN B 259 -33.12 -16.48 5.52
N GLY B 260 -34.12 -16.35 6.40
CA GLY B 260 -35.16 -17.37 6.51
C GLY B 260 -35.88 -17.61 5.18
N ASP B 261 -36.21 -16.51 4.49
CA ASP B 261 -36.90 -16.60 3.20
C ASP B 261 -36.04 -17.37 2.20
N LEU B 262 -34.74 -17.11 2.20
CA LEU B 262 -33.82 -17.82 1.30
C LEU B 262 -33.76 -19.31 1.62
N GLU B 263 -33.67 -19.62 2.90
CA GLU B 263 -33.66 -21.00 3.37
C GLU B 263 -34.92 -21.77 2.95
N LYS B 264 -36.09 -21.17 3.13
CA LYS B 264 -37.35 -21.76 2.70
C LYS B 264 -37.36 -22.10 1.20
N ALA B 265 -36.84 -21.17 0.40
CA ALA B 265 -36.83 -21.32 -1.05
C ALA B 265 -35.92 -22.48 -1.46
N MET B 266 -34.86 -22.67 -0.69
CA MET B 266 -33.85 -23.69 -0.94
C MET B 266 -34.31 -25.08 -0.51
N GLY B 267 -35.32 -25.14 0.33
CA GLY B 267 -35.81 -26.42 0.82
C GLY B 267 -35.31 -26.73 2.22
N ASN B 268 -34.72 -25.74 2.87
CA ASN B 268 -34.31 -25.87 4.26
C ASN B 268 -35.28 -25.16 5.20
N ARG B 269 -35.49 -25.77 6.37
CA ARG B 269 -36.38 -25.21 7.35
C ARG B 269 -35.55 -24.24 8.18
N PRO B 270 -35.93 -22.94 8.22
CA PRO B 270 -35.15 -22.03 9.06
C PRO B 270 -35.44 -22.19 10.55
N MET B 271 -34.48 -21.78 11.39
CA MET B 271 -34.74 -21.55 12.81
C MET B 271 -35.99 -20.70 12.94
N GLU B 272 -36.78 -20.91 14.01
CA GLU B 272 -37.99 -20.10 14.21
C GLU B 272 -37.72 -18.60 14.20
N MET B 273 -36.65 -18.17 14.88
CA MET B 273 -36.31 -16.74 14.95
C MET B 273 -35.99 -16.10 13.60
N MET B 274 -35.81 -16.94 12.58
CA MET B 274 -35.52 -16.45 11.25
C MET B 274 -36.72 -16.64 10.33
N ASP B 275 -37.81 -17.18 10.86
CA ASP B 275 -39.00 -17.42 10.04
C ASP B 275 -40.01 -16.30 10.33
N ARG B 276 -40.23 -15.41 9.35
CA ARG B 276 -41.09 -14.25 9.56
C ARG B 276 -42.54 -14.62 9.86
N GLU B 277 -42.93 -15.84 9.47
CA GLU B 277 -44.27 -16.33 9.79
C GLU B 277 -44.41 -16.85 11.23
N LYS B 278 -43.31 -17.09 11.93
CA LYS B 278 -43.36 -17.72 13.26
C LYS B 278 -42.77 -16.86 14.37
N ALA B 279 -41.70 -16.14 14.05
CA ALA B 279 -40.97 -15.32 15.01
C ALA B 279 -41.85 -14.30 15.74
N TYR B 280 -41.74 -14.28 17.07
CA TYR B 280 -42.42 -13.26 17.86
C TYR B 280 -41.34 -12.38 18.48
N ILE B 281 -41.07 -11.25 17.82
CA ILE B 281 -39.92 -10.39 18.17
C ILE B 281 -39.78 -10.08 19.67
N PRO B 282 -40.89 -9.69 20.36
CA PRO B 282 -40.62 -9.24 21.72
C PRO B 282 -40.15 -10.39 22.64
N GLU B 283 -40.69 -11.60 22.47
CA GLU B 283 -40.24 -12.77 23.25
C GLU B 283 -38.77 -13.08 22.91
N LEU B 284 -38.48 -13.12 21.62
CA LEU B 284 -37.11 -13.34 21.13
C LEU B 284 -36.11 -12.32 21.71
N GLN B 285 -36.49 -11.04 21.68
CA GLN B 285 -35.61 -9.98 22.13
C GLN B 285 -35.42 -10.02 23.64
N ILE B 286 -36.52 -10.22 24.39
CA ILE B 286 -36.40 -10.36 25.85
C ILE B 286 -35.49 -11.52 26.24
N SER B 287 -35.65 -12.66 25.58
CA SER B 287 -34.80 -13.82 25.81
C SER B 287 -33.32 -13.54 25.51
N PHE B 288 -33.07 -12.84 24.42
CA PHE B 288 -31.69 -12.43 24.13
C PHE B 288 -31.15 -11.51 25.25
N MET B 289 -31.97 -10.56 25.70
CA MET B 289 -31.52 -9.61 26.72
C MET B 289 -31.23 -10.32 28.04
N GLU B 290 -32.14 -11.18 28.47
CA GLU B 290 -31.97 -11.89 29.76
C GLU B 290 -30.86 -12.91 29.78
N HIS B 291 -30.75 -13.70 28.72
CA HIS B 291 -29.87 -14.87 28.71
C HIS B 291 -28.51 -14.68 28.02
N ILE B 292 -28.39 -13.61 27.23
CA ILE B 292 -27.12 -13.33 26.55
C ILE B 292 -26.57 -11.97 26.98
N ALA B 293 -27.32 -10.89 26.73
CA ALA B 293 -26.77 -9.55 26.94
C ALA B 293 -26.57 -9.15 28.40
N MET B 294 -27.60 -9.29 29.23
CA MET B 294 -27.41 -8.91 30.62
C MET B 294 -26.25 -9.66 31.33
N PRO B 295 -26.14 -10.99 31.16
CA PRO B 295 -24.99 -11.69 31.77
C PRO B 295 -23.60 -11.15 31.36
N ILE B 296 -23.42 -10.79 30.09
CA ILE B 296 -22.16 -10.16 29.62
C ILE B 296 -21.87 -8.83 30.38
N TYR B 297 -22.87 -7.97 30.48
CA TYR B 297 -22.64 -6.68 31.14
C TYR B 297 -22.54 -6.78 32.66
N LYS B 298 -23.16 -7.80 33.24
CA LYS B 298 -22.95 -8.10 34.66
C LYS B 298 -21.50 -8.54 34.92
N LEU B 299 -20.97 -9.42 34.06
CA LEU B 299 -19.56 -9.79 34.14
C LEU B 299 -18.65 -8.58 34.03
N LEU B 300 -18.96 -7.69 33.09
CA LEU B 300 -18.13 -6.48 32.91
C LEU B 300 -18.13 -5.62 34.17
N GLN B 301 -19.30 -5.47 34.75
CA GLN B 301 -19.50 -4.67 35.97
C GLN B 301 -18.75 -5.31 37.15
N ASP B 302 -18.81 -6.64 37.26
CA ASP B 302 -18.07 -7.40 38.28
C ASP B 302 -16.55 -7.18 38.21
N LEU B 303 -16.02 -7.17 36.98
CA LEU B 303 -14.62 -6.87 36.74
C LEU B 303 -14.28 -5.36 36.87
N PHE B 304 -15.20 -4.51 36.44
CA PHE B 304 -14.97 -3.06 36.42
C PHE B 304 -16.16 -2.33 37.00
N PRO B 305 -16.07 -1.91 38.27
CA PRO B 305 -17.17 -1.13 38.88
C PRO B 305 -17.64 0.06 38.03
N LYS B 306 -16.73 0.71 37.31
CA LYS B 306 -17.07 1.86 36.46
C LYS B 306 -17.99 1.49 35.27
N ALA B 307 -18.18 0.19 35.06
CA ALA B 307 -19.05 -0.33 34.00
C ALA B 307 -20.49 -0.55 34.45
N ALA B 308 -20.79 -0.23 35.71
CA ALA B 308 -22.11 -0.53 36.28
C ALA B 308 -23.28 0.08 35.48
N GLU B 309 -23.10 1.29 34.98
CA GLU B 309 -24.19 1.95 34.25
C GLU B 309 -24.61 1.22 32.98
N LEU B 310 -23.68 0.46 32.40
CA LEU B 310 -23.95 -0.29 31.16
C LEU B 310 -24.95 -1.41 31.46
N TYR B 311 -24.66 -2.21 32.48
CA TYR B 311 -25.58 -3.26 32.91
C TYR B 311 -26.97 -2.67 33.27
N GLU B 312 -26.96 -1.54 33.99
CA GLU B 312 -28.22 -0.90 34.34
C GLU B 312 -29.07 -0.49 33.13
N ARG B 313 -28.42 0.00 32.09
CA ARG B 313 -29.10 0.38 30.86
C ARG B 313 -29.65 -0.84 30.14
N VAL B 314 -28.84 -1.88 30.02
CA VAL B 314 -29.32 -3.11 29.37
C VAL B 314 -30.53 -3.69 30.13
N ALA B 315 -30.43 -3.73 31.46
CA ALA B 315 -31.52 -4.24 32.31
C ALA B 315 -32.79 -3.41 32.10
N SER B 316 -32.62 -2.09 32.04
CA SER B 316 -33.73 -1.15 31.84
C SER B 316 -34.37 -1.30 30.45
N ASN B 317 -33.51 -1.48 29.43
CA ASN B 317 -33.97 -1.71 28.07
C ASN B 317 -34.75 -3.02 28.00
N ARG B 318 -34.30 -4.04 28.73
CA ARG B 318 -35.02 -5.31 28.81
C ARG B 318 -36.43 -5.06 29.38
N GLU B 319 -36.49 -4.26 30.45
CA GLU B 319 -37.80 -4.01 31.06
C GLU B 319 -38.73 -3.23 30.13
N HIS B 320 -38.17 -2.34 29.30
CA HIS B 320 -38.92 -1.62 28.29
C HIS B 320 -39.54 -2.53 27.21
N TRP B 321 -38.78 -3.54 26.76
CA TRP B 321 -39.31 -4.57 25.86
C TRP B 321 -40.50 -5.32 26.46
N THR B 322 -40.41 -5.65 27.76
CA THR B 322 -41.54 -6.29 28.45
C THR B 322 -42.77 -5.39 28.48
N LYS B 323 -42.53 -4.10 28.70
CA LYS B 323 -43.59 -3.11 28.76
C LYS B 323 -44.31 -2.97 27.42
N VAL B 324 -43.58 -3.03 26.31
CA VAL B 324 -44.20 -2.79 25.00
C VAL B 324 -44.55 -4.09 24.26
N SER B 325 -44.29 -5.22 24.90
CA SER B 325 -44.47 -6.54 24.27
C SER B 325 -45.92 -6.72 23.78
N HIS B 326 -46.84 -6.31 24.63
CA HIS B 326 -48.27 -6.42 24.38
C HIS B 326 -48.69 -5.76 23.07
N LYS B 327 -47.94 -4.75 22.62
CA LYS B 327 -48.24 -4.05 21.37
C LYS B 327 -48.15 -4.93 20.11
N PHE B 328 -47.54 -6.12 20.25
CA PHE B 328 -47.41 -7.06 19.15
C PHE B 328 -48.63 -7.98 18.98
N THR B 329 -49.58 -7.85 19.89
CA THR B 329 -50.90 -8.46 19.70
C THR B 329 -51.82 -7.27 19.48
N ILE B 330 -52.48 -7.26 18.32
CA ILE B 330 -53.28 -6.13 17.89
C ILE B 330 -54.55 -6.03 18.70
N ARG B 331 -54.59 -5.06 19.59
CA ARG B 331 -55.83 -4.70 20.30
C ARG B 331 -56.45 -3.49 19.62
N GLY B 332 -57.77 -3.43 19.58
CA GLY B 332 -58.42 -2.37 18.79
C GLY B 332 -58.34 -2.67 17.30
N LEU B 333 -58.44 -1.62 16.50
CA LEU B 333 -58.32 -1.73 15.04
C LEU B 333 -56.89 -1.36 14.67
N PRO B 334 -56.38 -1.90 13.54
CA PRO B 334 -55.10 -1.39 13.03
C PRO B 334 -55.13 0.14 12.82
N SER B 335 -53.97 0.74 12.59
CA SER B 335 -53.88 2.16 12.28
C SER B 335 -54.93 2.67 11.28
N ASN B 336 -55.15 1.93 10.20
CA ASN B 336 -56.01 2.39 9.11
C ASN B 336 -57.51 2.23 9.31
N ASN B 337 -57.92 1.73 10.49
CA ASN B 337 -59.33 1.43 10.76
C ASN B 337 -59.90 0.35 9.87
N SER B 338 -59.04 -0.55 9.42
CA SER B 338 -59.45 -1.57 8.49
C SER B 338 -59.10 -2.98 8.94
N LEU B 339 -60.03 -3.91 8.68
CA LEU B 339 -59.75 -5.31 8.92
C LEU B 339 -59.40 -6.06 7.63
N ASP B 340 -59.11 -5.30 6.56
CA ASP B 340 -58.78 -5.92 5.26
C ASP B 340 -57.65 -6.97 5.34
N PHE B 341 -56.71 -6.78 6.28
CA PHE B 341 -55.59 -7.72 6.54
C PHE B 341 -56.00 -9.16 6.90
N ILE C 16 18.28 52.42 12.06
CA ILE C 16 17.21 51.55 12.65
C ILE C 16 16.62 52.19 13.90
N GLN C 17 15.32 52.46 13.83
CA GLN C 17 14.60 53.17 14.89
C GLN C 17 14.45 52.33 16.18
N PRO C 18 14.61 52.97 17.34
CA PRO C 18 14.30 52.34 18.63
C PRO C 18 12.83 51.95 18.76
N VAL C 19 12.56 50.87 19.50
CA VAL C 19 11.22 50.33 19.68
C VAL C 19 10.26 51.29 20.42
N ALA C 20 10.81 52.00 21.40
CA ALA C 20 10.05 52.99 22.18
C ALA C 20 9.51 54.14 21.33
N ALA C 21 10.20 54.46 20.24
CA ALA C 21 9.74 55.48 19.29
C ALA C 21 8.49 55.05 18.49
N ILE C 22 8.33 53.74 18.30
CA ILE C 22 7.15 53.21 17.58
C ILE C 22 5.85 53.40 18.36
N ASP C 23 5.87 52.99 19.63
CA ASP C 23 4.70 53.08 20.49
C ASP C 23 5.18 52.63 21.86
N SER C 24 4.75 53.34 22.91
CA SER C 24 5.19 53.02 24.29
C SER C 24 4.64 51.67 24.77
N ASN C 25 3.56 51.21 24.14
CA ASN C 25 2.94 49.93 24.47
C ASN C 25 3.43 48.78 23.57
N PHE C 26 4.46 49.05 22.76
CA PHE C 26 4.90 48.14 21.68
C PHE C 26 5.25 46.73 22.15
N ALA C 27 5.77 46.63 23.37
CA ALA C 27 6.26 45.34 23.86
C ALA C 27 5.30 44.67 24.84
N SER C 28 4.04 45.13 24.87
CA SER C 28 3.01 44.56 25.74
C SER C 28 2.14 43.53 25.01
N PHE C 29 1.70 42.50 25.72
CA PHE C 29 0.72 41.58 25.16
C PHE C 29 -0.58 42.27 24.75
N THR C 30 -0.84 43.47 25.28
CA THR C 30 -2.07 44.20 24.94
C THR C 30 -1.96 44.91 23.59
N TYR C 31 -0.75 45.11 23.09
CA TYR C 31 -0.54 45.80 21.83
C TYR C 31 -1.06 45.00 20.63
N THR C 32 -1.69 45.70 19.70
CA THR C 32 -2.21 45.10 18.47
C THR C 32 -1.40 45.52 17.25
N PRO C 33 -0.49 44.65 16.76
CA PRO C 33 0.44 45.07 15.71
C PRO C 33 -0.24 45.35 14.38
N ARG C 34 -1.47 44.84 14.22
CA ARG C 34 -2.23 45.13 13.00
C ARG C 34 -2.64 46.61 12.96
N SER C 35 -2.56 47.29 14.10
CA SER C 35 -2.82 48.74 14.16
C SER C 35 -1.71 49.55 13.51
N LEU C 36 -0.54 48.94 13.30
CA LEU C 36 0.58 49.66 12.70
C LEU C 36 0.40 49.76 11.18
N PRO C 37 0.58 50.97 10.60
CA PRO C 37 0.45 51.05 9.14
C PRO C 37 1.40 50.09 8.42
N GLU C 38 0.92 49.48 7.34
CA GLU C 38 1.70 48.47 6.62
C GLU C 38 3.02 49.05 6.11
N ASP C 39 2.99 50.35 5.78
CA ASP C 39 4.18 51.05 5.31
C ASP C 39 5.29 51.19 6.36
N ASP C 40 4.95 50.97 7.63
CA ASP C 40 5.92 51.06 8.73
C ASP C 40 6.40 49.70 9.28
N THR C 41 5.93 48.61 8.69
CA THR C 41 6.16 47.27 9.26
C THR C 41 7.58 46.75 9.04
N SER C 42 8.17 47.02 7.88
CA SER C 42 9.55 46.61 7.64
C SER C 42 10.50 47.29 8.65
N MET C 43 10.31 48.58 8.90
CA MET C 43 11.13 49.25 9.91
C MET C 43 10.89 48.65 11.32
N ALA C 44 9.65 48.27 11.62
CA ALA C 44 9.33 47.66 12.90
C ALA C 44 10.02 46.30 13.06
N ILE C 45 10.11 45.53 11.97
CA ILE C 45 10.89 44.28 11.96
C ILE C 45 12.34 44.56 12.37
N LEU C 46 13.00 45.49 11.67
CA LEU C 46 14.39 45.83 11.99
C LEU C 46 14.56 46.28 13.44
N SER C 47 13.64 47.12 13.91
CA SER C 47 13.62 47.59 15.30
C SER C 47 13.51 46.48 16.33
N MET C 48 12.63 45.51 16.07
CA MET C 48 12.51 44.35 16.95
C MET C 48 13.78 43.52 17.01
N LEU C 49 14.40 43.28 15.84
CA LEU C 49 15.64 42.52 15.75
C LEU C 49 16.80 43.24 16.45
N GLN C 50 16.81 44.57 16.32
CA GLN C 50 17.78 45.43 17.03
C GLN C 50 17.58 45.39 18.53
N ASP C 51 16.31 45.48 18.97
CA ASP C 51 15.94 45.43 20.36
C ASP C 51 16.27 44.09 21.02
N MET C 52 16.16 43.01 20.26
CA MET C 52 16.56 41.69 20.75
C MET C 52 18.08 41.50 20.62
N ASN C 53 18.73 42.52 20.03
CA ASN C 53 20.18 42.63 19.83
C ASN C 53 20.80 41.65 18.83
N PHE C 54 19.97 41.01 18.01
CA PHE C 54 20.41 40.02 17.03
C PHE C 54 21.33 40.55 15.95
N ILE C 55 21.13 41.79 15.53
CA ILE C 55 21.98 42.39 14.51
C ILE C 55 23.41 42.47 15.04
N ASN C 56 23.57 43.14 16.17
CA ASN C 56 24.87 43.27 16.84
C ASN C 56 25.49 41.90 17.22
N ASN C 57 24.70 41.03 17.83
CA ASN C 57 25.22 39.73 18.30
C ASN C 57 25.68 38.75 17.21
N TYR C 58 24.95 38.71 16.10
CA TYR C 58 25.31 37.82 15.00
C TYR C 58 26.03 38.54 13.87
N LYS C 59 26.35 39.81 14.09
CA LYS C 59 27.01 40.66 13.10
C LYS C 59 26.29 40.64 11.76
N ILE C 60 24.97 40.77 11.83
CA ILE C 60 24.13 40.80 10.63
C ILE C 60 24.38 42.11 9.89
N ASP C 61 24.71 42.01 8.60
CA ASP C 61 24.86 43.18 7.74
C ASP C 61 23.50 43.85 7.54
N CYS C 62 23.44 45.13 7.86
CA CYS C 62 22.20 45.87 7.81
C CYS C 62 21.56 46.05 6.43
N PRO C 63 22.32 46.52 5.41
CA PRO C 63 21.73 46.59 4.06
C PRO C 63 21.16 45.25 3.56
N THR C 64 21.88 44.15 3.85
CA THR C 64 21.43 42.78 3.56
C THR C 64 20.11 42.45 4.29
N LEU C 65 20.07 42.73 5.59
CA LEU C 65 18.87 42.54 6.38
C LEU C 65 17.69 43.34 5.82
N ALA C 66 17.94 44.62 5.49
CA ALA C 66 16.94 45.47 4.88
C ALA C 66 16.42 44.88 3.58
N ARG C 67 17.31 44.44 2.68
CA ARG C 67 16.89 43.82 1.42
C ARG C 67 16.12 42.52 1.67
N PHE C 68 16.60 41.72 2.63
CA PHE C 68 15.90 40.47 3.01
C PHE C 68 14.48 40.77 3.47
N CYS C 69 14.32 41.74 4.36
CA CYS C 69 13.00 42.08 4.90
C CYS C 69 12.01 42.54 3.83
N LEU C 70 12.48 43.38 2.90
CA LEU C 70 11.62 43.84 1.81
C LEU C 70 11.20 42.71 0.86
N MET C 71 12.13 41.80 0.56
CA MET C 71 11.84 40.65 -0.32
C MET C 71 10.82 39.69 0.29
N VAL C 72 10.99 39.40 1.58
CA VAL C 72 9.99 38.61 2.36
C VAL C 72 8.60 39.27 2.31
N LYS C 73 8.50 40.54 2.68
CA LYS C 73 7.26 41.28 2.52
C LYS C 73 6.66 41.18 1.10
N LYS C 74 7.49 41.34 0.08
CA LYS C 74 7.04 41.31 -1.31
C LYS C 74 6.57 39.91 -1.69
N GLY C 75 7.06 38.90 -0.96
CA GLY C 75 6.79 37.49 -1.27
C GLY C 75 5.43 36.96 -0.79
N TYR C 76 4.66 37.81 -0.09
CA TYR C 76 3.28 37.50 0.28
C TYR C 76 2.30 38.03 -0.77
N ARG C 77 1.31 37.20 -1.09
CA ARG C 77 0.19 37.61 -1.93
C ARG C 77 -0.85 38.37 -1.07
N ASP C 78 -2.02 38.66 -1.67
CA ASP C 78 -3.00 39.49 -0.98
C ASP C 78 -4.35 38.81 -0.73
N PRO C 79 -4.34 37.56 -0.22
CA PRO C 79 -5.64 37.04 0.17
C PRO C 79 -6.08 37.75 1.45
N PRO C 80 -7.35 37.57 1.86
CA PRO C 80 -7.93 38.29 3.02
C PRO C 80 -7.16 38.07 4.31
N TYR C 81 -6.70 36.83 4.53
CA TYR C 81 -5.99 36.53 5.80
C TYR C 81 -4.50 36.28 5.63
N HIS C 82 -4.14 35.36 4.73
CA HIS C 82 -2.73 34.91 4.64
C HIS C 82 -1.84 35.84 3.81
N ASN C 83 -1.70 37.06 4.31
CA ASN C 83 -0.89 38.12 3.68
C ASN C 83 0.27 38.60 4.59
N TRP C 84 1.00 39.61 4.12
CA TRP C 84 2.10 40.16 4.93
C TRP C 84 1.68 40.60 6.33
N MET C 85 0.51 41.22 6.48
CA MET C 85 0.12 41.72 7.80
C MET C 85 -0.04 40.61 8.83
N HIS C 86 -0.42 39.41 8.35
CA HIS C 86 -0.42 38.21 9.18
C HIS C 86 0.99 37.88 9.63
N ALA C 87 1.87 37.70 8.66
CA ALA C 87 3.31 37.40 8.92
C ALA C 87 3.91 38.42 9.88
N PHE C 88 3.59 39.70 9.65
CA PHE C 88 4.06 40.74 10.53
C PHE C 88 3.52 40.57 11.96
N SER C 89 2.23 40.29 12.10
CA SER C 89 1.63 40.18 13.43
C SER C 89 2.15 38.94 14.15
N VAL C 90 2.40 37.90 13.38
CA VAL C 90 2.97 36.65 13.95
C VAL C 90 4.38 36.93 14.49
N SER C 91 5.18 37.62 13.69
CA SER C 91 6.57 37.98 14.01
C SER C 91 6.60 38.90 15.26
N HIS C 92 5.63 39.82 15.32
CA HIS C 92 5.53 40.69 16.46
C HIS C 92 5.23 39.88 17.73
N PHE C 93 4.37 38.88 17.65
CA PHE C 93 4.08 38.06 18.83
C PHE C 93 5.33 37.30 19.30
N CYS C 94 6.13 36.81 18.35
CA CYS C 94 7.42 36.18 18.68
C CYS C 94 8.28 37.11 19.56
N TYR C 95 8.39 38.35 19.11
CA TYR C 95 9.04 39.41 19.87
C TYR C 95 8.43 39.58 21.25
N LEU C 96 7.10 39.66 21.32
CA LEU C 96 6.43 39.72 22.64
C LEU C 96 6.78 38.55 23.53
N LEU C 97 6.82 37.35 22.96
CA LEU C 97 7.25 36.19 23.71
C LEU C 97 8.67 36.39 24.28
N TYR C 98 9.60 36.82 23.43
CA TYR C 98 10.97 37.12 23.83
C TYR C 98 10.96 38.07 25.02
N LYS C 99 10.28 39.21 24.85
CA LYS C 99 10.27 40.28 25.85
C LYS C 99 9.60 39.94 27.19
N ASN C 100 8.46 39.26 27.14
CA ASN C 100 7.63 39.02 28.34
C ASN C 100 7.89 37.68 29.03
N LEU C 101 8.39 36.70 28.28
CA LEU C 101 8.60 35.38 28.85
C LEU C 101 10.06 35.08 29.10
N GLU C 102 10.94 35.99 28.70
CA GLU C 102 12.36 35.83 28.95
C GLU C 102 12.85 34.53 28.32
N LEU C 103 12.67 34.41 27.01
CA LEU C 103 12.93 33.17 26.30
C LEU C 103 14.39 32.71 26.36
N THR C 104 15.31 33.66 26.53
CA THR C 104 16.74 33.37 26.58
C THR C 104 17.08 32.44 27.75
N ASN C 105 16.14 32.29 28.67
CA ASN C 105 16.26 31.34 29.77
C ASN C 105 15.98 29.91 29.39
N TYR C 106 15.42 29.70 28.19
CA TYR C 106 14.85 28.42 27.77
C TYR C 106 15.46 27.93 26.45
N LEU C 107 15.77 28.86 25.55
CA LEU C 107 16.31 28.47 24.25
C LEU C 107 17.62 29.16 23.94
N GLU C 108 18.40 28.52 23.08
CA GLU C 108 19.62 29.12 22.56
C GLU C 108 19.24 30.38 21.76
N ASP C 109 20.15 31.35 21.73
CA ASP C 109 19.97 32.56 20.94
C ASP C 109 19.63 32.24 19.49
N ILE C 110 20.35 31.27 18.93
CA ILE C 110 20.19 30.90 17.51
C ILE C 110 18.77 30.38 17.23
N GLU C 111 18.19 29.70 18.22
CA GLU C 111 16.85 29.15 18.10
C GLU C 111 15.79 30.23 18.07
N ILE C 112 15.96 31.24 18.94
CA ILE C 112 15.02 32.35 19.03
C ILE C 112 15.09 33.20 17.76
N PHE C 113 16.31 33.46 17.30
CA PHE C 113 16.54 34.11 16.00
C PHE C 113 15.84 33.36 14.89
N ALA C 114 16.04 32.03 14.82
CA ALA C 114 15.39 31.18 13.79
C ALA C 114 13.89 31.27 13.91
N LEU C 115 13.38 31.26 15.14
CA LEU C 115 11.94 31.36 15.37
C LEU C 115 11.41 32.65 14.77
N PHE C 116 12.08 33.77 15.02
CA PHE C 116 11.61 35.05 14.53
C PHE C 116 11.63 35.15 13.00
N ILE C 117 12.74 34.77 12.39
CA ILE C 117 12.90 34.75 10.93
C ILE C 117 11.86 33.78 10.33
N SER C 118 11.64 32.65 11.01
CA SER C 118 10.63 31.69 10.54
C SER C 118 9.25 32.33 10.53
N CYS C 119 8.93 33.04 11.60
CA CYS C 119 7.66 33.78 11.68
C CYS C 119 7.48 34.70 10.46
N MET C 120 8.51 35.48 10.12
CA MET C 120 8.42 36.34 8.96
C MET C 120 8.10 35.56 7.68
N CYS C 121 8.67 34.36 7.56
CA CYS C 121 8.64 33.62 6.28
C CYS C 121 7.59 32.53 6.16
N HIS C 122 6.88 32.28 7.26
CA HIS C 122 6.20 31.00 7.40
C HIS C 122 4.97 30.78 6.51
N ASP C 123 4.43 31.84 5.90
CA ASP C 123 3.27 31.70 4.94
C ASP C 123 3.61 32.29 3.54
N LEU C 124 4.90 32.38 3.18
CA LEU C 124 5.32 33.04 1.93
C LEU C 124 4.56 32.47 0.73
N ASP C 125 4.03 33.36 -0.12
CA ASP C 125 3.34 32.97 -1.37
C ASP C 125 2.08 32.11 -1.14
N HIS C 126 1.46 32.24 0.04
CA HIS C 126 0.20 31.52 0.36
C HIS C 126 -0.88 32.00 -0.64
N ARG C 127 -1.75 31.08 -1.03
CA ARG C 127 -2.79 31.40 -2.05
C ARG C 127 -4.20 31.51 -1.48
N GLY C 128 -4.33 31.42 -0.15
CA GLY C 128 -5.63 31.54 0.52
C GLY C 128 -6.38 30.21 0.51
N THR C 129 -5.67 29.13 0.24
CA THR C 129 -6.26 27.78 0.23
C THR C 129 -5.41 26.78 1.06
N ASN C 130 -6.04 25.73 1.57
CA ASN C 130 -5.31 24.77 2.42
C ASN C 130 -4.60 23.69 1.61
N ASN C 131 -4.00 22.72 2.30
CA ASN C 131 -3.20 21.71 1.66
C ASN C 131 -4.04 20.75 0.82
N SER C 132 -5.17 20.32 1.37
CA SER C 132 -6.01 19.37 0.65
C SER C 132 -6.50 20.00 -0.65
N PHE C 133 -6.75 21.32 -0.65
CA PHE C 133 -7.13 21.99 -1.91
C PHE C 133 -6.03 21.88 -2.96
N GLN C 134 -4.79 22.09 -2.55
CA GLN C 134 -3.69 21.96 -3.52
C GLN C 134 -3.67 20.56 -4.16
N VAL C 135 -3.85 19.54 -3.33
CA VAL C 135 -3.87 18.18 -3.83
C VAL C 135 -5.09 17.90 -4.73
N ALA C 136 -6.27 18.29 -4.28
CA ALA C 136 -7.49 18.05 -5.07
C ALA C 136 -7.49 18.78 -6.42
N SER C 137 -6.85 19.95 -6.46
CA SER C 137 -6.73 20.72 -7.71
C SER C 137 -5.52 20.37 -8.59
N LYS C 138 -4.69 19.44 -8.13
CA LYS C 138 -3.51 18.97 -8.86
C LYS C 138 -2.65 20.17 -9.30
N SER C 139 -2.38 21.05 -8.34
CA SER C 139 -1.51 22.19 -8.56
C SER C 139 -0.09 21.67 -8.72
N VAL C 140 0.77 22.48 -9.29
CA VAL C 140 2.19 22.14 -9.37
C VAL C 140 2.75 21.94 -7.97
N LEU C 141 2.21 22.67 -6.99
CA LEU C 141 2.69 22.53 -5.60
C LEU C 141 2.38 21.13 -5.09
N ALA C 142 1.18 20.64 -5.36
CA ALA C 142 0.83 19.23 -5.02
C ALA C 142 1.75 18.24 -5.75
N ALA C 143 2.02 18.50 -7.03
CA ALA C 143 2.92 17.61 -7.81
C ALA C 143 4.31 17.53 -7.15
N LEU C 144 4.80 18.66 -6.67
CA LEU C 144 6.13 18.68 -6.06
C LEU C 144 6.15 18.13 -4.63
N TYR C 145 5.08 18.35 -3.87
CA TYR C 145 5.11 18.14 -2.39
C TYR C 145 4.09 17.15 -1.76
N SER C 146 3.05 16.76 -2.49
CA SER C 146 1.99 15.94 -1.89
C SER C 146 2.53 14.65 -1.27
N SER C 147 3.50 13.99 -1.91
CA SER C 147 4.03 12.71 -1.36
C SER C 147 4.79 12.87 -0.03
N GLU C 148 5.25 14.08 0.29
CA GLU C 148 5.99 14.30 1.53
C GLU C 148 5.12 14.93 2.61
N GLY C 149 3.89 15.34 2.23
CA GLY C 149 2.94 16.03 3.14
C GLY C 149 3.26 17.51 3.33
N SER C 150 2.37 18.22 4.02
CA SER C 150 2.55 19.65 4.33
C SER C 150 2.91 20.43 3.10
N VAL C 151 2.06 20.31 2.08
CA VAL C 151 2.30 20.92 0.77
C VAL C 151 2.64 22.40 0.86
N MET C 152 1.75 23.19 1.45
CA MET C 152 1.99 24.65 1.44
C MET C 152 3.22 25.00 2.27
N GLU C 153 3.41 24.31 3.40
CA GLU C 153 4.55 24.60 4.27
C GLU C 153 5.89 24.25 3.60
N ARG C 154 5.92 23.19 2.81
CA ARG C 154 7.14 22.92 2.04
C ARG C 154 7.39 24.05 1.01
N HIS C 155 6.32 24.55 0.43
CA HIS C 155 6.44 25.70 -0.49
C HIS C 155 6.97 26.94 0.24
N HIS C 156 6.40 27.26 1.40
CA HIS C 156 6.82 28.44 2.15
C HIS C 156 8.33 28.39 2.43
N PHE C 157 8.78 27.25 2.94
CA PHE C 157 10.21 27.02 3.18
C PHE C 157 11.04 27.18 1.89
N ALA C 158 10.62 26.56 0.81
CA ALA C 158 11.32 26.71 -0.48
C ALA C 158 11.39 28.17 -0.93
N GLN C 159 10.31 28.92 -0.71
CA GLN C 159 10.29 30.35 -1.11
C GLN C 159 11.33 31.12 -0.28
N ALA C 160 11.42 30.77 0.99
CA ALA C 160 12.39 31.36 1.93
C ALA C 160 13.85 31.10 1.51
N ILE C 161 14.17 29.84 1.18
CA ILE C 161 15.46 29.45 0.57
C ILE C 161 15.79 30.26 -0.71
N ALA C 162 14.78 30.49 -1.56
CA ALA C 162 14.95 31.23 -2.82
C ALA C 162 15.29 32.68 -2.51
N ILE C 163 14.66 33.25 -1.49
CA ILE C 163 14.94 34.62 -1.09
C ILE C 163 16.37 34.71 -0.54
N LEU C 164 16.72 33.84 0.40
CA LEU C 164 18.09 33.85 0.94
C LEU C 164 19.14 33.76 -0.17
N ASN C 165 18.82 33.07 -1.26
CA ASN C 165 19.78 32.81 -2.34
C ASN C 165 19.72 33.80 -3.50
N THR C 166 18.99 34.89 -3.27
CA THR C 166 18.94 36.00 -4.20
C THR C 166 20.07 36.92 -3.81
N HIS C 167 20.80 37.43 -4.80
CA HIS C 167 21.91 38.34 -4.52
C HIS C 167 21.51 39.46 -3.58
N GLY C 168 22.33 39.68 -2.55
CA GLY C 168 22.13 40.78 -1.61
C GLY C 168 21.22 40.48 -0.42
N CYS C 169 20.73 39.24 -0.34
CA CYS C 169 19.69 38.88 0.62
C CYS C 169 20.08 37.81 1.63
N ASN C 170 21.27 37.21 1.50
CA ASN C 170 21.63 36.14 2.43
C ASN C 170 22.15 36.69 3.76
N ILE C 171 21.20 36.93 4.66
CA ILE C 171 21.52 37.45 6.00
C ILE C 171 22.42 36.53 6.84
N PHE C 172 22.57 35.27 6.42
CA PHE C 172 23.38 34.30 7.14
C PHE C 172 24.70 33.98 6.46
N ASP C 173 25.11 34.73 5.44
CA ASP C 173 26.18 34.24 4.56
C ASP C 173 27.60 34.34 5.19
N HIS C 174 27.69 35.04 6.32
CA HIS C 174 28.93 35.19 7.08
C HIS C 174 28.96 34.23 8.27
N PHE C 175 27.85 33.56 8.55
CA PHE C 175 27.77 32.59 9.66
C PHE C 175 28.78 31.46 9.50
N SER C 176 29.21 30.86 10.61
CA SER C 176 29.94 29.60 10.55
C SER C 176 29.05 28.50 9.92
N ARG C 177 29.68 27.49 9.35
CA ARG C 177 28.97 26.39 8.69
C ARG C 177 28.03 25.71 9.67
N LYS C 178 28.50 25.47 10.90
CA LYS C 178 27.66 24.88 11.94
C LYS C 178 26.44 25.78 12.23
N ASP C 179 26.65 27.10 12.27
CA ASP C 179 25.55 28.04 12.58
C ASP C 179 24.62 28.20 11.38
N TYR C 180 25.20 28.29 10.19
CA TYR C 180 24.47 28.33 8.92
C TYR C 180 23.57 27.10 8.79
N GLN C 181 24.13 25.92 9.03
CA GLN C 181 23.35 24.66 8.94
C GLN C 181 22.26 24.58 10.00
N ARG C 182 22.58 25.00 11.21
CA ARG C 182 21.62 25.05 12.28
C ARG C 182 20.46 25.99 11.89
N MET C 183 20.77 27.13 11.27
CA MET C 183 19.72 28.09 10.88
C MET C 183 18.74 27.46 9.92
N LEU C 184 19.29 26.88 8.86
CA LEU C 184 18.51 26.17 7.83
C LEU C 184 17.65 25.07 8.42
N ASP C 185 18.25 24.23 9.24
CA ASP C 185 17.54 23.11 9.86
C ASP C 185 16.41 23.60 10.77
N LEU C 186 16.65 24.69 11.50
CA LEU C 186 15.64 25.23 12.39
C LEU C 186 14.52 25.87 11.59
N MET C 187 14.87 26.68 10.58
CA MET C 187 13.85 27.28 9.70
C MET C 187 12.97 26.21 9.06
N ARG C 188 13.59 25.16 8.51
CA ARG C 188 12.78 24.09 7.93
C ARG C 188 11.84 23.48 8.96
N ASP C 189 12.39 23.12 10.13
CA ASP C 189 11.58 22.46 11.15
C ASP C 189 10.45 23.34 11.71
N ILE C 190 10.74 24.62 11.89
CA ILE C 190 9.76 25.54 12.47
C ILE C 190 8.65 25.79 11.44
N ILE C 191 9.03 26.03 10.20
CA ILE C 191 8.01 26.26 9.17
C ILE C 191 7.11 25.04 8.97
N LEU C 192 7.69 23.84 8.98
CA LEU C 192 6.89 22.61 8.91
C LEU C 192 5.92 22.48 10.09
N ALA C 193 6.32 22.96 11.27
CA ALA C 193 5.48 22.93 12.48
C ALA C 193 4.21 23.77 12.38
N THR C 194 4.19 24.71 11.42
CA THR C 194 3.03 25.56 11.22
C THR C 194 1.89 24.85 10.47
N ASP C 195 2.16 23.66 9.92
CA ASP C 195 1.03 22.80 9.47
C ASP C 195 0.19 22.41 10.69
N LEU C 196 -1.08 22.81 10.73
CA LEU C 196 -1.94 22.41 11.83
C LEU C 196 -1.95 20.88 12.05
N ALA C 197 -1.88 20.13 10.96
CA ALA C 197 -1.80 18.63 11.02
C ALA C 197 -0.61 18.15 11.87
N HIS C 198 0.51 18.85 11.76
CA HIS C 198 1.73 18.63 12.56
C HIS C 198 1.46 18.91 14.04
N HIS C 199 0.87 20.08 14.33
CA HIS C 199 0.57 20.40 15.70
C HIS C 199 -0.29 19.32 16.34
N LEU C 200 -1.35 18.93 15.65
CA LEU C 200 -2.29 17.92 16.17
C LEU C 200 -1.60 16.55 16.41
N ARG C 201 -0.64 16.20 15.56
CA ARG C 201 0.14 14.95 15.69
C ARG C 201 1.09 14.97 16.89
N ILE C 202 1.66 16.14 17.20
CA ILE C 202 2.63 16.24 18.30
C ILE C 202 2.02 16.68 19.64
N PHE C 203 0.71 16.89 19.66
CA PHE C 203 0.05 17.47 20.82
C PHE C 203 0.32 16.64 22.09
N LYS C 204 0.19 15.32 21.99
CA LYS C 204 0.50 14.44 23.16
C LYS C 204 1.94 14.59 23.68
N ASP C 205 2.91 14.82 22.79
CA ASP C 205 4.30 15.04 23.20
C ASP C 205 4.51 16.37 23.90
N LEU C 206 3.78 17.41 23.45
CA LEU C 206 3.77 18.74 24.08
C LEU C 206 3.19 18.65 25.49
N GLN C 207 2.07 17.94 25.62
CA GLN C 207 1.46 17.65 26.93
C GLN C 207 2.42 16.94 27.90
N LYS C 208 3.13 15.92 27.40
CA LYS C 208 4.10 15.19 28.20
C LYS C 208 5.23 16.09 28.67
N MET C 209 5.71 16.97 27.78
CA MET C 209 6.77 17.89 28.13
C MET C 209 6.32 18.84 29.24
N ALA C 210 5.08 19.30 29.14
CA ALA C 210 4.51 20.24 30.11
C ALA C 210 4.37 19.55 31.46
N GLU C 211 3.96 18.29 31.44
CA GLU C 211 3.75 17.56 32.69
C GLU C 211 5.06 17.24 33.44
N VAL C 212 6.07 16.75 32.73
CA VAL C 212 7.38 16.44 33.34
C VAL C 212 8.17 17.71 33.69
N GLY C 213 7.96 18.76 32.90
CA GLY C 213 8.66 20.01 33.08
C GLY C 213 9.69 20.18 31.98
N TYR C 214 9.78 21.40 31.47
CA TYR C 214 10.74 21.71 30.43
C TYR C 214 12.18 21.56 30.94
N ASP C 215 12.93 20.70 30.26
CA ASP C 215 14.34 20.47 30.54
C ASP C 215 15.24 21.19 29.53
N ARG C 216 15.83 22.31 29.94
CA ARG C 216 16.69 23.11 29.06
C ARG C 216 17.90 22.32 28.53
N ASN C 217 18.19 21.17 29.14
CA ASN C 217 19.34 20.35 28.74
C ASN C 217 18.93 19.20 27.85
N ASN C 218 17.67 19.22 27.44
CA ASN C 218 17.12 18.20 26.57
C ASN C 218 16.83 18.81 25.19
N LYS C 219 17.53 18.34 24.16
CA LYS C 219 17.42 18.96 22.83
C LYS C 219 16.05 18.70 22.18
N GLN C 220 15.40 17.61 22.59
CA GLN C 220 14.06 17.30 22.11
C GLN C 220 13.02 18.27 22.70
N HIS C 221 13.21 18.65 23.95
CA HIS C 221 12.38 19.72 24.54
C HIS C 221 12.59 21.04 23.80
N HIS C 222 13.83 21.36 23.43
CA HIS C 222 14.10 22.56 22.61
C HIS C 222 13.24 22.53 21.34
N ARG C 223 13.25 21.37 20.68
CA ARG C 223 12.48 21.16 19.43
C ARG C 223 10.99 21.34 19.60
N LEU C 224 10.43 20.67 20.60
CA LEU C 224 8.98 20.71 20.85
C LEU C 224 8.53 22.10 21.27
N LEU C 225 9.38 22.78 22.03
CA LEU C 225 8.99 24.10 22.55
C LEU C 225 8.97 25.09 21.38
N LEU C 226 9.95 24.96 20.49
CA LEU C 226 9.96 25.74 19.25
C LEU C 226 8.65 25.53 18.47
N CYS C 227 8.19 24.28 18.35
CA CYS C 227 6.88 24.02 17.68
C CYS C 227 5.72 24.74 18.36
N LEU C 228 5.62 24.60 19.68
CA LEU C 228 4.52 25.21 20.43
C LEU C 228 4.57 26.74 20.36
N LEU C 229 5.76 27.33 20.45
CA LEU C 229 5.85 28.81 20.34
C LEU C 229 5.43 29.29 18.96
N MET C 230 5.85 28.57 17.92
CA MET C 230 5.48 28.92 16.55
C MET C 230 3.95 28.90 16.42
N THR C 231 3.33 27.84 16.93
CA THR C 231 1.89 27.70 16.82
C THR C 231 1.20 28.85 17.56
N SER C 232 1.74 29.22 18.72
CA SER C 232 1.11 30.26 19.52
C SER C 232 1.28 31.62 18.83
N CYS C 233 2.40 31.81 18.13
CA CYS C 233 2.56 33.01 17.28
C CYS C 233 1.49 33.01 16.19
N ASP C 234 1.26 31.85 15.58
CA ASP C 234 0.38 31.76 14.39
C ASP C 234 -1.09 32.10 14.73
N LEU C 235 -1.50 31.79 15.97
CA LEU C 235 -2.89 31.98 16.40
C LEU C 235 -3.08 33.20 17.29
N SER C 236 -2.04 34.00 17.42
CA SER C 236 -1.97 35.06 18.39
C SER C 236 -3.05 36.14 18.26
N ASP C 237 -3.69 36.24 17.08
CA ASP C 237 -4.82 37.16 16.91
C ASP C 237 -5.91 36.85 17.95
N GLN C 238 -5.97 35.61 18.44
CA GLN C 238 -6.99 35.24 19.41
C GLN C 238 -6.73 35.76 20.83
N THR C 239 -5.53 36.29 21.05
CA THR C 239 -5.06 36.71 22.38
C THR C 239 -5.19 38.23 22.60
N LYS C 240 -5.76 38.93 21.63
CA LYS C 240 -6.01 40.37 21.75
C LYS C 240 -7.44 40.61 22.26
N GLY C 241 -8.04 41.71 21.86
CA GLY C 241 -9.41 42.00 22.28
C GLY C 241 -10.47 41.43 21.37
N TRP C 242 -11.72 41.86 21.58
CA TRP C 242 -12.84 41.45 20.74
C TRP C 242 -12.73 41.88 19.29
N LYS C 243 -12.37 43.14 19.04
CA LYS C 243 -12.32 43.65 17.67
C LYS C 243 -11.39 42.81 16.79
N THR C 244 -10.29 42.36 17.38
CA THR C 244 -9.34 41.51 16.64
C THR C 244 -9.90 40.14 16.28
N THR C 245 -10.46 39.44 17.25
CA THR C 245 -10.96 38.08 16.94
C THR C 245 -12.17 38.18 15.98
N ARG C 246 -12.99 39.22 16.16
CA ARG C 246 -14.11 39.46 15.25
C ARG C 246 -13.64 39.69 13.81
N LYS C 247 -12.65 40.59 13.64
CA LYS C 247 -12.15 40.93 12.31
C LYS C 247 -11.47 39.73 11.67
N ILE C 248 -10.68 39.01 12.46
CA ILE C 248 -9.97 37.82 11.91
C ILE C 248 -10.93 36.74 11.47
N ALA C 249 -12.03 36.54 12.22
CA ALA C 249 -13.05 35.58 11.81
C ALA C 249 -13.60 35.92 10.43
N GLU C 250 -13.85 37.21 10.21
CA GLU C 250 -14.27 37.65 8.90
C GLU C 250 -13.28 37.28 7.78
N LEU C 251 -12.01 37.62 7.97
CA LEU C 251 -10.96 37.32 6.99
C LEU C 251 -10.79 35.83 6.73
N ILE C 252 -10.78 35.06 7.82
CA ILE C 252 -10.65 33.56 7.76
C ILE C 252 -11.82 32.95 7.01
N TYR C 253 -13.04 33.36 7.38
CA TYR C 253 -14.19 32.78 6.70
C TYR C 253 -14.35 33.25 5.25
N LYS C 254 -13.95 34.48 4.95
CA LYS C 254 -13.82 34.87 3.54
C LYS C 254 -12.91 33.91 2.76
N GLU C 255 -11.72 33.66 3.30
CA GLU C 255 -10.82 32.70 2.64
C GLU C 255 -11.44 31.30 2.49
N PHE C 256 -11.98 30.78 3.58
CA PHE C 256 -12.55 29.44 3.61
C PHE C 256 -13.69 29.36 2.58
N PHE C 257 -14.55 30.38 2.57
CA PHE C 257 -15.73 30.31 1.69
C PHE C 257 -15.35 30.42 0.21
N SER C 258 -14.31 31.20 -0.10
CA SER C 258 -13.82 31.29 -1.45
C SER C 258 -13.22 29.94 -1.90
N GLN C 259 -12.53 29.28 -0.97
CA GLN C 259 -12.03 27.94 -1.26
C GLN C 259 -13.17 26.95 -1.57
N GLY C 260 -14.20 26.95 -0.72
CA GLY C 260 -15.41 26.13 -0.92
C GLY C 260 -16.03 26.39 -2.28
N ASP C 261 -16.09 27.66 -2.67
CA ASP C 261 -16.64 28.04 -3.99
C ASP C 261 -15.86 27.43 -5.13
N LEU C 262 -14.53 27.45 -5.03
CA LEU C 262 -13.67 26.85 -6.02
C LEU C 262 -13.88 25.36 -6.08
N GLU C 263 -14.07 24.74 -4.91
CA GLU C 263 -14.26 23.29 -4.80
C GLU C 263 -15.55 22.88 -5.49
N LYS C 264 -16.59 23.69 -5.29
CA LYS C 264 -17.92 23.46 -5.90
C LYS C 264 -17.83 23.54 -7.42
N ALA C 265 -17.10 24.54 -7.92
CA ALA C 265 -16.86 24.70 -9.36
C ALA C 265 -16.05 23.55 -9.97
N MET C 266 -15.30 22.84 -9.13
CA MET C 266 -14.56 21.63 -9.53
C MET C 266 -15.41 20.36 -9.50
N GLY C 267 -16.64 20.48 -9.05
CA GLY C 267 -17.52 19.32 -8.92
C GLY C 267 -17.26 18.55 -7.63
N ASN C 268 -16.63 19.20 -6.66
CA ASN C 268 -16.41 18.60 -5.34
C ASN C 268 -17.38 19.16 -4.30
N ARG C 269 -17.43 18.52 -3.15
CA ARG C 269 -18.25 19.03 -2.06
C ARG C 269 -17.33 19.54 -0.92
N PRO C 270 -17.37 20.85 -0.61
CA PRO C 270 -16.44 21.35 0.43
C PRO C 270 -16.80 20.79 1.80
N MET C 271 -15.87 20.83 2.74
CA MET C 271 -16.20 20.57 4.13
C MET C 271 -17.23 21.66 4.55
N GLU C 272 -18.11 21.32 5.50
CA GLU C 272 -19.13 22.25 5.97
C GLU C 272 -18.57 23.65 6.25
N MET C 273 -17.44 23.70 6.96
CA MET C 273 -16.83 24.98 7.35
C MET C 273 -16.38 25.86 6.18
N MET C 274 -16.27 25.29 4.99
CA MET C 274 -15.91 26.08 3.82
C MET C 274 -17.08 26.28 2.85
N ASP C 275 -18.27 25.89 3.31
CA ASP C 275 -19.45 25.93 2.48
C ASP C 275 -20.33 27.10 2.98
N ARG C 276 -20.31 28.20 2.27
CA ARG C 276 -21.02 29.40 2.75
C ARG C 276 -22.53 29.19 2.87
N GLU C 277 -23.04 28.13 2.25
CA GLU C 277 -24.48 27.77 2.37
C GLU C 277 -24.78 26.93 3.62
N LYS C 278 -23.75 26.30 4.18
CA LYS C 278 -23.91 25.48 5.38
C LYS C 278 -23.26 26.04 6.63
N ALA C 279 -22.12 26.71 6.47
CA ALA C 279 -21.34 27.13 7.63
C ALA C 279 -22.17 28.01 8.59
N TYR C 280 -22.16 27.64 9.87
CA TYR C 280 -22.71 28.47 10.94
C TYR C 280 -21.56 29.01 11.79
N ILE C 281 -21.15 30.24 11.47
CA ILE C 281 -19.88 30.81 11.96
C ILE C 281 -19.68 30.76 13.47
N PRO C 282 -20.69 31.16 14.28
CA PRO C 282 -20.39 31.16 15.72
C PRO C 282 -20.08 29.77 16.28
N GLU C 283 -20.77 28.75 15.77
CA GLU C 283 -20.57 27.35 16.16
C GLU C 283 -19.12 26.95 15.82
N LEU C 284 -18.75 27.21 14.57
CA LEU C 284 -17.43 26.86 14.05
C LEU C 284 -16.33 27.62 14.79
N GLN C 285 -16.52 28.93 14.94
CA GLN C 285 -15.55 29.75 15.67
C GLN C 285 -15.39 29.27 17.11
N ILE C 286 -16.50 28.99 17.79
CA ILE C 286 -16.43 28.55 19.17
C ILE C 286 -15.71 27.19 19.27
N SER C 287 -15.94 26.31 18.31
CA SER C 287 -15.27 24.98 18.32
C SER C 287 -13.75 25.12 18.12
N PHE C 288 -13.37 25.95 17.17
CA PHE C 288 -11.97 26.28 16.98
C PHE C 288 -11.32 26.78 18.28
N MET C 289 -11.97 27.77 18.93
CA MET C 289 -11.39 28.37 20.12
C MET C 289 -11.29 27.39 21.30
N GLU C 290 -12.32 26.58 21.49
CA GLU C 290 -12.40 25.66 22.62
C GLU C 290 -11.46 24.47 22.43
N HIS C 291 -11.40 23.95 21.21
CA HIS C 291 -10.74 22.66 20.96
C HIS C 291 -9.34 22.72 20.35
N ILE C 292 -9.02 23.87 19.74
CA ILE C 292 -7.70 24.12 19.16
C ILE C 292 -6.92 25.26 19.85
N ALA C 293 -7.48 26.46 19.88
CA ALA C 293 -6.71 27.61 20.39
C ALA C 293 -6.49 27.56 21.90
N MET C 294 -7.57 27.37 22.67
CA MET C 294 -7.45 27.32 24.12
C MET C 294 -6.45 26.29 24.64
N PRO C 295 -6.51 25.01 24.15
CA PRO C 295 -5.46 24.03 24.53
C PRO C 295 -4.00 24.47 24.31
N ILE C 296 -3.72 25.22 23.24
CA ILE C 296 -2.39 25.72 22.96
C ILE C 296 -1.95 26.75 24.01
N TYR C 297 -2.82 27.71 24.28
CA TYR C 297 -2.48 28.75 25.23
C TYR C 297 -2.48 28.23 26.66
N LYS C 298 -3.27 27.19 26.91
CA LYS C 298 -3.22 26.48 28.20
C LYS C 298 -1.86 25.79 28.43
N LEU C 299 -1.36 25.07 27.42
CA LEU C 299 0.00 24.51 27.52
C LEU C 299 1.07 25.60 27.71
N LEU C 300 0.93 26.71 26.99
CA LEU C 300 1.88 27.82 27.11
C LEU C 300 1.92 28.34 28.57
N GLN C 301 0.74 28.41 29.18
CA GLN C 301 0.58 28.79 30.59
C GLN C 301 1.19 27.75 31.54
N ASP C 302 1.08 26.48 31.19
CA ASP C 302 1.69 25.42 32.02
C ASP C 302 3.21 25.61 32.06
N LEU C 303 3.81 26.00 30.93
CA LEU C 303 5.25 26.12 30.81
C LEU C 303 5.76 27.46 31.32
N PHE C 304 4.96 28.49 31.08
CA PHE C 304 5.33 29.87 31.39
C PHE C 304 4.17 30.49 32.18
N PRO C 305 4.29 30.59 33.51
CA PRO C 305 3.19 31.24 34.26
C PRO C 305 2.90 32.70 33.86
N LYS C 306 3.89 33.42 33.37
CA LYS C 306 3.68 34.78 32.82
C LYS C 306 2.79 34.84 31.56
N ALA C 307 2.49 33.69 30.96
CA ALA C 307 1.60 33.63 29.80
C ALA C 307 0.12 33.41 30.16
N ALA C 308 -0.18 33.37 31.46
CA ALA C 308 -1.57 33.16 31.90
C ALA C 308 -2.58 34.16 31.30
N GLU C 309 -2.15 35.42 31.12
CA GLU C 309 -3.06 36.45 30.59
C GLU C 309 -3.49 36.14 29.16
N LEU C 310 -2.60 35.49 28.42
CA LEU C 310 -2.89 35.07 27.05
C LEU C 310 -4.04 34.07 27.02
N TYR C 311 -3.95 33.02 27.84
CA TYR C 311 -5.05 32.07 27.97
C TYR C 311 -6.36 32.73 28.42
N GLU C 312 -6.26 33.64 29.39
CA GLU C 312 -7.39 34.40 29.86
C GLU C 312 -8.05 35.20 28.74
N ARG C 313 -7.24 35.81 27.88
CA ARG C 313 -7.80 36.59 26.75
C ARG C 313 -8.52 35.69 25.78
N VAL C 314 -7.90 34.55 25.42
CA VAL C 314 -8.56 33.59 24.50
C VAL C 314 -9.88 33.13 25.11
N ALA C 315 -9.87 32.76 26.38
CA ALA C 315 -11.10 32.30 27.05
C ALA C 315 -12.20 33.39 27.11
N SER C 316 -11.78 34.63 27.38
CA SER C 316 -12.72 35.77 27.40
C SER C 316 -13.30 36.06 26.02
N ASN C 317 -12.46 35.95 24.99
CA ASN C 317 -12.94 36.08 23.62
C ASN C 317 -13.93 35.00 23.23
N ARG C 318 -13.70 33.76 23.67
CA ARG C 318 -14.63 32.67 23.40
C ARG C 318 -16.00 32.96 24.01
N GLU C 319 -15.98 33.46 25.24
CA GLU C 319 -17.20 33.86 25.95
C GLU C 319 -17.97 34.93 25.19
N HIS C 320 -17.25 35.89 24.61
CA HIS C 320 -17.84 36.96 23.82
C HIS C 320 -18.56 36.41 22.60
N TRP C 321 -17.93 35.44 21.93
CA TRP C 321 -18.54 34.79 20.79
C TRP C 321 -19.85 34.13 21.23
N THR C 322 -19.86 33.47 22.39
CA THR C 322 -21.09 32.81 22.83
C THR C 322 -22.18 33.87 23.06
N LYS C 323 -21.77 35.03 23.56
CA LYS C 323 -22.66 36.16 23.88
C LYS C 323 -23.26 36.85 22.65
N VAL C 324 -22.59 36.80 21.50
CA VAL C 324 -23.12 37.41 20.27
C VAL C 324 -23.69 36.42 19.24
N SER C 325 -23.69 35.13 19.58
CA SER C 325 -24.16 34.09 18.68
C SER C 325 -25.60 34.34 18.22
N HIS C 326 -26.44 34.82 19.14
CA HIS C 326 -27.86 35.07 18.88
C HIS C 326 -28.11 36.03 17.71
N LYS C 327 -27.11 36.84 17.37
CA LYS C 327 -27.24 37.80 16.28
C LYS C 327 -27.28 37.16 14.89
N PHE C 328 -26.91 35.87 14.82
CA PHE C 328 -26.91 35.14 13.55
C PHE C 328 -28.29 34.52 13.27
N THR C 329 -29.24 34.80 14.18
CA THR C 329 -30.66 34.47 13.96
C THR C 329 -31.41 35.79 13.80
N ILE C 330 -32.18 35.87 12.72
CA ILE C 330 -32.93 37.09 12.41
C ILE C 330 -34.16 37.16 13.31
N ARG C 331 -34.10 38.04 14.31
CA ARG C 331 -35.28 38.36 15.13
C ARG C 331 -35.92 39.69 14.67
N GLY C 332 -37.22 39.86 14.93
CA GLY C 332 -37.95 40.96 14.33
C GLY C 332 -37.93 40.92 12.81
N LEU C 333 -37.87 42.08 12.19
CA LEU C 333 -37.77 42.18 10.75
C LEU C 333 -36.37 42.71 10.41
N PRO C 334 -35.88 42.39 9.20
CA PRO C 334 -34.67 43.07 8.70
C PRO C 334 -34.84 44.58 8.70
N SER C 335 -33.72 45.31 8.69
CA SER C 335 -33.70 46.77 8.76
C SER C 335 -34.60 47.44 7.72
N ASN C 336 -34.71 46.82 6.55
CA ASN C 336 -35.57 47.37 5.50
C ASN C 336 -37.07 47.13 5.72
N ASN C 337 -37.41 46.42 6.80
CA ASN C 337 -38.80 46.04 7.10
C ASN C 337 -39.43 45.12 6.08
N SER C 338 -38.59 44.36 5.38
CA SER C 338 -39.04 43.47 4.34
C SER C 338 -38.64 42.05 4.64
N LEU C 339 -39.49 41.11 4.22
CA LEU C 339 -39.12 39.69 4.24
C LEU C 339 -38.66 39.23 2.84
N ASP C 340 -38.29 40.20 1.99
CA ASP C 340 -37.77 39.94 0.62
C ASP C 340 -36.40 39.25 0.55
N PHE C 341 -36.11 38.41 1.54
CA PHE C 341 -34.95 37.55 1.48
C PHE C 341 -35.44 36.10 1.49
N LEU C 342 -36.74 35.93 1.76
CA LEU C 342 -37.35 34.61 1.80
C LEU C 342 -37.72 34.11 0.39
N TYR D 8 11.20 21.60 -32.81
CA TYR D 8 12.14 22.24 -33.79
C TYR D 8 11.95 21.76 -35.24
N THR D 9 12.51 22.56 -36.14
CA THR D 9 12.23 22.52 -37.56
C THR D 9 12.61 21.22 -38.28
N LYS D 10 13.78 20.68 -37.97
CA LYS D 10 14.26 19.47 -38.59
C LYS D 10 13.41 18.22 -38.26
N LEU D 11 12.98 18.11 -37.00
CA LEU D 11 12.08 17.03 -36.59
C LEU D 11 10.76 17.12 -37.32
N LEU D 12 10.22 18.34 -37.38
CA LEU D 12 8.94 18.57 -38.05
C LEU D 12 9.04 18.28 -39.55
N HIS D 13 10.10 18.79 -40.17
CA HIS D 13 10.33 18.59 -41.62
C HIS D 13 10.36 17.10 -41.98
N ASP D 14 11.20 16.35 -41.29
CA ASP D 14 11.44 14.94 -41.62
C ASP D 14 10.29 13.97 -41.35
N GLY D 15 9.49 14.28 -40.33
CA GLY D 15 8.48 13.36 -39.83
C GLY D 15 9.13 12.25 -39.01
N ILE D 16 8.31 11.48 -38.31
CA ILE D 16 8.82 10.37 -37.50
C ILE D 16 9.30 9.22 -38.39
N GLN D 17 10.57 8.86 -38.20
CA GLN D 17 11.30 7.89 -39.02
C GLN D 17 11.01 6.47 -38.50
N PRO D 18 10.81 5.49 -39.41
CA PRO D 18 10.71 4.11 -38.93
C PRO D 18 12.02 3.67 -38.28
N VAL D 19 11.90 2.85 -37.23
CA VAL D 19 13.05 2.38 -36.48
C VAL D 19 14.13 1.76 -37.40
N ALA D 20 13.71 0.97 -38.38
CA ALA D 20 14.66 0.34 -39.33
C ALA D 20 15.48 1.33 -40.16
N ALA D 21 14.91 2.49 -40.48
CA ALA D 21 15.64 3.51 -41.23
C ALA D 21 16.82 4.11 -40.45
N ILE D 22 16.77 4.02 -39.12
CA ILE D 22 17.86 4.48 -38.27
C ILE D 22 19.03 3.51 -38.31
N ASP D 23 18.77 2.25 -37.97
CA ASP D 23 19.76 1.20 -38.05
C ASP D 23 19.02 -0.12 -38.07
N SER D 24 19.45 -1.04 -38.93
CA SER D 24 18.80 -2.36 -39.04
C SER D 24 18.88 -3.11 -37.71
N ASN D 25 19.81 -2.69 -36.86
CA ASN D 25 20.05 -3.38 -35.61
C ASN D 25 19.51 -2.63 -34.39
N PHE D 26 18.77 -1.56 -34.65
CA PHE D 26 18.33 -0.61 -33.60
C PHE D 26 17.60 -1.23 -32.41
N ALA D 27 16.84 -2.29 -32.65
CA ALA D 27 16.09 -2.95 -31.56
C ALA D 27 16.75 -4.17 -30.95
N SER D 28 18.05 -4.37 -31.21
CA SER D 28 18.79 -5.50 -30.66
C SER D 28 19.60 -5.10 -29.42
N PHE D 29 19.75 -6.04 -28.49
CA PHE D 29 20.63 -5.85 -27.32
C PHE D 29 22.09 -5.58 -27.68
N THR D 30 22.52 -6.04 -28.86
CA THR D 30 23.91 -5.83 -29.32
C THR D 30 24.16 -4.37 -29.74
N TYR D 31 23.08 -3.65 -30.00
CA TYR D 31 23.18 -2.29 -30.48
C TYR D 31 23.70 -1.32 -29.40
N THR D 32 24.63 -0.46 -29.80
CA THR D 32 25.20 0.55 -28.90
C THR D 32 24.64 1.94 -29.22
N PRO D 33 23.62 2.41 -28.46
CA PRO D 33 23.02 3.71 -28.80
C PRO D 33 23.97 4.90 -28.77
N ARG D 34 25.08 4.78 -28.06
CA ARG D 34 26.05 5.89 -28.01
C ARG D 34 26.72 6.15 -29.37
N SER D 35 26.61 5.17 -30.27
CA SER D 35 27.09 5.28 -31.67
C SER D 35 26.26 6.26 -32.51
N LEU D 36 25.03 6.55 -32.09
CA LEU D 36 24.17 7.47 -32.84
C LEU D 36 24.68 8.88 -32.67
N PRO D 37 24.78 9.66 -33.77
CA PRO D 37 25.20 11.04 -33.56
C PRO D 37 24.25 11.79 -32.65
N GLU D 38 24.79 12.60 -31.74
CA GLU D 38 23.93 13.34 -30.82
C GLU D 38 22.81 14.14 -31.48
N ASP D 39 23.09 14.69 -32.67
CA ASP D 39 22.10 15.47 -33.41
C ASP D 39 20.92 14.66 -33.98
N ASP D 40 20.97 13.33 -33.87
CA ASP D 40 19.88 12.49 -34.34
C ASP D 40 19.07 11.84 -33.21
N THR D 41 19.45 12.13 -31.98
CA THR D 41 18.89 11.39 -30.84
C THR D 41 17.43 11.73 -30.56
N SER D 42 17.05 13.00 -30.72
CA SER D 42 15.65 13.43 -30.57
C SER D 42 14.71 12.74 -31.56
N MET D 43 15.19 12.60 -32.80
CA MET D 43 14.49 11.86 -33.83
C MET D 43 14.31 10.44 -33.37
N ALA D 44 15.39 9.85 -32.82
CA ALA D 44 15.39 8.47 -32.33
C ALA D 44 14.41 8.26 -31.18
N ILE D 45 14.30 9.24 -30.26
CA ILE D 45 13.29 9.18 -29.21
C ILE D 45 11.86 9.10 -29.78
N LEU D 46 11.55 9.95 -30.74
CA LEU D 46 10.24 9.95 -31.39
C LEU D 46 9.99 8.65 -32.13
N SER D 47 11.03 8.15 -32.80
CA SER D 47 10.93 6.87 -33.52
C SER D 47 10.59 5.75 -32.57
N MET D 48 11.24 5.74 -31.41
CA MET D 48 11.04 4.62 -30.47
C MET D 48 9.63 4.70 -29.94
N LEU D 49 9.18 5.91 -29.62
CA LEU D 49 7.85 6.07 -29.06
C LEU D 49 6.79 5.68 -30.08
N GLN D 50 7.05 6.00 -31.35
CA GLN D 50 6.14 5.60 -32.45
C GLN D 50 6.12 4.09 -32.62
N ASP D 51 7.30 3.46 -32.52
CA ASP D 51 7.44 2.00 -32.68
C ASP D 51 6.76 1.21 -31.57
N MET D 52 6.65 1.81 -30.39
CA MET D 52 5.92 1.22 -29.27
C MET D 52 4.42 1.60 -29.34
N ASN D 53 4.10 2.45 -30.31
CA ASN D 53 2.75 2.96 -30.55
C ASN D 53 2.17 3.82 -29.41
N PHE D 54 3.04 4.39 -28.56
CA PHE D 54 2.54 5.25 -27.48
C PHE D 54 1.94 6.57 -27.95
N ILE D 55 2.40 7.07 -29.10
CA ILE D 55 1.93 8.32 -29.65
C ILE D 55 0.47 8.18 -30.05
N ASN D 56 0.19 7.16 -30.85
CA ASN D 56 -1.19 6.90 -31.29
C ASN D 56 -2.06 6.40 -30.13
N ASN D 57 -1.54 5.46 -29.37
CA ASN D 57 -2.34 4.93 -28.27
C ASN D 57 -2.78 5.92 -27.17
N TYR D 58 -1.91 6.88 -26.83
CA TYR D 58 -2.24 7.95 -25.87
C TYR D 58 -2.67 9.28 -26.46
N LYS D 59 -2.74 9.32 -27.80
CA LYS D 59 -3.14 10.51 -28.57
C LYS D 59 -2.28 11.71 -28.20
N ILE D 60 -0.97 11.47 -28.18
CA ILE D 60 -0.03 12.52 -27.84
C ILE D 60 0.14 13.46 -29.02
N ASP D 61 -0.02 14.76 -28.79
CA ASP D 61 0.22 15.76 -29.84
C ASP D 61 1.69 15.78 -30.27
N CYS D 62 1.95 15.58 -31.55
CA CYS D 62 3.32 15.43 -32.05
C CYS D 62 4.23 16.67 -31.88
N PRO D 63 3.74 17.89 -32.25
CA PRO D 63 4.65 19.03 -31.96
C PRO D 63 4.98 19.19 -30.47
N THR D 64 3.97 19.03 -29.60
CA THR D 64 4.18 19.05 -28.14
C THR D 64 5.27 18.06 -27.73
N LEU D 65 5.18 16.82 -28.23
CA LEU D 65 6.19 15.78 -27.96
C LEU D 65 7.60 16.18 -28.42
N ALA D 66 7.72 16.68 -29.65
CA ALA D 66 8.99 17.22 -30.12
C ALA D 66 9.52 18.29 -29.19
N ARG D 67 8.66 19.24 -28.81
CA ARG D 67 9.07 20.36 -27.93
C ARG D 67 9.52 19.79 -26.57
N PHE D 68 8.75 18.84 -26.06
CA PHE D 68 9.10 18.20 -24.79
C PHE D 68 10.45 17.51 -24.85
N CYS D 69 10.67 16.72 -25.90
CA CYS D 69 11.93 16.00 -26.05
C CYS D 69 13.13 16.94 -26.12
N LEU D 70 13.00 18.00 -26.92
CA LEU D 70 14.09 18.98 -27.04
C LEU D 70 14.37 19.73 -25.75
N MET D 71 13.31 20.00 -25.00
CA MET D 71 13.44 20.69 -23.71
C MET D 71 14.12 19.79 -22.70
N VAL D 72 13.74 18.51 -22.73
CA VAL D 72 14.42 17.52 -21.91
C VAL D 72 15.91 17.43 -22.27
N LYS D 73 16.21 17.28 -23.55
CA LYS D 73 17.58 17.25 -24.02
C LYS D 73 18.37 18.49 -23.54
N LYS D 74 17.74 19.66 -23.65
CA LYS D 74 18.37 20.95 -23.26
C LYS D 74 18.64 20.98 -21.77
N GLY D 75 17.82 20.25 -21.01
CA GLY D 75 17.86 20.29 -19.54
C GLY D 75 19.03 19.53 -18.93
N TYR D 76 19.81 18.84 -19.77
CA TYR D 76 21.06 18.16 -19.38
C TYR D 76 22.26 19.10 -19.50
N ARG D 77 23.09 19.14 -18.46
CA ARG D 77 24.41 19.82 -18.52
C ARG D 77 25.41 18.92 -19.23
N ASP D 78 26.69 19.32 -19.24
CA ASP D 78 27.69 18.49 -19.90
C ASP D 78 28.87 18.03 -19.01
N PRO D 79 28.56 17.37 -17.87
CA PRO D 79 29.64 16.66 -17.20
C PRO D 79 30.09 15.47 -18.06
N PRO D 80 31.23 14.83 -17.71
CA PRO D 80 31.73 13.71 -18.52
C PRO D 80 30.72 12.54 -18.72
N TYR D 81 29.96 12.19 -17.68
CA TYR D 81 29.04 11.04 -17.79
C TYR D 81 27.56 11.42 -17.77
N HIS D 82 27.16 12.25 -16.81
CA HIS D 82 25.73 12.52 -16.54
C HIS D 82 25.17 13.61 -17.44
N ASN D 83 25.17 13.31 -18.73
CA ASN D 83 24.74 14.24 -19.76
C ASN D 83 23.59 13.61 -20.57
N TRP D 84 23.15 14.34 -21.58
CA TRP D 84 22.06 13.83 -22.44
C TRP D 84 22.31 12.47 -23.11
N MET D 85 23.51 12.21 -23.60
CA MET D 85 23.78 10.91 -24.22
C MET D 85 23.57 9.77 -23.23
N HIS D 86 23.79 10.05 -21.95
CA HIS D 86 23.47 9.04 -20.92
C HIS D 86 21.96 8.81 -20.87
N ALA D 87 21.18 9.88 -20.74
CA ALA D 87 19.71 9.79 -20.70
C ALA D 87 19.19 9.12 -21.96
N PHE D 88 19.75 9.47 -23.11
CA PHE D 88 19.32 8.83 -24.37
C PHE D 88 19.59 7.31 -24.37
N SER D 89 20.78 6.92 -23.97
CA SER D 89 21.15 5.51 -23.98
C SER D 89 20.32 4.71 -22.96
N VAL D 90 19.99 5.35 -21.83
CA VAL D 90 19.13 4.72 -20.81
C VAL D 90 17.71 4.50 -21.38
N SER D 91 17.19 5.53 -22.06
CA SER D 91 15.85 5.50 -22.69
C SER D 91 15.85 4.41 -23.79
N HIS D 92 16.94 4.33 -24.56
CA HIS D 92 17.07 3.30 -25.60
C HIS D 92 17.01 1.88 -24.99
N PHE D 93 17.68 1.68 -23.85
CA PHE D 93 17.59 0.38 -23.21
C PHE D 93 16.17 0.01 -22.80
N CYS D 94 15.43 0.99 -22.29
CA CYS D 94 14.03 0.78 -21.91
C CYS D 94 13.26 0.26 -23.11
N TYR D 95 13.44 0.94 -24.23
CA TYR D 95 12.89 0.47 -25.52
C TYR D 95 13.31 -0.97 -25.86
N LEU D 96 14.60 -1.29 -25.72
CA LEU D 96 15.07 -2.65 -25.91
C LEU D 96 14.36 -3.68 -25.04
N LEU D 97 14.13 -3.34 -23.77
CA LEU D 97 13.44 -4.26 -22.87
C LEU D 97 11.99 -4.45 -23.34
N TYR D 98 11.35 -3.37 -23.78
CA TYR D 98 10.01 -3.48 -24.41
C TYR D 98 10.03 -4.44 -25.62
N LYS D 99 11.04 -4.32 -26.47
CA LYS D 99 11.05 -5.06 -27.74
C LYS D 99 11.46 -6.52 -27.59
N ASN D 100 12.28 -6.82 -26.57
CA ASN D 100 12.90 -8.13 -26.42
C ASN D 100 12.33 -8.95 -25.26
N LEU D 101 11.78 -8.28 -24.27
CA LEU D 101 11.21 -9.01 -23.16
C LEU D 101 9.71 -8.81 -23.28
N GLU D 102 8.94 -9.68 -22.66
CA GLU D 102 7.49 -9.60 -22.86
C GLU D 102 6.94 -8.68 -21.76
N LEU D 103 7.33 -7.40 -21.80
CA LEU D 103 6.97 -6.51 -20.67
C LEU D 103 5.48 -6.28 -20.53
N THR D 104 4.76 -6.34 -21.66
CA THR D 104 3.32 -6.16 -21.63
C THR D 104 2.67 -7.34 -20.92
N ASN D 105 3.34 -8.49 -20.83
CA ASN D 105 2.84 -9.63 -20.00
C ASN D 105 2.82 -9.34 -18.50
N TYR D 106 3.65 -8.38 -18.06
CA TYR D 106 3.87 -8.10 -16.65
C TYR D 106 3.43 -6.70 -16.20
N LEU D 107 3.47 -5.73 -17.11
CA LEU D 107 3.22 -4.35 -16.74
C LEU D 107 2.11 -3.75 -17.59
N GLU D 108 1.39 -2.80 -16.99
CA GLU D 108 0.41 -1.98 -17.67
C GLU D 108 1.11 -1.08 -18.70
N ASP D 109 0.37 -0.70 -19.74
CA ASP D 109 0.89 0.13 -20.81
C ASP D 109 1.35 1.47 -20.26
N ILE D 110 0.58 2.03 -19.33
CA ILE D 110 0.91 3.33 -18.74
C ILE D 110 2.20 3.25 -17.91
N GLU D 111 2.40 2.10 -17.28
CA GLU D 111 3.63 1.83 -16.53
C GLU D 111 4.87 1.85 -17.42
N ILE D 112 4.79 1.21 -18.59
CA ILE D 112 5.92 1.15 -19.52
C ILE D 112 6.20 2.53 -20.13
N PHE D 113 5.12 3.24 -20.45
CA PHE D 113 5.24 4.60 -20.98
C PHE D 113 5.90 5.53 -19.95
N ALA D 114 5.45 5.44 -18.70
CA ALA D 114 6.03 6.26 -17.62
C ALA D 114 7.49 5.89 -17.41
N LEU D 115 7.83 4.60 -17.56
CA LEU D 115 9.24 4.15 -17.41
C LEU D 115 10.10 4.85 -18.48
N PHE D 116 9.64 4.84 -19.72
CA PHE D 116 10.42 5.43 -20.82
C PHE D 116 10.58 6.94 -20.64
N ILE D 117 9.49 7.63 -20.39
CA ILE D 117 9.58 9.06 -20.06
C ILE D 117 10.48 9.37 -18.83
N SER D 118 10.34 8.56 -17.79
CA SER D 118 11.23 8.69 -16.62
C SER D 118 12.69 8.52 -17.05
N CYS D 119 12.99 7.53 -17.91
CA CYS D 119 14.35 7.37 -18.43
C CYS D 119 14.89 8.67 -19.03
N MET D 120 14.08 9.32 -19.85
CA MET D 120 14.53 10.56 -20.52
C MET D 120 14.90 11.63 -19.49
N CYS D 121 14.13 11.69 -18.41
CA CYS D 121 14.16 12.81 -17.45
C CYS D 121 15.01 12.54 -16.21
N HIS D 122 15.51 11.31 -16.09
CA HIS D 122 15.88 10.85 -14.75
C HIS D 122 17.13 11.47 -14.12
N ASP D 123 18.00 12.09 -14.95
CA ASP D 123 19.20 12.82 -14.48
C ASP D 123 19.21 14.31 -14.85
N LEU D 124 18.04 14.88 -15.13
CA LEU D 124 17.94 16.30 -15.53
C LEU D 124 18.74 17.22 -14.61
N ASP D 125 19.57 18.05 -15.23
CA ASP D 125 20.34 19.09 -14.51
C ASP D 125 21.41 18.54 -13.57
N HIS D 126 21.85 17.31 -13.82
CA HIS D 126 22.93 16.70 -13.07
C HIS D 126 24.19 17.54 -13.19
N ARG D 127 24.93 17.66 -12.07
CA ARG D 127 26.09 18.54 -11.99
C ARG D 127 27.38 17.74 -11.93
N GLY D 128 27.25 16.41 -12.01
CA GLY D 128 28.40 15.52 -11.98
C GLY D 128 28.93 15.30 -10.57
N THR D 129 28.08 15.58 -9.58
CA THR D 129 28.40 15.29 -8.19
C THR D 129 27.28 14.45 -7.59
N ASN D 130 27.58 13.73 -6.52
CA ASN D 130 26.57 12.89 -5.90
C ASN D 130 25.79 13.58 -4.79
N ASN D 131 24.93 12.82 -4.13
CA ASN D 131 24.07 13.37 -3.10
C ASN D 131 24.86 13.83 -1.89
N SER D 132 25.83 13.04 -1.48
CA SER D 132 26.62 13.46 -0.29
C SER D 132 27.33 14.78 -0.56
N PHE D 133 27.76 14.97 -1.81
CA PHE D 133 28.46 16.20 -2.13
C PHE D 133 27.54 17.42 -1.99
N GLN D 134 26.30 17.28 -2.42
CA GLN D 134 25.34 18.37 -2.28
C GLN D 134 25.24 18.78 -0.81
N VAL D 135 25.16 17.78 0.06
CA VAL D 135 25.00 18.02 1.47
C VAL D 135 26.28 18.63 2.06
N ALA D 136 27.43 18.08 1.66
CA ALA D 136 28.72 18.52 2.21
C ALA D 136 29.02 19.94 1.80
N SER D 137 28.59 20.29 0.60
CA SER D 137 28.82 21.60 0.00
C SER D 137 27.72 22.63 0.35
N LYS D 138 26.71 22.17 1.06
CA LYS D 138 25.56 22.99 1.48
C LYS D 138 24.96 23.72 0.27
N SER D 139 24.69 22.97 -0.80
CA SER D 139 24.08 23.52 -2.01
C SER D 139 22.62 23.87 -1.72
N VAL D 140 22.05 24.72 -2.58
CA VAL D 140 20.59 24.99 -2.48
C VAL D 140 19.79 23.70 -2.56
N LEU D 141 20.27 22.78 -3.39
CA LEU D 141 19.60 21.48 -3.54
C LEU D 141 19.54 20.75 -2.22
N ALA D 142 20.63 20.78 -1.47
CA ALA D 142 20.63 20.15 -0.15
C ALA D 142 19.70 20.87 0.80
N ALA D 143 19.68 22.18 0.73
CA ALA D 143 18.81 22.96 1.63
C ALA D 143 17.36 22.53 1.40
N LEU D 144 17.01 22.28 0.13
CA LEU D 144 15.65 21.97 -0.24
C LEU D 144 15.27 20.51 0.01
N TYR D 145 16.24 19.61 -0.09
CA TYR D 145 15.91 18.19 -0.19
C TYR D 145 16.58 17.26 0.82
N SER D 146 17.61 17.73 1.51
CA SER D 146 18.51 16.82 2.26
C SER D 146 17.76 16.05 3.36
N SER D 147 16.78 16.69 4.00
CA SER D 147 16.02 16.04 5.11
C SER D 147 15.10 14.91 4.62
N GLU D 148 14.71 14.96 3.35
CA GLU D 148 13.91 13.91 2.74
C GLU D 148 14.77 12.82 2.05
N GLY D 149 16.05 13.11 1.85
CA GLY D 149 16.98 12.23 1.15
C GLY D 149 16.82 12.24 -0.36
N SER D 150 17.67 11.47 -1.04
CA SER D 150 17.75 11.44 -2.50
C SER D 150 17.73 12.84 -3.13
N VAL D 151 18.70 13.66 -2.70
CA VAL D 151 18.75 15.08 -3.07
C VAL D 151 18.67 15.27 -4.58
N MET D 152 19.59 14.64 -5.33
CA MET D 152 19.64 14.88 -6.78
C MET D 152 18.38 14.37 -7.46
N GLU D 153 17.88 13.22 -7.01
CA GLU D 153 16.71 12.59 -7.63
C GLU D 153 15.43 13.43 -7.42
N ARG D 154 15.31 14.08 -6.26
CA ARG D 154 14.18 15.00 -6.03
C ARG D 154 14.32 16.20 -6.99
N HIS D 155 15.56 16.65 -7.20
CA HIS D 155 15.81 17.73 -8.15
C HIS D 155 15.43 17.30 -9.58
N HIS D 156 15.79 16.08 -9.98
CA HIS D 156 15.53 15.63 -11.34
C HIS D 156 14.03 15.62 -11.57
N PHE D 157 13.28 15.07 -10.61
CA PHE D 157 11.83 15.03 -10.77
C PHE D 157 11.23 16.45 -10.80
N ALA D 158 11.71 17.34 -9.94
CA ALA D 158 11.26 18.73 -9.94
C ALA D 158 11.55 19.41 -11.29
N GLN D 159 12.68 19.07 -11.90
CA GLN D 159 13.02 19.61 -13.22
C GLN D 159 12.05 19.07 -14.26
N ALA D 160 11.69 17.79 -14.13
CA ALA D 160 10.73 17.20 -15.06
C ALA D 160 9.39 17.93 -14.94
N ILE D 161 8.93 18.15 -13.72
CA ILE D 161 7.67 18.87 -13.46
C ILE D 161 7.72 20.26 -14.13
N ALA D 162 8.84 20.95 -13.98
CA ALA D 162 9.03 22.28 -14.60
C ALA D 162 8.92 22.26 -16.11
N ILE D 163 9.49 21.23 -16.74
CA ILE D 163 9.41 21.07 -18.20
C ILE D 163 7.95 20.84 -18.61
N LEU D 164 7.26 19.91 -17.94
CA LEU D 164 5.84 19.62 -18.27
C LEU D 164 4.98 20.86 -18.11
N ASN D 165 5.33 21.70 -17.14
CA ASN D 165 4.56 22.92 -16.94
C ASN D 165 5.04 24.13 -17.74
N THR D 166 5.96 23.89 -18.67
CA THR D 166 6.38 24.94 -19.60
C THR D 166 5.38 24.99 -20.77
N HIS D 167 4.97 26.19 -21.15
CA HIS D 167 4.04 26.36 -22.27
C HIS D 167 4.46 25.58 -23.50
N GLY D 168 3.51 24.80 -24.04
CA GLY D 168 3.76 24.01 -25.26
C GLY D 168 4.45 22.67 -25.08
N CYS D 169 4.75 22.30 -23.83
CA CYS D 169 5.55 21.10 -23.56
C CYS D 169 4.77 20.03 -22.81
N ASN D 170 3.52 20.27 -22.49
CA ASN D 170 2.82 19.32 -21.60
C ASN D 170 2.18 18.19 -22.39
N ILE D 171 3.00 17.17 -22.67
CA ILE D 171 2.56 16.00 -23.42
C ILE D 171 1.37 15.25 -22.79
N PHE D 172 1.03 15.55 -21.53
CA PHE D 172 -0.05 14.85 -20.81
C PHE D 172 -1.30 15.72 -20.59
N ASP D 173 -1.33 16.94 -21.14
CA ASP D 173 -2.41 17.89 -20.81
C ASP D 173 -3.83 17.52 -21.33
N HIS D 174 -3.92 16.47 -22.15
CA HIS D 174 -5.19 15.91 -22.65
C HIS D 174 -5.60 14.60 -21.93
N PHE D 175 -4.70 14.03 -21.13
CA PHE D 175 -5.04 12.84 -20.31
C PHE D 175 -6.20 13.12 -19.35
N SER D 176 -6.93 12.06 -19.03
CA SER D 176 -7.93 12.11 -17.97
C SER D 176 -7.21 12.43 -16.66
N ARG D 177 -7.97 12.97 -15.71
CA ARG D 177 -7.44 13.31 -14.36
C ARG D 177 -6.74 12.14 -13.69
N LYS D 178 -7.37 10.96 -13.74
CA LYS D 178 -6.80 9.76 -13.16
C LYS D 178 -5.51 9.33 -13.89
N ASP D 179 -5.49 9.40 -15.22
CA ASP D 179 -4.27 9.03 -15.98
C ASP D 179 -3.10 10.01 -15.81
N TYR D 180 -3.43 11.30 -15.80
CA TYR D 180 -2.46 12.35 -15.51
C TYR D 180 -1.80 12.09 -14.15
N GLN D 181 -2.64 11.86 -13.13
CA GLN D 181 -2.14 11.62 -11.77
C GLN D 181 -1.30 10.35 -11.75
N ARG D 182 -1.80 9.32 -12.43
CA ARG D 182 -1.04 8.10 -12.58
C ARG D 182 0.37 8.35 -13.15
N MET D 183 0.47 9.17 -14.19
CA MET D 183 1.79 9.48 -14.78
C MET D 183 2.72 10.13 -13.77
N LEU D 184 2.23 11.15 -13.11
CA LEU D 184 3.04 11.86 -12.13
C LEU D 184 3.54 10.96 -11.02
N ASP D 185 2.65 10.13 -10.47
CA ASP D 185 3.02 9.24 -9.35
C ASP D 185 4.07 8.23 -9.83
N LEU D 186 3.86 7.71 -11.04
CA LEU D 186 4.79 6.75 -11.62
C LEU D 186 6.15 7.42 -11.85
N MET D 187 6.17 8.59 -12.46
CA MET D 187 7.45 9.25 -12.74
C MET D 187 8.18 9.58 -11.42
N ARG D 188 7.44 10.02 -10.41
CA ARG D 188 8.09 10.36 -9.12
C ARG D 188 8.75 9.12 -8.56
N ASP D 189 7.99 8.01 -8.50
CA ASP D 189 8.48 6.74 -7.94
C ASP D 189 9.68 6.19 -8.71
N ILE D 190 9.59 6.21 -10.03
CA ILE D 190 10.65 5.65 -10.89
C ILE D 190 11.93 6.51 -10.80
N ILE D 191 11.75 7.83 -10.84
CA ILE D 191 12.93 8.74 -10.74
C ILE D 191 13.62 8.61 -9.39
N LEU D 192 12.83 8.52 -8.31
CA LEU D 192 13.39 8.36 -6.95
C LEU D 192 14.13 7.02 -6.85
N ALA D 193 13.67 6.03 -7.62
CA ALA D 193 14.24 4.69 -7.60
C ALA D 193 15.64 4.65 -8.20
N THR D 194 16.02 5.72 -8.90
CA THR D 194 17.34 5.82 -9.49
C THR D 194 18.42 6.18 -8.49
N ASP D 195 18.03 6.51 -7.25
CA ASP D 195 19.05 6.72 -6.25
C ASP D 195 19.59 5.32 -5.91
N LEU D 196 20.89 5.12 -6.10
CA LEU D 196 21.49 3.84 -5.75
C LEU D 196 21.18 3.44 -4.29
N ALA D 197 21.12 4.42 -3.39
CA ALA D 197 20.82 4.11 -1.97
C ALA D 197 19.45 3.41 -1.84
N HIS D 198 18.51 3.84 -2.70
CA HIS D 198 17.17 3.28 -2.71
C HIS D 198 17.19 1.85 -3.20
N HIS D 199 17.88 1.61 -4.32
CA HIS D 199 18.09 0.25 -4.82
C HIS D 199 18.64 -0.66 -3.74
N LEU D 200 19.68 -0.20 -3.04
CA LEU D 200 20.28 -1.04 -2.03
C LEU D 200 19.30 -1.33 -0.89
N ARG D 201 18.47 -0.33 -0.55
CA ARG D 201 17.47 -0.52 0.50
C ARG D 201 16.42 -1.58 0.13
N ILE D 202 16.00 -1.58 -1.13
CA ILE D 202 14.91 -2.49 -1.60
C ILE D 202 15.40 -3.81 -2.19
N PHE D 203 16.71 -3.97 -2.27
CA PHE D 203 17.29 -5.17 -2.87
C PHE D 203 16.67 -6.47 -2.27
N LYS D 204 16.54 -6.54 -0.95
CA LYS D 204 15.97 -7.77 -0.36
C LYS D 204 14.50 -7.98 -0.76
N ASP D 205 13.74 -6.91 -0.95
CA ASP D 205 12.35 -7.04 -1.45
C ASP D 205 12.32 -7.49 -2.92
N LEU D 206 13.25 -7.00 -3.73
CA LEU D 206 13.41 -7.51 -5.12
C LEU D 206 13.75 -9.00 -5.12
N GLN D 207 14.67 -9.40 -4.25
CA GLN D 207 15.01 -10.83 -4.09
C GLN D 207 13.81 -11.68 -3.68
N LYS D 208 13.00 -11.16 -2.75
CA LYS D 208 11.81 -11.84 -2.25
C LYS D 208 10.85 -12.02 -3.42
N MET D 209 10.67 -10.96 -4.21
CA MET D 209 9.78 -11.04 -5.35
C MET D 209 10.23 -12.10 -6.36
N ALA D 210 11.54 -12.17 -6.65
CA ALA D 210 12.06 -13.17 -7.59
C ALA D 210 11.90 -14.57 -7.01
N GLU D 211 11.97 -14.67 -5.69
CA GLU D 211 11.87 -15.96 -5.00
C GLU D 211 10.48 -16.56 -5.07
N VAL D 212 9.48 -15.77 -4.71
CA VAL D 212 8.08 -16.22 -4.76
C VAL D 212 7.51 -16.21 -6.18
N GLY D 213 8.16 -15.46 -7.06
CA GLY D 213 7.68 -15.32 -8.42
C GLY D 213 6.81 -14.08 -8.54
N TYR D 214 6.99 -13.39 -9.66
CA TYR D 214 6.21 -12.18 -9.95
C TYR D 214 4.71 -12.51 -9.98
N ASP D 215 3.96 -11.77 -9.17
CA ASP D 215 2.49 -11.84 -9.14
C ASP D 215 1.88 -10.66 -9.88
N ARG D 216 1.41 -10.93 -11.10
CA ARG D 216 0.80 -9.91 -11.97
C ARG D 216 -0.33 -9.12 -11.30
N ASN D 217 -0.96 -9.71 -10.27
CA ASN D 217 -2.05 -9.04 -9.54
C ASN D 217 -1.66 -8.32 -8.25
N ASN D 218 -0.37 -8.27 -7.98
CA ASN D 218 0.18 -7.63 -6.78
C ASN D 218 0.74 -6.29 -7.20
N LYS D 219 0.09 -5.22 -6.73
CA LYS D 219 0.51 -3.88 -7.10
C LYS D 219 1.91 -3.54 -6.60
N GLN D 220 2.34 -4.14 -5.48
CA GLN D 220 3.71 -3.91 -4.96
C GLN D 220 4.74 -4.55 -5.89
N HIS D 221 4.43 -5.73 -6.43
CA HIS D 221 5.34 -6.36 -7.42
C HIS D 221 5.51 -5.47 -8.64
N HIS D 222 4.39 -4.90 -9.12
CA HIS D 222 4.47 -3.91 -10.22
C HIS D 222 5.44 -2.78 -9.90
N ARG D 223 5.29 -2.17 -8.72
CA ARG D 223 6.17 -1.10 -8.27
C ARG D 223 7.64 -1.52 -8.19
N LEU D 224 7.89 -2.70 -7.60
CA LEU D 224 9.25 -3.25 -7.46
C LEU D 224 9.86 -3.56 -8.82
N LEU D 225 9.07 -4.12 -9.73
CA LEU D 225 9.57 -4.46 -11.05
C LEU D 225 9.97 -3.19 -11.81
N LEU D 226 9.16 -2.15 -11.70
CA LEU D 226 9.51 -0.84 -12.31
C LEU D 226 10.84 -0.32 -11.74
N CYS D 227 11.06 -0.49 -10.44
CA CYS D 227 12.35 -0.07 -9.85
C CYS D 227 13.51 -0.85 -10.46
N LEU D 228 13.36 -2.17 -10.53
CA LEU D 228 14.38 -3.04 -11.11
C LEU D 228 14.68 -2.72 -12.57
N LEU D 229 13.63 -2.54 -13.36
CA LEU D 229 13.80 -2.12 -14.74
C LEU D 229 14.53 -0.78 -14.85
N MET D 230 14.14 0.21 -14.03
CA MET D 230 14.82 1.50 -14.08
C MET D 230 16.34 1.35 -13.81
N THR D 231 16.70 0.55 -12.80
CA THR D 231 18.11 0.38 -12.45
C THR D 231 18.82 -0.39 -13.56
N SER D 232 18.13 -1.35 -14.16
CA SER D 232 18.65 -2.10 -15.33
C SER D 232 18.95 -1.14 -16.49
N CYS D 233 18.09 -0.15 -16.70
CA CYS D 233 18.33 0.82 -17.76
C CYS D 233 19.53 1.72 -17.39
N ASP D 234 19.62 2.13 -16.13
CA ASP D 234 20.62 3.11 -15.68
C ASP D 234 22.03 2.54 -15.84
N LEU D 235 22.19 1.22 -15.63
CA LEU D 235 23.51 0.57 -15.70
C LEU D 235 23.78 -0.14 -17.02
N SER D 236 22.87 0.05 -17.98
CA SER D 236 22.93 -0.70 -19.25
C SER D 236 24.23 -0.60 -20.07
N ASP D 237 25.04 0.44 -19.82
CA ASP D 237 26.36 0.51 -20.50
C ASP D 237 27.22 -0.70 -20.21
N GLN D 238 26.89 -1.44 -19.14
CA GLN D 238 27.62 -2.64 -18.77
C GLN D 238 27.22 -3.89 -19.56
N THR D 239 26.15 -3.79 -20.33
CA THR D 239 25.62 -4.94 -21.08
C THR D 239 26.02 -4.93 -22.56
N LYS D 240 26.92 -4.02 -22.92
CA LYS D 240 27.37 -3.94 -24.31
C LYS D 240 28.70 -4.70 -24.40
N GLY D 241 29.62 -4.21 -25.23
CA GLY D 241 30.91 -4.86 -25.34
C GLY D 241 31.97 -4.14 -24.52
N TRP D 242 33.20 -4.59 -24.67
CA TRP D 242 34.33 -4.06 -23.92
C TRP D 242 34.56 -2.56 -24.13
N LYS D 243 34.49 -2.09 -25.37
CA LYS D 243 34.79 -0.71 -25.66
C LYS D 243 33.81 0.23 -24.95
N THR D 244 32.57 -0.20 -24.76
CA THR D 244 31.58 0.65 -24.07
C THR D 244 31.89 0.71 -22.58
N THR D 245 32.11 -0.44 -21.95
CA THR D 245 32.42 -0.47 -20.51
C THR D 245 33.71 0.29 -20.20
N ARG D 246 34.70 0.13 -21.09
CA ARG D 246 35.94 0.90 -21.00
C ARG D 246 35.75 2.40 -21.07
N LYS D 247 35.04 2.87 -22.10
CA LYS D 247 34.82 4.30 -22.26
C LYS D 247 33.99 4.86 -21.09
N ILE D 248 32.97 4.11 -20.68
CA ILE D 248 32.12 4.61 -19.58
C ILE D 248 32.93 4.70 -18.28
N ALA D 249 33.85 3.77 -18.05
CA ALA D 249 34.74 3.82 -16.86
C ALA D 249 35.55 5.10 -16.89
N GLU D 250 36.08 5.44 -18.07
CA GLU D 250 36.80 6.72 -18.27
C GLU D 250 35.95 7.93 -17.84
N LEU D 251 34.70 7.93 -18.28
CA LEU D 251 33.81 9.06 -18.08
C LEU D 251 33.38 9.14 -16.62
N ILE D 252 33.01 8.00 -16.06
CA ILE D 252 32.56 7.91 -14.65
C ILE D 252 33.66 8.38 -13.70
N TYR D 253 34.84 7.82 -13.85
CA TYR D 253 35.97 8.15 -12.96
C TYR D 253 36.44 9.57 -13.14
N LYS D 254 36.45 10.08 -14.37
CA LYS D 254 36.67 11.52 -14.57
C LYS D 254 35.75 12.38 -13.68
N GLU D 255 34.44 12.09 -13.75
CA GLU D 255 33.46 12.75 -12.90
C GLU D 255 33.74 12.59 -11.39
N PHE D 256 33.97 11.36 -10.95
CA PHE D 256 34.24 11.07 -9.55
C PHE D 256 35.48 11.86 -9.08
N PHE D 257 36.54 11.80 -9.86
CA PHE D 257 37.80 12.42 -9.43
C PHE D 257 37.67 13.93 -9.35
N SER D 258 36.91 14.57 -10.25
CA SER D 258 36.63 15.99 -10.13
C SER D 258 35.85 16.31 -8.86
N GLN D 259 34.88 15.46 -8.52
CA GLN D 259 34.23 15.58 -7.22
C GLN D 259 35.23 15.54 -6.05
N GLY D 260 36.07 14.51 -6.02
CA GLY D 260 37.12 14.34 -5.00
C GLY D 260 38.02 15.56 -4.87
N ASP D 261 38.42 16.14 -6.01
CA ASP D 261 39.28 17.33 -5.97
C ASP D 261 38.56 18.46 -5.25
N LEU D 262 37.27 18.66 -5.55
CA LEU D 262 36.44 19.64 -4.84
C LEU D 262 36.34 19.37 -3.34
N GLU D 263 36.17 18.10 -2.96
CA GLU D 263 36.04 17.77 -1.55
C GLU D 263 37.34 18.11 -0.80
N LYS D 264 38.48 17.78 -1.41
CA LYS D 264 39.80 18.07 -0.84
C LYS D 264 39.97 19.58 -0.67
N ALA D 265 39.53 20.36 -1.66
CA ALA D 265 39.57 21.83 -1.58
C ALA D 265 38.67 22.39 -0.47
N MET D 266 37.66 21.62 -0.10
CA MET D 266 36.78 21.92 1.05
C MET D 266 37.34 21.46 2.39
N GLY D 267 38.42 20.71 2.37
CA GLY D 267 39.04 20.22 3.61
C GLY D 267 38.51 18.86 4.06
N ASN D 268 37.79 18.19 3.14
CA ASN D 268 37.19 16.89 3.44
C ASN D 268 37.97 15.73 2.85
N ARG D 269 37.80 14.54 3.42
CA ARG D 269 38.48 13.38 2.89
C ARG D 269 37.49 12.68 1.95
N PRO D 270 37.78 12.68 0.62
CA PRO D 270 36.81 12.02 -0.27
C PRO D 270 36.82 10.51 -0.13
N MET D 271 35.73 9.86 -0.52
CA MET D 271 35.76 8.41 -0.58
C MET D 271 36.89 7.96 -1.50
N GLU D 272 37.45 6.79 -1.19
CA GLU D 272 38.54 6.20 -1.96
C GLU D 272 38.29 6.26 -3.48
N MET D 273 37.12 5.81 -3.93
CA MET D 273 36.79 5.82 -5.36
C MET D 273 36.68 7.22 -6.00
N MET D 274 36.66 8.27 -5.18
CA MET D 274 36.66 9.62 -5.72
C MET D 274 38.00 10.34 -5.56
N ASP D 275 38.97 9.62 -5.02
CA ASP D 275 40.24 10.23 -4.70
C ASP D 275 41.25 9.76 -5.73
N ARG D 276 41.66 10.65 -6.63
CA ARG D 276 42.49 10.23 -7.74
C ARG D 276 43.89 9.69 -7.34
N GLU D 277 44.31 9.94 -6.11
CA GLU D 277 45.58 9.42 -5.59
C GLU D 277 45.45 8.03 -4.93
N LYS D 278 44.22 7.55 -4.77
CA LYS D 278 43.95 6.31 -4.03
C LYS D 278 43.10 5.31 -4.79
N ALA D 279 42.29 5.82 -5.72
CA ALA D 279 41.39 4.97 -6.49
C ALA D 279 42.18 4.05 -7.41
N TYR D 280 42.01 2.75 -7.22
CA TYR D 280 42.61 1.74 -8.11
C TYR D 280 41.48 1.22 -9.02
N ILE D 281 41.37 1.83 -10.21
CA ILE D 281 40.22 1.64 -11.09
C ILE D 281 39.81 0.17 -11.37
N PRO D 282 40.78 -0.71 -11.72
CA PRO D 282 40.38 -2.08 -12.05
C PRO D 282 39.67 -2.78 -10.89
N GLU D 283 40.20 -2.65 -9.68
CA GLU D 283 39.58 -3.25 -8.50
C GLU D 283 38.20 -2.63 -8.21
N LEU D 284 38.10 -1.31 -8.32
CA LEU D 284 36.83 -0.62 -8.04
C LEU D 284 35.79 -1.05 -9.04
N GLN D 285 36.18 -1.06 -10.31
CA GLN D 285 35.29 -1.44 -11.42
C GLN D 285 34.85 -2.89 -11.30
N ILE D 286 35.77 -3.79 -11.00
CA ILE D 286 35.41 -5.20 -10.80
C ILE D 286 34.42 -5.40 -9.65
N SER D 287 34.60 -4.69 -8.53
CA SER D 287 33.71 -4.83 -7.37
C SER D 287 32.31 -4.28 -7.70
N PHE D 288 32.27 -3.14 -8.37
CA PHE D 288 30.99 -2.57 -8.83
C PHE D 288 30.26 -3.58 -9.72
N MET D 289 30.98 -4.14 -10.69
CA MET D 289 30.37 -5.11 -11.62
C MET D 289 29.93 -6.42 -10.94
N GLU D 290 30.78 -6.97 -10.07
CA GLU D 290 30.46 -8.22 -9.39
C GLU D 290 29.37 -8.07 -8.33
N HIS D 291 29.40 -6.95 -7.60
CA HIS D 291 28.55 -6.84 -6.42
C HIS D 291 27.37 -5.90 -6.51
N ILE D 292 27.34 -5.04 -7.53
CA ILE D 292 26.20 -4.15 -7.79
C ILE D 292 25.50 -4.50 -9.10
N ALA D 293 26.24 -4.43 -10.22
CA ALA D 293 25.61 -4.64 -11.53
C ALA D 293 25.17 -6.11 -11.76
N MET D 294 26.04 -7.08 -11.49
CA MET D 294 25.68 -8.47 -11.78
C MET D 294 24.42 -8.95 -11.02
N PRO D 295 24.31 -8.62 -9.71
CA PRO D 295 23.09 -8.96 -8.97
C PRO D 295 21.79 -8.36 -9.55
N ILE D 296 21.86 -7.17 -10.12
CA ILE D 296 20.73 -6.56 -10.80
C ILE D 296 20.32 -7.35 -12.06
N TYR D 297 21.32 -7.66 -12.90
CA TYR D 297 21.03 -8.42 -14.12
C TYR D 297 20.67 -9.90 -13.87
N LYS D 298 21.14 -10.44 -12.73
CA LYS D 298 20.72 -11.77 -12.29
C LYS D 298 19.24 -11.75 -11.88
N LEU D 299 18.83 -10.71 -11.18
CA LEU D 299 17.40 -10.52 -10.86
C LEU D 299 16.57 -10.39 -12.12
N LEU D 300 17.05 -9.59 -13.07
CA LEU D 300 16.32 -9.40 -14.32
C LEU D 300 16.15 -10.73 -15.04
N GLN D 301 17.21 -11.54 -15.06
CA GLN D 301 17.20 -12.87 -15.65
C GLN D 301 16.22 -13.83 -14.96
N ASP D 302 16.20 -13.79 -13.65
CA ASP D 302 15.31 -14.63 -12.86
C ASP D 302 13.85 -14.33 -13.24
N LEU D 303 13.55 -13.06 -13.51
CA LEU D 303 12.19 -12.66 -13.88
C LEU D 303 11.86 -12.83 -15.35
N PHE D 304 12.89 -12.68 -16.21
CA PHE D 304 12.76 -12.77 -17.65
C PHE D 304 13.91 -13.64 -18.19
N PRO D 305 13.68 -14.96 -18.44
CA PRO D 305 14.62 -15.83 -19.16
C PRO D 305 15.35 -15.18 -20.33
N LYS D 306 14.62 -14.46 -21.18
CA LYS D 306 15.21 -13.78 -22.35
C LYS D 306 16.26 -12.71 -21.98
N ALA D 307 16.36 -12.35 -20.71
CA ALA D 307 17.36 -11.37 -20.26
C ALA D 307 18.69 -12.05 -19.89
N ALA D 308 18.75 -13.37 -20.03
CA ALA D 308 19.98 -14.10 -19.71
C ALA D 308 21.23 -13.54 -20.42
N GLU D 309 21.10 -13.13 -21.69
CA GLU D 309 22.28 -12.62 -22.40
C GLU D 309 22.83 -11.35 -21.78
N LEU D 310 21.97 -10.58 -21.14
CA LEU D 310 22.44 -9.34 -20.51
C LEU D 310 23.35 -9.63 -19.34
N TYR D 311 22.97 -10.62 -18.51
CA TYR D 311 23.78 -11.01 -17.36
C TYR D 311 25.12 -11.62 -17.82
N GLU D 312 25.05 -12.40 -18.90
CA GLU D 312 26.23 -13.06 -19.45
C GLU D 312 27.21 -12.03 -19.99
N ARG D 313 26.67 -10.99 -20.62
CA ARG D 313 27.50 -9.89 -21.14
C ARG D 313 28.18 -9.14 -19.98
N VAL D 314 27.44 -8.84 -18.91
CA VAL D 314 28.07 -8.14 -17.77
C VAL D 314 29.19 -9.02 -17.19
N ALA D 315 28.92 -10.30 -16.99
CA ALA D 315 29.95 -11.26 -16.55
C ALA D 315 31.18 -11.31 -17.46
N SER D 316 30.98 -11.28 -18.78
CA SER D 316 32.09 -11.30 -19.76
C SER D 316 32.93 -10.04 -19.67
N ASN D 317 32.25 -8.89 -19.55
CA ASN D 317 32.96 -7.62 -19.40
C ASN D 317 33.75 -7.59 -18.10
N ARG D 318 33.16 -8.15 -17.04
CA ARG D 318 33.86 -8.28 -15.77
C ARG D 318 35.15 -9.08 -15.94
N GLU D 319 35.04 -10.21 -16.67
CA GLU D 319 36.23 -11.03 -16.97
C GLU D 319 37.27 -10.27 -17.77
N HIS D 320 36.83 -9.49 -18.77
CA HIS D 320 37.76 -8.60 -19.51
C HIS D 320 38.55 -7.67 -18.57
N TRP D 321 37.85 -7.06 -17.60
CA TRP D 321 38.53 -6.16 -16.66
C TRP D 321 39.58 -6.89 -15.83
N THR D 322 39.27 -8.11 -15.40
CA THR D 322 40.24 -8.90 -14.62
C THR D 322 41.49 -9.16 -15.48
N LYS D 323 41.28 -9.44 -16.77
CA LYS D 323 42.40 -9.76 -17.67
C LYS D 323 43.28 -8.56 -18.06
N VAL D 324 42.74 -7.33 -18.06
CA VAL D 324 43.55 -6.12 -18.35
C VAL D 324 44.07 -5.40 -17.11
N SER D 325 43.74 -5.94 -15.94
CA SER D 325 44.09 -5.33 -14.66
C SER D 325 45.58 -5.07 -14.52
N HIS D 326 46.38 -6.05 -14.95
CA HIS D 326 47.84 -5.98 -14.87
C HIS D 326 48.44 -4.76 -15.59
N LYS D 327 47.72 -4.22 -16.58
CA LYS D 327 48.22 -3.06 -17.33
C LYS D 327 48.31 -1.78 -16.49
N PHE D 328 47.66 -1.77 -15.32
CA PHE D 328 47.73 -0.63 -14.42
C PHE D 328 49.02 -0.64 -13.59
N THR D 329 49.77 -1.74 -13.68
CA THR D 329 51.10 -1.86 -13.06
C THR D 329 52.14 -1.50 -14.13
N ILE D 330 52.95 -0.47 -13.86
CA ILE D 330 53.94 -0.01 -14.82
C ILE D 330 55.14 -0.96 -14.71
N ARG D 331 55.23 -1.82 -15.71
CA ARG D 331 56.40 -2.69 -15.91
C ARG D 331 57.38 -1.94 -16.81
N GLY D 332 58.68 -2.12 -16.58
CA GLY D 332 59.68 -1.40 -17.39
C GLY D 332 59.57 0.09 -17.18
N LEU D 333 59.84 0.88 -18.22
CA LEU D 333 59.63 2.33 -18.20
C LEU D 333 58.31 2.73 -18.89
N PRO D 334 57.75 3.91 -18.56
CA PRO D 334 56.67 4.49 -19.40
C PRO D 334 57.08 4.57 -20.88
N SER D 335 56.14 4.89 -21.77
CA SER D 335 56.43 4.90 -23.24
C SER D 335 57.41 6.00 -23.68
N ASN D 336 57.41 7.13 -22.98
CA ASN D 336 58.36 8.21 -23.25
C ASN D 336 59.78 7.94 -22.74
N ASN D 337 59.95 6.79 -22.07
CA ASN D 337 61.23 6.38 -21.46
C ASN D 337 61.65 7.27 -20.30
N SER D 338 60.69 7.84 -19.58
CA SER D 338 61.02 8.83 -18.57
C SER D 338 60.47 8.50 -17.20
N LEU D 339 61.24 8.80 -16.16
CA LEU D 339 60.79 8.63 -14.77
C LEU D 339 60.37 9.96 -14.14
N ASP D 340 60.24 11.00 -14.95
CA ASP D 340 59.87 12.34 -14.47
C ASP D 340 58.57 12.30 -13.67
N PHE D 341 57.67 11.39 -14.02
CA PHE D 341 56.36 11.25 -13.35
C PHE D 341 56.48 11.01 -11.83
N LEU D 342 57.62 10.50 -11.38
CA LEU D 342 57.89 10.32 -9.95
C LEU D 342 58.03 11.65 -9.21
ZN ZN E . -0.39 -29.91 -10.04
MG MG F . -0.71 -28.78 -6.31
N3 1L6 G . 4.85 -34.05 -8.91
C7 1L6 G . 3.07 -32.85 -7.25
C6 1L6 G . 5.07 -32.47 -5.84
C9 1L6 G . 2.92 -35.63 -6.41
C13 1L6 G . 10.20 -37.79 -3.64
C20 1L6 G . 9.27 -37.89 -0.17
C21 1L6 G . 9.78 -38.77 0.77
C8 1L6 G . 3.74 -34.62 -5.66
C18 1L6 G . 9.83 -37.12 -4.83
C16 1L6 G . 7.69 -36.57 -3.84
C26 1L6 G . 8.03 -36.02 -9.17
O31 1L6 G . 8.04 -36.60 -10.24
C1 1L6 G . 6.81 -35.22 -8.79
N4 1L6 G . 5.87 -34.72 -9.61
C10 1L6 G . 5.76 -34.71 -11.08
C11 1L6 G . 5.03 -35.93 -11.58
O25 1L6 G . 5.14 -35.93 -12.99
N27 1L6 G . 9.06 -36.14 -8.38
C28 1L6 G . 9.19 -35.48 -7.12
C29 1L6 G . 8.10 -35.79 -6.13
N30 1L6 G . 6.97 -35.22 -6.27
C12 1L6 G . 6.40 -34.88 -7.51
C2 1L6 G . 5.19 -34.16 -7.59
C5 1L6 G . 4.26 -33.52 -6.58
C17 1L6 G . 8.56 -36.54 -4.91
C15 1L6 G . 8.09 -37.22 -2.69
C14 1L6 G . 9.33 -37.84 -2.52
N19 1L6 G . 9.63 -38.43 -1.34
C23 1L6 G . 10.33 -39.55 -1.24
C24 1L6 G . 10.86 -40.38 -2.38
N22 1L6 G . 10.41 -39.78 0.09
ZN ZN H . -20.46 -7.57 14.90
MG MG I . -19.84 -11.18 13.51
N3 1L6 J . -26.73 -9.09 17.54
C7 1L6 J . -25.15 -10.68 16.00
C6 1L6 J . -26.90 -12.39 16.03
C9 1L6 J . -24.43 -11.46 18.81
C13 1L6 J . -32.82 -14.09 20.20
C20 1L6 J . -33.79 -16.84 20.83
C21 1L6 J . -34.01 -17.80 21.80
C8 1L6 J . -25.52 -12.18 18.03
C18 1L6 J . -32.28 -12.99 19.53
C16 1L6 J . -30.16 -14.12 19.38
C26 1L6 J . -30.17 -8.77 18.93
O31 1L6 J . -30.18 -7.76 19.62
C1 1L6 J . -28.86 -9.17 18.33
N4 1L6 J . -27.81 -8.37 18.09
C10 1L6 J . -27.65 -6.94 18.27
C11 1L6 J . -27.00 -6.73 19.62
O25 1L6 J . -27.07 -5.34 19.92
N27 1L6 J . -31.27 -9.49 18.74
C28 1L6 J . -31.29 -10.68 17.92
C29 1L6 J . -30.37 -11.78 18.41
N30 1L6 J . -29.15 -11.63 18.07
C12 1L6 J . -28.45 -10.44 17.96
C2 1L6 J . -27.14 -10.38 17.47
C5 1L6 J . -26.16 -11.39 16.91
C17 1L6 J . -30.93 -12.98 19.12
C15 1L6 J . -30.74 -15.20 20.05
C14 1L6 J . -32.08 -15.24 20.49
N19 1L6 J . -32.64 -16.27 21.17
C23 1L6 J . -32.13 -16.78 22.31
C24 1L6 J . -30.86 -16.43 23.08
N22 1L6 J . -32.99 -17.75 22.69
ZN ZN K . 0.32 31.66 9.41
MG MG L . 0.52 28.45 7.18
N3 1L6 M . -5.51 30.26 11.86
C7 1L6 M . -4.81 26.81 12.14
C6 1L6 M . -3.42 28.56 11.16
C9 1L6 M . -5.83 28.49 8.87
C13 1L6 M . -11.49 24.61 12.56
C20 1L6 M . -10.99 21.22 11.93
C21 1L6 M . -11.66 20.15 12.51
C8 1L6 M . -5.27 27.44 9.82
C18 1L6 M . -11.01 25.90 12.31
C16 1L6 M . -8.80 24.99 12.08
C26 1L6 M . -9.14 30.45 12.67
O31 1L6 M . -9.35 31.39 13.44
C1 1L6 M . -7.74 30.14 12.27
N4 1L6 M . -6.68 30.93 12.26
C10 1L6 M . -6.51 32.34 12.59
C11 1L6 M . -6.45 32.35 14.12
O25 1L6 M . -6.22 33.65 14.62
N27 1L6 M . -10.15 29.67 12.28
C28 1L6 M . -10.02 28.56 11.37
C29 1L6 M . -9.09 27.45 11.81
N30 1L6 M . -7.86 27.68 11.74
C12 1L6 M . -7.23 28.89 11.87
C2 1L6 M . -5.88 28.97 11.63
C5 1L6 M . -4.84 27.98 11.18
C17 1L6 M . -9.66 26.08 12.09
C15 1L6 M . -9.32 23.71 12.32
C14 1L6 M . -10.67 23.47 12.58
N19 1L6 M . -11.16 22.22 12.81
C23 1L6 M . -11.88 21.86 13.90
C24 1L6 M . -12.28 22.70 15.10
N22 1L6 M . -12.18 20.54 13.71
ZN ZN N . 21.39 7.91 -14.72
MG MG O . 20.92 9.64 -11.30
N3 1L6 P . 26.49 4.26 -12.93
C7 1L6 P . 25.03 3.69 -9.87
C6 1L6 P . 24.31 5.35 -11.48
C9 1L6 P . 26.89 6.97 -10.60
C13 1L6 P . 30.96 1.62 -6.57
C20 1L6 P . 29.51 1.40 -3.36
C21 1L6 P . 29.78 0.49 -2.37
C8 1L6 P . 26.07 5.96 -9.82
C18 1L6 P . 30.81 2.24 -7.81
C16 1L6 P . 28.46 2.46 -7.41
C26 1L6 P . 29.90 2.77 -12.59
O31 1L6 P . 30.11 2.08 -13.58
C1 1L6 P . 28.57 3.43 -12.47
N4 1L6 P . 27.68 3.72 -13.44
C10 1L6 P . 27.73 3.57 -14.90
C11 1L6 P . 27.41 2.09 -15.16
O25 1L6 P . 27.19 1.86 -16.55
N27 1L6 P . 30.82 2.85 -11.63
C28 1L6 P . 30.67 3.62 -10.41
C29 1L6 P . 29.44 3.31 -9.59
N30 1L6 P . 28.32 3.71 -10.00
C12 1L6 P . 27.89 3.80 -11.30
C2 1L6 P . 26.66 4.31 -11.58
C5 1L6 P . 25.52 4.85 -10.72
C17 1L6 P . 29.57 2.65 -8.24
C15 1L6 P . 28.63 1.85 -6.18
C14 1L6 P . 29.87 1.40 -5.69
N19 1L6 P . 29.97 0.80 -4.48
C23 1L6 P . 30.47 -0.44 -4.27
C24 1L6 P . 31.08 -1.43 -5.25
N22 1L6 P . 30.36 -0.63 -2.93
#